data_1MFS
#
_entry.id   1MFS
#
_cell.length_a   1.000
_cell.length_b   1.000
_cell.length_c   1.000
_cell.angle_alpha   90.00
_cell.angle_beta   90.00
_cell.angle_gamma   90.00
#
_symmetry.space_group_name_H-M   'P 1'
#
loop_
_entity.id
_entity.type
_entity.pdbx_description
1 polymer 'HIV-1 NUCLEOCAPSID PROTEIN'
2 non-polymer 'ZINC ION'
#
_entity_poly.entity_id   1
_entity_poly.type   'polypeptide(L)'
_entity_poly.pdbx_seq_one_letter_code
;MQKGNFRNQRKTVKCFNCGKEGHIAKNCRAPRKKGCWKCGKEGHQMKDCTERQAN
;
_entity_poly.pdbx_strand_id   A
#
loop_
_chem_comp.id
_chem_comp.type
_chem_comp.name
_chem_comp.formula
ZN non-polymer 'ZINC ION' 'Zn 2'
#
# COMPACT_ATOMS: atom_id res chain seq x y z
N MET A 1 -1.52 0.84 0.63
CA MET A 1 -2.33 -0.29 1.04
C MET A 1 -1.56 -1.60 0.87
N GLN A 2 -2.13 -2.66 1.45
CA GLN A 2 -1.50 -3.97 1.37
C GLN A 2 -1.39 -4.42 -0.09
N LYS A 3 -0.47 -5.35 -0.32
CA LYS A 3 -0.26 -5.88 -1.65
C LYS A 3 -1.34 -6.90 -1.98
N GLY A 4 -2.32 -6.45 -2.76
CA GLY A 4 -3.42 -7.31 -3.15
C GLY A 4 -4.42 -6.57 -4.02
N ASN A 5 -5.03 -5.54 -3.44
CA ASN A 5 -6.00 -4.74 -4.15
C ASN A 5 -5.31 -3.51 -4.74
N PHE A 6 -5.63 -3.23 -6.00
CA PHE A 6 -5.05 -2.10 -6.68
C PHE A 6 -6.10 -1.37 -7.52
N ARG A 7 -6.89 -2.15 -8.24
CA ARG A 7 -7.93 -1.59 -9.09
C ARG A 7 -9.30 -1.71 -8.39
N ASN A 8 -9.51 -0.84 -7.41
CA ASN A 8 -10.75 -0.84 -6.67
C ASN A 8 -10.93 -2.19 -5.98
N GLN A 9 -11.47 -3.14 -6.73
CA GLN A 9 -11.69 -4.48 -6.20
C GLN A 9 -12.27 -5.39 -7.28
N ARG A 10 -13.48 -5.04 -7.73
CA ARG A 10 -14.15 -5.81 -8.75
C ARG A 10 -13.38 -5.73 -10.07
N LYS A 11 -13.85 -6.49 -11.04
CA LYS A 11 -13.22 -6.51 -12.35
C LYS A 11 -12.07 -7.53 -12.34
N THR A 12 -11.66 -7.92 -13.55
CA THR A 12 -10.59 -8.88 -13.69
C THR A 12 -10.81 -10.08 -12.76
N VAL A 13 -9.75 -10.84 -12.57
CA VAL A 13 -9.82 -12.02 -11.71
C VAL A 13 -11.05 -12.84 -12.07
N LYS A 14 -11.29 -13.87 -11.28
CA LYS A 14 -12.43 -14.74 -11.51
C LYS A 14 -12.94 -15.28 -10.17
N CYS A 15 -14.25 -15.41 -10.08
CA CYS A 15 -14.87 -15.90 -8.86
C CYS A 15 -14.89 -17.43 -8.92
N PHE A 16 -14.15 -18.03 -8.00
CA PHE A 16 -14.07 -19.48 -7.94
C PHE A 16 -15.21 -20.06 -7.09
N ASN A 17 -16.17 -19.19 -6.80
CA ASN A 17 -17.32 -19.60 -6.00
C ASN A 17 -18.53 -19.81 -6.92
N CYS A 18 -18.68 -18.88 -7.86
CA CYS A 18 -19.79 -18.95 -8.80
C CYS A 18 -19.22 -19.34 -10.16
N GLY A 19 -18.05 -18.80 -10.46
CA GLY A 19 -17.40 -19.08 -11.73
C GLY A 19 -17.60 -17.93 -12.72
N LYS A 20 -17.82 -16.75 -12.16
CA LYS A 20 -18.03 -15.56 -12.98
C LYS A 20 -16.76 -14.72 -13.00
N GLU A 21 -16.25 -14.49 -14.20
CA GLU A 21 -15.04 -13.71 -14.37
C GLU A 21 -15.32 -12.23 -14.09
N GLY A 22 -14.47 -11.64 -13.27
CA GLY A 22 -14.61 -10.24 -12.92
C GLY A 22 -14.39 -10.02 -11.42
N HIS A 23 -15.01 -10.89 -10.63
CA HIS A 23 -14.90 -10.81 -9.19
C HIS A 23 -14.25 -12.09 -8.64
N ILE A 24 -14.02 -12.09 -7.34
CA ILE A 24 -13.41 -13.23 -6.69
C ILE A 24 -14.41 -13.86 -5.72
N ALA A 25 -14.06 -15.04 -5.23
CA ALA A 25 -14.91 -15.75 -4.30
C ALA A 25 -15.08 -14.92 -3.03
N LYS A 26 -13.99 -14.23 -2.66
CA LYS A 26 -14.01 -13.40 -1.47
C LYS A 26 -14.93 -12.19 -1.71
N ASN A 27 -15.19 -11.93 -2.98
CA ASN A 27 -16.05 -10.82 -3.35
C ASN A 27 -17.38 -11.37 -3.89
N CYS A 28 -17.61 -12.65 -3.63
CA CYS A 28 -18.82 -13.30 -4.09
C CYS A 28 -19.98 -12.85 -3.19
N ARG A 29 -20.90 -12.12 -3.79
CA ARG A 29 -22.06 -11.62 -3.07
C ARG A 29 -23.09 -12.73 -2.90
N ALA A 30 -22.74 -13.90 -3.41
CA ALA A 30 -23.64 -15.05 -3.32
C ALA A 30 -22.89 -16.21 -2.67
N PRO A 31 -22.91 -16.22 -1.31
CA PRO A 31 -22.25 -17.27 -0.56
C PRO A 31 -23.05 -18.57 -0.60
N ARG A 32 -22.53 -19.59 0.06
CA ARG A 32 -23.19 -20.87 0.11
C ARG A 32 -22.36 -21.87 0.93
N LYS A 33 -23.00 -22.97 1.30
CA LYS A 33 -22.34 -24.00 2.08
C LYS A 33 -21.47 -23.33 3.16
N LYS A 34 -20.16 -23.34 2.90
CA LYS A 34 -19.22 -22.75 3.83
C LYS A 34 -19.64 -23.09 5.27
N GLY A 35 -20.09 -24.31 5.44
CA GLY A 35 -20.53 -24.78 6.75
C GLY A 35 -19.40 -25.50 7.48
N CYS A 36 -19.17 -25.09 8.71
CA CYS A 36 -18.12 -25.69 9.53
C CYS A 36 -18.26 -27.22 9.44
N TRP A 37 -17.25 -27.83 8.84
CA TRP A 37 -17.24 -29.28 8.67
C TRP A 37 -16.54 -29.89 9.89
N LYS A 38 -16.38 -29.06 10.92
CA LYS A 38 -15.73 -29.49 12.14
C LYS A 38 -16.78 -29.68 13.23
N CYS A 39 -17.68 -28.71 13.32
CA CYS A 39 -18.73 -28.75 14.31
C CYS A 39 -20.05 -29.04 13.60
N GLY A 40 -20.08 -28.72 12.32
CA GLY A 40 -21.27 -28.94 11.52
C GLY A 40 -22.06 -27.65 11.35
N LYS A 41 -21.70 -26.65 12.14
CA LYS A 41 -22.36 -25.37 12.09
C LYS A 41 -22.30 -24.82 10.65
N GLU A 42 -23.41 -24.97 9.95
CA GLU A 42 -23.49 -24.50 8.58
C GLU A 42 -23.66 -22.98 8.55
N GLY A 43 -22.62 -22.29 8.98
CA GLY A 43 -22.64 -20.84 9.01
C GLY A 43 -21.25 -20.28 9.31
N HIS A 44 -20.74 -20.65 10.48
CA HIS A 44 -19.43 -20.19 10.91
C HIS A 44 -18.35 -21.11 10.33
N GLN A 45 -17.12 -20.64 10.41
CA GLN A 45 -16.00 -21.41 9.90
C GLN A 45 -14.97 -21.65 11.01
N MET A 46 -13.89 -22.33 10.64
CA MET A 46 -12.84 -22.64 11.59
C MET A 46 -12.24 -21.36 12.17
N LYS A 47 -12.10 -20.37 11.32
CA LYS A 47 -11.54 -19.09 11.73
C LYS A 47 -12.49 -18.43 12.74
N ASP A 48 -13.74 -18.87 12.71
CA ASP A 48 -14.75 -18.33 13.60
C ASP A 48 -15.32 -19.47 14.46
N CYS A 49 -14.58 -20.57 14.48
CA CYS A 49 -15.00 -21.74 15.25
C CYS A 49 -14.44 -21.59 16.67
N THR A 50 -15.35 -21.34 17.61
CA THR A 50 -14.94 -21.19 18.99
C THR A 50 -14.78 -22.55 19.65
N GLU A 51 -14.94 -23.58 18.85
CA GLU A 51 -14.81 -24.95 19.33
C GLU A 51 -13.38 -25.45 19.14
N ARG A 52 -12.94 -26.28 20.07
CA ARG A 52 -11.59 -26.84 20.01
C ARG A 52 -11.66 -28.36 19.87
N GLN A 53 -12.27 -28.98 20.86
CA GLN A 53 -12.39 -30.43 20.86
C GLN A 53 -13.85 -30.83 21.11
N ALA A 54 -14.72 -30.36 20.23
CA ALA A 54 -16.14 -30.66 20.33
C ALA A 54 -16.74 -29.84 21.48
N ASN A 55 -16.24 -30.10 22.67
CA ASN A 55 -16.72 -29.40 23.85
C ASN A 55 -16.88 -27.91 23.53
ZN ZN B . -19.20 -15.12 -7.14
ZN ZN C . -16.99 -24.89 14.05
N MET A 1 -1.52 0.84 0.63
CA MET A 1 -2.33 -0.29 1.04
C MET A 1 -3.07 -0.90 -0.16
N GLN A 2 -3.61 -2.08 0.06
CA GLN A 2 -4.33 -2.79 -0.99
C GLN A 2 -4.85 -4.13 -0.47
N LYS A 3 -3.92 -4.96 -0.04
CA LYS A 3 -4.26 -6.28 0.48
C LYS A 3 -3.04 -6.88 1.17
N GLY A 4 -2.00 -7.11 0.38
CA GLY A 4 -0.77 -7.68 0.89
C GLY A 4 0.41 -7.35 -0.02
N ASN A 5 1.51 -6.99 0.61
CA ASN A 5 2.72 -6.64 -0.12
C ASN A 5 3.80 -6.17 0.85
N PHE A 6 4.86 -6.97 0.95
CA PHE A 6 5.95 -6.65 1.84
C PHE A 6 5.44 -6.13 3.18
N ARG A 7 6.35 -5.51 3.92
CA ARG A 7 6.00 -4.96 5.23
C ARG A 7 5.78 -6.10 6.24
N ASN A 8 4.80 -6.93 5.94
CA ASN A 8 4.46 -8.05 6.80
C ASN A 8 4.20 -9.29 5.95
N GLN A 9 3.30 -9.12 4.99
CA GLN A 9 2.94 -10.21 4.10
C GLN A 9 4.11 -10.55 3.17
N ARG A 10 5.06 -11.30 3.70
CA ARG A 10 6.22 -11.69 2.94
C ARG A 10 7.05 -12.71 3.73
N LYS A 11 6.65 -13.98 3.62
CA LYS A 11 7.33 -15.04 4.31
C LYS A 11 7.91 -16.02 3.28
N THR A 12 9.12 -16.48 3.55
CA THR A 12 9.78 -17.43 2.66
C THR A 12 10.67 -18.38 3.46
N VAL A 13 10.86 -19.56 2.91
CA VAL A 13 11.68 -20.57 3.55
C VAL A 13 12.94 -19.91 4.13
N LYS A 14 13.55 -20.60 5.07
CA LYS A 14 14.76 -20.09 5.71
C LYS A 14 15.94 -21.01 5.37
N CYS A 15 17.03 -20.38 4.96
CA CYS A 15 18.23 -21.13 4.61
C CYS A 15 18.97 -21.50 5.90
N PHE A 16 18.95 -22.79 6.20
CA PHE A 16 19.61 -23.28 7.39
C PHE A 16 21.08 -23.58 7.13
N ASN A 17 21.53 -23.17 5.95
CA ASN A 17 22.92 -23.37 5.56
C ASN A 17 23.72 -22.10 5.84
N CYS A 18 23.12 -20.97 5.50
CA CYS A 18 23.75 -19.68 5.71
C CYS A 18 23.04 -18.97 6.86
N GLY A 19 21.72 -19.12 6.88
CA GLY A 19 20.92 -18.49 7.91
C GLY A 19 20.19 -17.26 7.38
N LYS A 20 19.92 -17.28 6.09
CA LYS A 20 19.24 -16.18 5.44
C LYS A 20 17.91 -16.67 4.87
N GLU A 21 16.88 -15.85 5.05
CA GLU A 21 15.56 -16.20 4.56
C GLU A 21 15.41 -15.80 3.09
N GLY A 22 14.76 -16.66 2.34
CA GLY A 22 14.55 -16.40 0.92
C GLY A 22 14.82 -17.66 0.08
N HIS A 23 15.51 -18.60 0.71
CA HIS A 23 15.84 -19.85 0.04
C HIS A 23 16.07 -20.94 1.09
N ILE A 24 16.25 -22.16 0.59
CA ILE A 24 16.47 -23.30 1.47
C ILE A 24 17.96 -23.66 1.46
N ALA A 25 18.35 -24.45 2.46
CA ALA A 25 19.73 -24.88 2.57
C ALA A 25 20.15 -25.60 1.29
N LYS A 26 19.26 -26.45 0.81
CA LYS A 26 19.52 -27.21 -0.40
C LYS A 26 19.69 -26.25 -1.57
N ASN A 27 19.20 -25.03 -1.38
CA ASN A 27 19.29 -24.01 -2.40
C ASN A 27 20.16 -22.85 -1.90
N CYS A 28 21.14 -23.22 -1.08
CA CYS A 28 22.05 -22.23 -0.52
C CYS A 28 23.14 -21.94 -1.55
N ARG A 29 23.20 -20.68 -1.97
CA ARG A 29 24.18 -20.27 -2.95
C ARG A 29 25.28 -19.44 -2.27
N ALA A 30 25.14 -19.28 -0.97
CA ALA A 30 26.11 -18.52 -0.20
C ALA A 30 26.18 -17.09 -0.74
N PRO A 31 26.57 -16.15 0.17
CA PRO A 31 26.69 -14.75 -0.21
C PRO A 31 27.93 -14.51 -1.06
N ARG A 32 27.93 -13.38 -1.75
CA ARG A 32 29.05 -13.01 -2.61
C ARG A 32 29.84 -11.86 -1.98
N LYS A 33 29.44 -10.65 -2.35
CA LYS A 33 30.10 -9.46 -1.83
C LYS A 33 29.38 -8.22 -2.36
N LYS A 34 29.74 -7.08 -1.78
CA LYS A 34 29.13 -5.82 -2.17
C LYS A 34 27.69 -5.76 -1.66
N GLY A 35 26.91 -6.73 -2.12
CA GLY A 35 25.50 -6.79 -1.72
C GLY A 35 25.36 -6.62 -0.21
N CYS A 36 24.12 -6.51 0.22
CA CYS A 36 23.83 -6.33 1.63
C CYS A 36 24.38 -7.53 2.40
N TRP A 37 25.37 -7.26 3.22
CA TRP A 37 25.99 -8.32 4.02
C TRP A 37 25.26 -8.40 5.35
N LYS A 38 24.10 -7.77 5.40
CA LYS A 38 23.29 -7.77 6.61
C LYS A 38 22.10 -8.71 6.42
N CYS A 39 21.48 -8.62 5.25
CA CYS A 39 20.33 -9.45 4.93
C CYS A 39 20.77 -10.49 3.91
N GLY A 40 21.80 -10.14 3.16
CA GLY A 40 22.33 -11.04 2.14
C GLY A 40 21.72 -10.73 0.77
N LYS A 41 21.06 -9.58 0.70
CA LYS A 41 20.43 -9.15 -0.54
C LYS A 41 21.33 -8.12 -1.23
N GLU A 42 21.75 -8.47 -2.44
CA GLU A 42 22.60 -7.60 -3.22
C GLU A 42 21.77 -6.54 -3.95
N GLY A 43 22.24 -5.31 -3.89
CA GLY A 43 21.55 -4.20 -4.53
C GLY A 43 21.24 -3.09 -3.53
N HIS A 44 21.36 -3.43 -2.26
CA HIS A 44 21.11 -2.46 -1.20
C HIS A 44 22.04 -2.74 -0.01
N GLN A 45 21.85 -1.96 1.04
CA GLN A 45 22.65 -2.12 2.24
C GLN A 45 21.94 -1.50 3.44
N MET A 46 22.69 -1.35 4.52
CA MET A 46 22.15 -0.78 5.74
C MET A 46 21.42 0.54 5.45
N LYS A 47 21.98 1.29 4.51
CA LYS A 47 21.40 2.56 4.12
C LYS A 47 19.87 2.43 4.09
N ASP A 48 19.42 1.23 3.76
CA ASP A 48 17.99 0.95 3.69
C ASP A 48 17.75 -0.54 3.92
N CYS A 49 18.43 -1.07 4.93
CA CYS A 49 18.29 -2.48 5.25
C CYS A 49 17.16 -2.64 6.26
N THR A 50 16.06 -3.22 5.80
CA THR A 50 14.91 -3.43 6.65
C THR A 50 15.13 -4.63 7.56
N GLU A 51 16.31 -5.22 7.44
CA GLU A 51 16.67 -6.38 8.24
C GLU A 51 17.76 -6.01 9.25
N ARG A 52 17.78 -6.73 10.35
CA ARG A 52 18.77 -6.49 11.39
C ARG A 52 18.56 -5.11 12.02
N GLN A 53 18.49 -5.11 13.34
CA GLN A 53 18.29 -3.86 14.08
C GLN A 53 16.92 -3.26 13.73
N ALA A 54 16.86 -2.65 12.56
CA ALA A 54 15.62 -2.03 12.11
C ALA A 54 14.46 -2.99 12.34
N ASN A 55 14.55 -4.16 11.71
CA ASN A 55 13.51 -5.17 11.84
C ASN A 55 12.20 -4.61 11.30
ZN ZN B . 21.89 -19.89 1.90
ZN ZN C . 19.71 -5.42 3.78
N MET A 1 -1.52 0.84 0.63
CA MET A 1 -2.33 -0.29 1.04
C MET A 1 -3.81 0.10 1.15
N GLN A 2 -4.03 1.35 1.51
CA GLN A 2 -5.38 1.87 1.66
C GLN A 2 -5.60 3.05 0.72
N LYS A 3 -4.79 4.08 0.92
CA LYS A 3 -4.89 5.28 0.11
C LYS A 3 -6.12 6.08 0.53
N GLY A 4 -7.28 5.50 0.28
CA GLY A 4 -8.53 6.14 0.62
C GLY A 4 -8.49 6.71 2.04
N ASN A 5 -9.47 7.55 2.34
CA ASN A 5 -9.55 8.16 3.66
C ASN A 5 -10.98 8.67 3.89
N PHE A 6 -11.47 9.43 2.91
CA PHE A 6 -12.81 9.98 3.01
C PHE A 6 -13.64 9.58 1.78
N ARG A 7 -14.90 9.27 2.05
CA ARG A 7 -15.81 8.86 0.98
C ARG A 7 -17.19 8.56 1.56
N ASN A 8 -18.15 8.38 0.66
CA ASN A 8 -19.51 8.08 1.06
C ASN A 8 -19.49 7.08 2.21
N GLN A 9 -18.75 6.01 2.00
CA GLN A 9 -18.64 4.96 3.01
C GLN A 9 -19.96 4.20 3.14
N ARG A 10 -20.34 3.57 2.04
CA ARG A 10 -21.58 2.80 2.01
C ARG A 10 -21.34 1.45 1.34
N LYS A 11 -21.12 1.50 0.03
CA LYS A 11 -20.87 0.30 -0.73
C LYS A 11 -19.41 0.24 -1.16
N THR A 12 -18.76 1.40 -1.05
CA THR A 12 -17.36 1.49 -1.43
C THR A 12 -16.59 0.24 -0.98
N VAL A 13 -16.82 -0.15 0.26
CA VAL A 13 -16.18 -1.33 0.81
C VAL A 13 -17.12 -2.01 1.80
N LYS A 14 -16.83 -3.27 2.08
CA LYS A 14 -17.64 -4.04 3.00
C LYS A 14 -16.72 -4.82 3.94
N CYS A 15 -17.16 -4.94 5.19
CA CYS A 15 -16.40 -5.66 6.19
C CYS A 15 -16.67 -7.15 6.04
N PHE A 16 -15.62 -7.89 5.74
CA PHE A 16 -15.73 -9.34 5.57
C PHE A 16 -15.56 -10.07 6.90
N ASN A 17 -15.50 -9.28 7.96
CA ASN A 17 -15.34 -9.84 9.30
C ASN A 17 -16.70 -9.93 9.98
N CYS A 18 -17.49 -8.89 9.81
CA CYS A 18 -18.81 -8.84 10.39
C CYS A 18 -19.84 -8.98 9.28
N GLY A 19 -19.50 -8.42 8.12
CA GLY A 19 -20.38 -8.49 6.96
C GLY A 19 -21.17 -7.19 6.81
N LYS A 20 -20.73 -6.17 7.54
CA LYS A 20 -21.38 -4.88 7.50
C LYS A 20 -20.72 -4.01 6.43
N GLU A 21 -21.54 -3.40 5.60
CA GLU A 21 -21.04 -2.55 4.53
C GLU A 21 -20.69 -1.17 5.09
N GLY A 22 -19.52 -0.70 4.70
CA GLY A 22 -19.05 0.61 5.15
C GLY A 22 -17.56 0.58 5.50
N HIS A 23 -17.19 -0.47 6.23
CA HIS A 23 -15.80 -0.63 6.63
C HIS A 23 -15.27 -1.96 6.10
N ILE A 24 -13.98 -2.18 6.34
CA ILE A 24 -13.34 -3.41 5.89
C ILE A 24 -12.99 -4.27 7.11
N ALA A 25 -12.69 -5.53 6.84
CA ALA A 25 -12.32 -6.46 7.90
C ALA A 25 -11.12 -5.91 8.66
N LYS A 26 -10.16 -5.39 7.90
CA LYS A 26 -8.95 -4.84 8.49
C LYS A 26 -9.32 -3.64 9.37
N ASN A 27 -10.51 -3.12 9.13
CA ASN A 27 -11.00 -1.98 9.90
C ASN A 27 -12.16 -2.42 10.78
N CYS A 28 -12.22 -3.72 11.03
CA CYS A 28 -13.28 -4.28 11.85
C CYS A 28 -12.90 -4.07 13.32
N ARG A 29 -13.69 -3.25 14.00
CA ARG A 29 -13.45 -2.96 15.41
C ARG A 29 -14.01 -4.10 16.27
N ALA A 30 -14.51 -5.12 15.61
CA ALA A 30 -15.08 -6.27 16.30
C ALA A 30 -14.34 -7.53 15.86
N PRO A 31 -13.12 -7.72 16.42
CA PRO A 31 -12.31 -8.87 16.09
C PRO A 31 -12.84 -10.13 16.80
N ARG A 32 -13.82 -10.76 16.15
CA ARG A 32 -14.42 -11.97 16.71
C ARG A 32 -15.24 -12.69 15.63
N LYS A 33 -14.59 -13.64 14.98
CA LYS A 33 -15.25 -14.41 13.94
C LYS A 33 -15.60 -15.79 14.47
N LYS A 34 -16.67 -15.85 15.24
CA LYS A 34 -17.11 -17.11 15.82
C LYS A 34 -16.20 -17.48 16.99
N GLY A 35 -15.02 -17.97 16.64
CA GLY A 35 -14.04 -18.36 17.64
C GLY A 35 -12.63 -17.95 17.22
N CYS A 36 -11.65 -18.56 17.88
CA CYS A 36 -10.26 -18.26 17.59
C CYS A 36 -9.95 -18.73 16.17
N TRP A 37 -9.67 -17.76 15.31
CA TRP A 37 -9.36 -18.07 13.92
C TRP A 37 -7.84 -18.25 13.81
N LYS A 38 -7.21 -18.41 14.96
CA LYS A 38 -5.76 -18.59 15.00
C LYS A 38 -5.46 -20.06 15.31
N CYS A 39 -6.19 -20.60 16.28
CA CYS A 39 -6.00 -21.98 16.67
C CYS A 39 -7.19 -22.79 16.18
N GLY A 40 -8.31 -22.10 16.00
CA GLY A 40 -9.53 -22.73 15.53
C GLY A 40 -10.43 -23.13 16.71
N LYS A 41 -9.91 -22.92 17.90
CA LYS A 41 -10.64 -23.25 19.10
C LYS A 41 -11.59 -22.10 19.44
N GLU A 42 -12.69 -22.45 20.10
CA GLU A 42 -13.68 -21.46 20.49
C GLU A 42 -13.62 -21.20 21.99
N GLY A 43 -14.17 -20.06 22.39
CA GLY A 43 -14.17 -19.68 23.79
C GLY A 43 -12.91 -18.91 24.15
N HIS A 44 -12.25 -18.40 23.13
CA HIS A 44 -11.02 -17.64 23.33
C HIS A 44 -10.53 -17.10 21.99
N GLN A 45 -9.57 -16.20 22.07
CA GLN A 45 -9.00 -15.59 20.87
C GLN A 45 -7.56 -15.14 21.13
N MET A 46 -6.99 -14.50 20.13
CA MET A 46 -5.62 -14.00 20.24
C MET A 46 -5.43 -13.20 21.52
N LYS A 47 -6.43 -12.39 21.84
CA LYS A 47 -6.39 -11.57 23.03
C LYS A 47 -5.77 -12.38 24.18
N ASP A 48 -5.98 -13.68 24.12
CA ASP A 48 -5.45 -14.57 25.14
C ASP A 48 -5.32 -15.98 24.57
N CYS A 49 -4.87 -16.03 23.32
CA CYS A 49 -4.69 -17.31 22.65
C CYS A 49 -3.46 -17.99 23.24
N THR A 50 -2.38 -17.94 22.47
CA THR A 50 -1.13 -18.54 22.89
C THR A 50 -1.36 -20.00 23.31
N GLU A 51 -2.46 -20.54 22.83
CA GLU A 51 -2.81 -21.92 23.15
C GLU A 51 -2.00 -22.88 22.28
N ARG A 52 -2.58 -24.04 22.04
CA ARG A 52 -1.93 -25.06 21.22
C ARG A 52 -2.80 -25.43 20.03
N GLN A 53 -2.16 -25.91 18.99
CA GLN A 53 -2.87 -26.31 17.79
C GLN A 53 -1.99 -27.20 16.91
N ALA A 54 -2.58 -28.28 16.42
CA ALA A 54 -1.86 -29.22 15.58
C ALA A 54 -0.75 -29.89 16.39
N ASN A 55 0.33 -29.14 16.58
CA ASN A 55 1.46 -29.65 17.34
C ASN A 55 2.15 -28.48 18.05
ZN ZN B . -16.54 -5.37 10.91
ZN ZN C . -6.36 -19.41 20.00
N MET A 1 -1.52 0.84 0.63
CA MET A 1 -2.33 -0.29 1.04
C MET A 1 -1.73 -1.60 0.53
N GLN A 2 -1.52 -1.66 -0.78
CA GLN A 2 -0.96 -2.84 -1.39
C GLN A 2 -0.84 -2.65 -2.91
N LYS A 3 -0.20 -3.62 -3.55
CA LYS A 3 -0.01 -3.57 -4.99
C LYS A 3 -1.36 -3.74 -5.68
N GLY A 4 -2.25 -4.48 -5.02
CA GLY A 4 -3.57 -4.74 -5.57
C GLY A 4 -4.41 -3.46 -5.55
N ASN A 5 -3.92 -2.45 -6.25
CA ASN A 5 -4.61 -1.17 -6.33
C ASN A 5 -3.70 -0.14 -6.98
N PHE A 6 -4.30 0.68 -7.83
CA PHE A 6 -3.57 1.72 -8.53
C PHE A 6 -2.40 1.11 -9.31
N ARG A 7 -2.59 0.99 -10.62
CA ARG A 7 -1.56 0.44 -11.48
C ARG A 7 -1.94 0.63 -12.94
N ASN A 8 -2.14 1.89 -13.31
CA ASN A 8 -2.50 2.22 -14.68
C ASN A 8 -1.76 3.49 -15.10
N GLN A 9 -0.61 3.28 -15.73
CA GLN A 9 0.20 4.40 -16.20
C GLN A 9 1.04 3.98 -17.40
N ARG A 10 0.83 4.67 -18.51
CA ARG A 10 1.56 4.38 -19.73
C ARG A 10 2.33 5.62 -20.19
N LYS A 11 3.53 5.38 -20.69
CA LYS A 11 4.36 6.47 -21.18
C LYS A 11 3.55 7.35 -22.12
N THR A 12 3.27 8.56 -21.65
CA THR A 12 2.50 9.51 -22.44
C THR A 12 3.43 10.44 -23.22
N VAL A 13 2.99 10.82 -24.41
CA VAL A 13 3.77 11.71 -25.26
C VAL A 13 2.84 12.69 -25.95
N LYS A 14 3.44 13.78 -26.43
CA LYS A 14 2.67 14.79 -27.13
C LYS A 14 3.23 14.98 -28.53
N CYS A 15 2.32 15.04 -29.50
CA CYS A 15 2.71 15.21 -30.89
C CYS A 15 2.87 16.70 -31.16
N PHE A 16 4.10 17.10 -31.44
CA PHE A 16 4.40 18.49 -31.72
C PHE A 16 4.21 18.80 -33.20
N ASN A 17 3.67 17.83 -33.91
CA ASN A 17 3.43 17.99 -35.35
C ASN A 17 1.98 18.41 -35.57
N CYS A 18 1.09 17.80 -34.80
CA CYS A 18 -0.32 18.11 -34.90
C CYS A 18 -0.75 18.85 -33.64
N GLY A 19 -0.20 18.41 -32.52
CA GLY A 19 -0.51 19.02 -31.23
C GLY A 19 -1.53 18.19 -30.46
N LYS A 20 -1.51 16.89 -30.74
CA LYS A 20 -2.42 15.97 -30.08
C LYS A 20 -1.62 14.97 -29.23
N GLU A 21 -2.14 14.69 -28.06
CA GLU A 21 -1.47 13.76 -27.15
C GLU A 21 -1.84 12.32 -27.51
N GLY A 22 -0.88 11.43 -27.28
CA GLY A 22 -1.08 10.02 -27.59
C GLY A 22 -0.05 9.53 -28.60
N HIS A 23 0.86 10.43 -28.97
CA HIS A 23 1.89 10.09 -29.93
C HIS A 23 2.87 11.26 -30.05
N ILE A 24 3.87 11.07 -30.91
CA ILE A 24 4.87 12.10 -31.14
C ILE A 24 4.85 12.50 -32.61
N ALA A 25 5.55 13.59 -32.90
CA ALA A 25 5.64 14.09 -34.26
C ALA A 25 6.22 13.00 -35.17
N LYS A 26 7.18 12.28 -34.61
CA LYS A 26 7.84 11.21 -35.36
C LYS A 26 6.83 10.08 -35.60
N ASN A 27 5.78 10.08 -34.79
CA ASN A 27 4.75 9.06 -34.91
C ASN A 27 3.48 9.70 -35.49
N CYS A 28 3.66 10.87 -36.06
CA CYS A 28 2.54 11.59 -36.65
C CYS A 28 2.28 11.02 -38.04
N ARG A 29 1.10 10.45 -38.20
CA ARG A 29 0.71 9.86 -39.47
C ARG A 29 0.17 10.93 -40.41
N ALA A 30 0.21 12.16 -39.93
CA ALA A 30 -0.27 13.29 -40.72
C ALA A 30 0.88 14.25 -41.00
N PRO A 31 1.67 13.90 -42.05
CA PRO A 31 2.81 14.72 -42.43
C PRO A 31 2.35 15.99 -43.14
N ARG A 32 3.05 17.09 -42.85
CA ARG A 32 2.72 18.36 -43.45
C ARG A 32 3.98 19.21 -43.63
N LYS A 33 4.47 19.24 -44.86
CA LYS A 33 5.67 19.99 -45.18
C LYS A 33 5.52 21.42 -44.64
N LYS A 34 4.68 22.19 -45.31
CA LYS A 34 4.44 23.57 -44.90
C LYS A 34 5.63 24.43 -45.35
N GLY A 35 5.89 25.47 -44.56
CA GLY A 35 6.98 26.38 -44.86
C GLY A 35 8.05 26.34 -43.75
N CYS A 36 8.93 27.33 -43.80
CA CYS A 36 9.99 27.42 -42.80
C CYS A 36 9.45 28.20 -41.60
N TRP A 37 9.36 27.50 -40.48
CA TRP A 37 8.86 28.10 -39.26
C TRP A 37 10.06 28.66 -38.49
N LYS A 38 11.18 28.76 -39.19
CA LYS A 38 12.39 29.28 -38.59
C LYS A 38 12.64 30.70 -39.09
N CYS A 39 12.45 30.89 -40.39
CA CYS A 39 12.65 32.19 -41.00
C CYS A 39 11.27 32.76 -41.37
N GLY A 40 10.32 31.85 -41.55
CA GLY A 40 8.98 32.24 -41.91
C GLY A 40 8.79 32.25 -43.43
N LYS A 41 9.84 31.84 -44.12
CA LYS A 41 9.80 31.80 -45.57
C LYS A 41 9.30 30.42 -46.02
N GLU A 42 8.48 30.43 -47.07
CA GLU A 42 7.93 29.20 -47.60
C GLU A 42 8.68 28.80 -48.87
N GLY A 43 8.80 27.49 -49.06
CA GLY A 43 9.48 26.97 -50.24
C GLY A 43 10.86 26.41 -49.87
N HIS A 44 11.04 26.19 -48.57
CA HIS A 44 12.30 25.66 -48.08
C HIS A 44 12.14 25.22 -46.62
N GLN A 45 13.09 24.42 -46.16
CA GLN A 45 13.06 23.93 -44.80
C GLN A 45 14.41 24.19 -44.12
N MET A 46 14.52 23.68 -42.90
CA MET A 46 15.74 23.85 -42.13
C MET A 46 16.93 23.24 -42.86
N LYS A 47 16.68 22.11 -43.51
CA LYS A 47 17.73 21.42 -44.25
C LYS A 47 18.20 22.31 -45.40
N ASP A 48 17.35 23.25 -45.77
CA ASP A 48 17.67 24.17 -46.85
C ASP A 48 17.59 25.60 -46.34
N CYS A 49 17.59 25.73 -45.02
CA CYS A 49 17.52 27.04 -44.39
C CYS A 49 18.95 27.57 -44.21
N THR A 50 19.28 28.57 -44.99
CA THR A 50 20.60 29.18 -44.92
C THR A 50 20.69 30.12 -43.72
N GLU A 51 19.61 30.18 -42.97
CA GLU A 51 19.55 31.04 -41.80
C GLU A 51 19.14 30.23 -40.57
N ARG A 52 19.10 30.92 -39.43
CA ARG A 52 18.73 30.28 -38.18
C ARG A 52 18.22 31.33 -37.19
N GLN A 53 17.65 30.84 -36.11
CA GLN A 53 17.11 31.71 -35.07
C GLN A 53 18.26 32.42 -34.34
N ALA A 54 19.14 31.61 -33.75
CA ALA A 54 20.27 32.16 -33.02
C ALA A 54 19.79 32.72 -31.69
N ASN A 55 18.94 33.74 -31.79
CA ASN A 55 18.39 34.38 -30.60
C ASN A 55 16.90 34.05 -30.48
ZN ZN B . 0.46 13.98 -34.86
ZN ZN C . 14.41 29.02 -43.27
N MET A 1 -1.52 0.84 0.63
CA MET A 1 -2.33 -0.29 1.04
C MET A 1 -1.71 -1.00 2.24
N GLN A 2 -1.70 -0.30 3.36
CA GLN A 2 -1.14 -0.86 4.58
C GLN A 2 -2.23 -1.58 5.38
N LYS A 3 -3.09 -0.78 6.01
CA LYS A 3 -4.17 -1.33 6.81
C LYS A 3 -5.45 -0.56 6.51
N GLY A 4 -5.43 0.73 6.82
CA GLY A 4 -6.58 1.58 6.59
C GLY A 4 -6.68 1.99 5.12
N ASN A 5 -7.55 2.94 4.86
CA ASN A 5 -7.75 3.43 3.51
C ASN A 5 -7.73 4.96 3.50
N PHE A 6 -7.49 5.51 2.32
CA PHE A 6 -7.45 6.95 2.17
C PHE A 6 -8.81 7.51 1.73
N ARG A 7 -8.91 8.83 1.76
CA ARG A 7 -10.13 9.49 1.37
C ARG A 7 -11.35 8.71 1.88
N ASN A 8 -11.60 8.84 3.17
CA ASN A 8 -12.73 8.16 3.78
C ASN A 8 -13.35 9.06 4.85
N GLN A 9 -12.49 9.59 5.71
CA GLN A 9 -12.95 10.47 6.77
C GLN A 9 -13.94 9.74 7.68
N ARG A 10 -14.08 10.27 8.89
CA ARG A 10 -14.98 9.68 9.86
C ARG A 10 -16.40 9.56 9.27
N LYS A 11 -16.78 8.33 8.97
CA LYS A 11 -18.10 8.08 8.42
C LYS A 11 -19.16 8.74 9.29
N THR A 12 -20.35 8.85 8.72
CA THR A 12 -21.46 9.46 9.44
C THR A 12 -22.51 8.41 9.80
N VAL A 13 -22.46 7.98 11.05
CA VAL A 13 -23.41 6.98 11.53
C VAL A 13 -24.06 7.49 12.82
N LYS A 14 -25.25 6.97 13.08
CA LYS A 14 -26.00 7.35 14.27
C LYS A 14 -26.30 6.10 15.11
N CYS A 15 -25.92 6.16 16.37
CA CYS A 15 -26.16 5.05 17.27
C CYS A 15 -27.62 5.10 17.73
N PHE A 16 -28.38 4.13 17.27
CA PHE A 16 -29.79 4.05 17.63
C PHE A 16 -29.98 3.38 18.99
N ASN A 17 -28.85 3.16 19.65
CA ASN A 17 -28.89 2.53 20.97
C ASN A 17 -28.80 3.61 22.04
N CYS A 18 -27.73 4.40 21.97
CA CYS A 18 -27.53 5.47 22.93
C CYS A 18 -28.13 6.75 22.35
N GLY A 19 -28.06 6.87 21.03
CA GLY A 19 -28.58 8.03 20.34
C GLY A 19 -27.49 9.06 20.09
N LYS A 20 -26.26 8.56 20.02
CA LYS A 20 -25.12 9.43 19.79
C LYS A 20 -24.49 9.09 18.43
N GLU A 21 -24.17 10.13 17.69
CA GLU A 21 -23.57 9.96 16.37
C GLU A 21 -22.07 9.69 16.50
N GLY A 22 -21.56 8.90 15.57
CA GLY A 22 -20.15 8.56 15.58
C GLY A 22 -19.95 7.05 15.63
N HIS A 23 -21.06 6.35 15.77
CA HIS A 23 -21.03 4.89 15.85
C HIS A 23 -22.43 4.33 15.65
N ILE A 24 -22.49 3.08 15.22
CA ILE A 24 -23.75 2.42 14.98
C ILE A 24 -24.18 1.67 16.24
N ALA A 25 -25.47 1.38 16.31
CA ALA A 25 -26.01 0.67 17.46
C ALA A 25 -25.36 -0.71 17.56
N LYS A 26 -25.15 -1.31 16.40
CA LYS A 26 -24.54 -2.63 16.33
C LYS A 26 -23.08 -2.53 16.81
N ASN A 27 -22.58 -1.32 16.80
CA ASN A 27 -21.21 -1.08 17.23
C ASN A 27 -21.21 -0.13 18.44
N CYS A 28 -22.35 -0.10 19.12
CA CYS A 28 -22.50 0.75 20.29
C CYS A 28 -21.53 0.25 21.36
N ARG A 29 -20.49 1.04 21.58
CA ARG A 29 -19.49 0.70 22.58
C ARG A 29 -19.84 1.33 23.93
N ALA A 30 -21.09 1.79 24.02
CA ALA A 30 -21.56 2.41 25.25
C ALA A 30 -22.68 1.56 25.83
N PRO A 31 -22.29 0.61 26.73
CA PRO A 31 -23.26 -0.26 27.37
C PRO A 31 -24.03 0.48 28.45
N ARG A 32 -24.80 1.47 28.02
CA ARG A 32 -25.59 2.26 28.94
C ARG A 32 -26.69 3.01 28.19
N LYS A 33 -27.85 2.37 28.11
CA LYS A 33 -28.99 2.96 27.42
C LYS A 33 -29.39 4.26 28.13
N LYS A 34 -29.06 4.33 29.41
CA LYS A 34 -29.37 5.50 30.20
C LYS A 34 -28.37 5.61 31.36
N GLY A 35 -27.78 6.79 31.48
CA GLY A 35 -26.81 7.05 32.52
C GLY A 35 -25.91 8.23 32.17
N CYS A 36 -25.88 9.20 33.08
CA CYS A 36 -25.08 10.39 32.87
C CYS A 36 -23.60 9.99 32.93
N TRP A 37 -22.94 10.13 31.79
CA TRP A 37 -21.53 9.79 31.71
C TRP A 37 -20.72 11.05 32.02
N LYS A 38 -21.41 12.04 32.58
CA LYS A 38 -20.76 13.29 32.93
C LYS A 38 -20.57 13.35 34.45
N CYS A 39 -21.62 12.96 35.16
CA CYS A 39 -21.58 12.96 36.61
C CYS A 39 -21.50 11.50 37.10
N GLY A 40 -22.00 10.61 36.26
CA GLY A 40 -22.00 9.20 36.58
C GLY A 40 -23.29 8.80 37.30
N LYS A 41 -24.30 9.64 37.15
CA LYS A 41 -25.59 9.38 37.77
C LYS A 41 -26.47 8.60 36.80
N GLU A 42 -26.90 7.43 37.27
CA GLU A 42 -27.75 6.57 36.46
C GLU A 42 -29.22 6.96 36.63
N GLY A 43 -29.70 7.78 35.70
CA GLY A 43 -31.07 8.24 35.75
C GLY A 43 -31.27 9.47 34.86
N HIS A 44 -30.51 10.51 35.18
CA HIS A 44 -30.60 11.75 34.43
C HIS A 44 -29.55 11.75 33.31
N GLN A 45 -29.70 12.69 32.39
CA GLN A 45 -28.78 12.79 31.27
C GLN A 45 -28.11 14.18 31.26
N MET A 46 -27.14 14.33 30.38
CA MET A 46 -26.43 15.59 30.26
C MET A 46 -27.39 16.73 29.91
N LYS A 47 -28.33 16.43 29.02
CA LYS A 47 -29.30 17.41 28.60
C LYS A 47 -30.20 17.77 29.78
N ASP A 48 -30.21 16.90 30.77
CA ASP A 48 -31.02 17.11 31.95
C ASP A 48 -30.11 17.16 33.19
N CYS A 49 -28.83 17.37 32.93
CA CYS A 49 -27.85 17.44 34.00
C CYS A 49 -27.76 18.88 34.49
N THR A 50 -28.27 19.10 35.69
CA THR A 50 -28.26 20.42 36.28
C THR A 50 -26.89 20.73 36.89
N GLU A 51 -25.99 19.77 36.73
CA GLU A 51 -24.64 19.92 37.26
C GLU A 51 -24.67 19.98 38.79
N ARG A 52 -23.50 19.79 39.39
CA ARG A 52 -23.38 19.82 40.83
C ARG A 52 -24.21 18.70 41.45
N GLN A 53 -25.48 19.00 41.67
CA GLN A 53 -26.39 18.02 42.25
C GLN A 53 -27.54 17.74 41.29
N ALA A 54 -27.79 16.45 41.08
CA ALA A 54 -28.86 16.01 40.20
C ALA A 54 -30.16 15.92 40.98
N ASN A 55 -30.94 16.99 40.89
CA ASN A 55 -32.22 17.05 41.58
C ASN A 55 -32.81 18.45 41.44
ZN ZN B . -24.05 3.80 21.37
ZN ZN C . -25.18 14.57 35.10
N MET A 1 -1.52 0.84 0.63
CA MET A 1 -2.33 -0.29 1.04
C MET A 1 -3.81 0.10 1.15
N GLN A 2 -4.06 1.12 1.94
CA GLN A 2 -5.41 1.61 2.15
C GLN A 2 -5.40 3.10 2.46
N LYS A 3 -4.96 3.88 1.48
CA LYS A 3 -4.89 5.32 1.65
C LYS A 3 -5.13 5.99 0.29
N GLY A 4 -6.21 6.76 0.23
CA GLY A 4 -6.56 7.45 -1.00
C GLY A 4 -6.92 6.47 -2.11
N ASN A 5 -6.12 6.50 -3.17
CA ASN A 5 -6.34 5.62 -4.31
C ASN A 5 -5.20 4.60 -4.38
N PHE A 6 -3.99 5.13 -4.45
CA PHE A 6 -2.81 4.28 -4.52
C PHE A 6 -1.54 5.13 -4.67
N ARG A 7 -1.64 6.16 -5.50
CA ARG A 7 -0.52 7.05 -5.73
C ARG A 7 -0.61 8.27 -4.82
N ASN A 8 0.36 8.38 -3.93
CA ASN A 8 0.41 9.50 -3.00
C ASN A 8 1.86 9.81 -2.65
N GLN A 9 2.32 10.97 -3.13
CA GLN A 9 3.69 11.39 -2.87
C GLN A 9 4.67 10.43 -3.54
N ARG A 10 5.91 10.90 -3.67
CA ARG A 10 6.95 10.10 -4.29
C ARG A 10 7.72 9.32 -3.22
N LYS A 11 6.98 8.53 -2.46
CA LYS A 11 7.58 7.73 -1.39
C LYS A 11 7.93 6.35 -1.95
N THR A 12 6.90 5.62 -2.33
CA THR A 12 7.09 4.29 -2.88
C THR A 12 5.77 3.74 -3.43
N VAL A 13 5.89 2.90 -4.44
CA VAL A 13 4.72 2.31 -5.07
C VAL A 13 5.09 0.92 -5.62
N LYS A 14 4.07 0.10 -5.79
CA LYS A 14 4.27 -1.25 -6.31
C LYS A 14 3.54 -1.38 -7.64
N CYS A 15 4.27 -1.91 -8.62
CA CYS A 15 3.70 -2.11 -9.95
C CYS A 15 2.77 -3.31 -9.90
N PHE A 16 1.49 -3.04 -10.10
CA PHE A 16 0.48 -4.09 -10.08
C PHE A 16 0.34 -4.72 -11.46
N ASN A 17 1.27 -4.38 -12.34
CA ASN A 17 1.25 -4.90 -13.70
C ASN A 17 2.25 -6.05 -13.80
N CYS A 18 3.40 -5.86 -13.18
CA CYS A 18 4.44 -6.87 -13.20
C CYS A 18 4.57 -7.46 -11.79
N GLY A 19 4.42 -6.58 -10.81
CA GLY A 19 4.52 -7.00 -9.42
C GLY A 19 5.88 -6.63 -8.82
N LYS A 20 6.47 -5.59 -9.40
CA LYS A 20 7.78 -5.13 -8.94
C LYS A 20 7.62 -3.72 -8.34
N GLU A 21 8.34 -3.50 -7.25
CA GLU A 21 8.30 -2.21 -6.57
C GLU A 21 9.23 -1.22 -7.26
N GLY A 22 8.82 0.03 -7.28
CA GLY A 22 9.60 1.08 -7.90
C GLY A 22 8.79 1.81 -8.97
N HIS A 23 7.56 1.38 -9.14
CA HIS A 23 6.67 1.98 -10.11
C HIS A 23 5.27 1.37 -9.99
N ILE A 24 4.33 1.97 -10.71
CA ILE A 24 2.95 1.49 -10.69
C ILE A 24 2.65 0.79 -12.02
N ALA A 25 1.52 0.09 -12.03
CA ALA A 25 1.10 -0.63 -13.22
C ALA A 25 0.98 0.35 -14.38
N LYS A 26 0.40 1.50 -14.09
CA LYS A 26 0.22 2.52 -15.11
C LYS A 26 1.59 3.03 -15.57
N ASN A 27 2.59 2.76 -14.74
CA ASN A 27 3.95 3.19 -15.04
C ASN A 27 4.79 1.95 -15.38
N CYS A 28 4.10 0.88 -15.71
CA CYS A 28 4.78 -0.37 -16.05
C CYS A 28 5.33 -0.24 -17.47
N ARG A 29 6.65 -0.22 -17.55
CA ARG A 29 7.32 -0.10 -18.84
C ARG A 29 7.29 -1.43 -19.59
N ALA A 30 6.67 -2.41 -18.95
CA ALA A 30 6.56 -3.74 -19.53
C ALA A 30 5.09 -4.06 -19.78
N PRO A 31 4.64 -3.72 -21.02
CA PRO A 31 3.26 -3.97 -21.40
C PRO A 31 3.02 -5.45 -21.69
N ARG A 32 3.74 -5.95 -22.68
CA ARG A 32 3.62 -7.35 -23.06
C ARG A 32 4.88 -7.81 -23.81
N LYS A 33 5.11 -9.11 -23.77
CA LYS A 33 6.27 -9.68 -24.43
C LYS A 33 7.48 -8.76 -24.22
N LYS A 34 8.36 -8.77 -25.21
CA LYS A 34 9.56 -7.95 -25.15
C LYS A 34 10.27 -7.99 -26.50
N GLY A 35 11.17 -7.04 -26.68
CA GLY A 35 11.92 -6.96 -27.92
C GLY A 35 13.36 -7.45 -27.73
N CYS A 36 14.03 -7.71 -28.85
CA CYS A 36 15.40 -8.19 -28.81
C CYS A 36 16.26 -7.13 -28.15
N TRP A 37 16.79 -7.48 -26.99
CA TRP A 37 17.65 -6.57 -26.25
C TRP A 37 19.09 -6.81 -26.68
N LYS A 38 19.24 -7.52 -27.78
CA LYS A 38 20.56 -7.83 -28.32
C LYS A 38 20.83 -6.94 -29.53
N CYS A 39 19.81 -6.82 -30.38
CA CYS A 39 19.93 -6.01 -31.58
C CYS A 39 19.09 -4.75 -31.39
N GLY A 40 18.08 -4.88 -30.53
CA GLY A 40 17.20 -3.76 -30.26
C GLY A 40 15.98 -3.78 -31.19
N LYS A 41 15.76 -4.93 -31.80
CA LYS A 41 14.64 -5.11 -32.70
C LYS A 41 13.49 -5.79 -31.97
N GLU A 42 12.35 -5.13 -31.97
CA GLU A 42 11.17 -5.66 -31.31
C GLU A 42 10.38 -6.56 -32.26
N GLY A 43 10.25 -7.82 -31.88
CA GLY A 43 9.53 -8.78 -32.69
C GLY A 43 10.16 -10.17 -32.59
N HIS A 44 11.48 -10.19 -32.75
CA HIS A 44 12.22 -11.45 -32.68
C HIS A 44 12.96 -11.52 -31.34
N GLN A 45 13.40 -12.73 -31.03
CA GLN A 45 14.12 -12.95 -29.78
C GLN A 45 15.53 -13.50 -30.08
N MET A 46 16.23 -13.85 -29.01
CA MET A 46 17.57 -14.39 -29.14
C MET A 46 17.57 -15.68 -29.97
N LYS A 47 16.55 -16.50 -29.72
CA LYS A 47 16.41 -17.76 -30.43
C LYS A 47 16.16 -17.48 -31.91
N ASP A 48 15.71 -16.26 -32.19
CA ASP A 48 15.43 -15.86 -33.55
C ASP A 48 16.29 -14.64 -33.91
N CYS A 49 17.33 -14.45 -33.12
CA CYS A 49 18.25 -13.34 -33.35
C CYS A 49 19.34 -13.80 -34.31
N THR A 50 19.28 -13.27 -35.53
CA THR A 50 20.25 -13.62 -36.54
C THR A 50 21.52 -12.80 -36.37
N GLU A 51 21.53 -12.01 -35.31
CA GLU A 51 22.69 -11.17 -35.02
C GLU A 51 23.59 -11.83 -33.98
N ARG A 52 24.62 -12.49 -34.49
CA ARG A 52 25.56 -13.18 -33.62
C ARG A 52 26.73 -13.73 -34.44
N GLN A 53 27.91 -13.73 -33.83
CA GLN A 53 29.10 -14.23 -34.49
C GLN A 53 29.22 -13.63 -35.89
N ALA A 54 29.54 -12.35 -35.93
CA ALA A 54 29.69 -11.65 -37.19
C ALA A 54 31.03 -12.04 -37.83
N ASN A 55 31.09 -13.27 -38.28
CA ASN A 55 32.30 -13.78 -38.91
C ASN A 55 33.45 -13.74 -37.91
ZN ZN B . 5.85 -3.01 -14.06
ZN ZN C . 18.11 -9.82 -32.33
N MET A 1 -1.52 0.84 0.63
CA MET A 1 -2.33 -0.29 1.04
C MET A 1 -1.76 -0.96 2.29
N GLN A 2 -2.63 -1.62 3.02
CA GLN A 2 -2.23 -2.31 4.23
C GLN A 2 -1.25 -3.44 3.91
N LYS A 3 -1.36 -3.95 2.69
CA LYS A 3 -0.51 -5.03 2.24
C LYS A 3 -0.64 -5.19 0.73
N GLY A 4 -1.81 -5.64 0.31
CA GLY A 4 -2.09 -5.84 -1.10
C GLY A 4 -3.59 -5.74 -1.39
N ASN A 5 -4.25 -6.88 -1.26
CA ASN A 5 -5.69 -6.93 -1.51
C ASN A 5 -5.94 -7.03 -3.01
N PHE A 6 -5.39 -6.06 -3.73
CA PHE A 6 -5.55 -6.02 -5.17
C PHE A 6 -4.39 -6.74 -5.87
N ARG A 7 -4.55 -8.04 -6.02
CA ARG A 7 -3.53 -8.85 -6.67
C ARG A 7 -3.96 -9.22 -8.09
N ASN A 8 -3.63 -8.33 -9.02
CA ASN A 8 -3.98 -8.53 -10.40
C ASN A 8 -3.33 -7.45 -11.26
N GLN A 9 -2.26 -7.84 -11.96
CA GLN A 9 -1.55 -6.90 -12.82
C GLN A 9 -1.13 -5.67 -12.02
N ARG A 10 0.13 -5.64 -11.64
CA ARG A 10 0.66 -4.52 -10.88
C ARG A 10 -0.03 -4.43 -9.52
N LYS A 11 0.79 -4.31 -8.49
CA LYS A 11 0.27 -4.22 -7.13
C LYS A 11 -0.64 -3.00 -7.02
N THR A 12 -0.05 -1.83 -7.26
CA THR A 12 -0.78 -0.59 -7.19
C THR A 12 -0.53 0.25 -8.44
N VAL A 13 -1.38 1.25 -8.63
CA VAL A 13 -1.26 2.14 -9.79
C VAL A 13 -1.51 3.58 -9.35
N LYS A 14 -0.95 4.51 -10.11
CA LYS A 14 -1.11 5.92 -9.80
C LYS A 14 -1.59 6.65 -11.05
N CYS A 15 -2.67 7.41 -10.88
CA CYS A 15 -3.24 8.16 -11.99
C CYS A 15 -2.50 9.50 -12.09
N PHE A 16 -1.72 9.63 -13.16
CA PHE A 16 -0.96 10.85 -13.39
C PHE A 16 -1.82 11.89 -14.10
N ASN A 17 -3.11 11.63 -14.16
CA ASN A 17 -4.03 12.55 -14.80
C ASN A 17 -4.74 13.38 -13.74
N CYS A 18 -5.19 12.70 -12.69
CA CYS A 18 -5.88 13.36 -11.60
C CYS A 18 -4.93 13.42 -10.39
N GLY A 19 -4.18 12.34 -10.24
CA GLY A 19 -3.24 12.25 -9.13
C GLY A 19 -3.78 11.35 -8.03
N LYS A 20 -4.66 10.44 -8.42
CA LYS A 20 -5.26 9.52 -7.48
C LYS A 20 -4.83 8.09 -7.82
N GLU A 21 -4.54 7.32 -6.78
CA GLU A 21 -4.12 5.95 -6.95
C GLU A 21 -5.34 5.04 -7.17
N GLY A 22 -5.08 3.90 -7.79
CA GLY A 22 -6.14 2.94 -8.05
C GLY A 22 -6.47 2.90 -9.55
N HIS A 23 -5.71 3.67 -10.32
CA HIS A 23 -5.91 3.73 -11.75
C HIS A 23 -4.81 4.59 -12.38
N ILE A 24 -4.66 4.42 -13.69
CA ILE A 24 -3.66 5.17 -14.43
C ILE A 24 -4.34 6.32 -15.16
N ALA A 25 -3.51 7.24 -15.66
CA ALA A 25 -4.01 8.39 -16.38
C ALA A 25 -4.79 7.92 -17.61
N LYS A 26 -4.24 6.91 -18.27
CA LYS A 26 -4.88 6.35 -19.46
C LYS A 26 -6.23 5.77 -19.07
N ASN A 27 -6.40 5.51 -17.78
CA ASN A 27 -7.63 4.96 -17.27
C ASN A 27 -8.36 6.01 -16.44
N CYS A 28 -8.03 7.26 -16.70
CA CYS A 28 -8.64 8.37 -15.99
C CYS A 28 -9.97 8.71 -16.67
N ARG A 29 -11.05 8.47 -15.95
CA ARG A 29 -12.37 8.74 -16.48
C ARG A 29 -12.71 10.23 -16.32
N ALA A 30 -11.74 10.97 -15.80
CA ALA A 30 -11.91 12.40 -15.60
C ALA A 30 -12.70 12.98 -16.77
N PRO A 31 -14.02 13.18 -16.54
CA PRO A 31 -14.89 13.74 -17.56
C PRO A 31 -14.66 15.24 -17.72
N ARG A 32 -15.35 15.81 -18.70
CA ARG A 32 -15.23 17.23 -18.97
C ARG A 32 -13.79 17.57 -19.36
N LYS A 33 -13.60 17.83 -20.65
CA LYS A 33 -12.29 18.17 -21.16
C LYS A 33 -11.70 19.30 -20.33
N LYS A 34 -10.61 18.99 -19.64
CA LYS A 34 -9.94 19.98 -18.80
C LYS A 34 -8.52 20.19 -19.30
N GLY A 35 -8.42 20.77 -20.49
CA GLY A 35 -7.12 21.04 -21.08
C GLY A 35 -6.40 22.17 -20.35
N CYS A 36 -5.09 22.01 -20.24
CA CYS A 36 -4.27 23.01 -19.57
C CYS A 36 -4.37 24.33 -20.35
N TRP A 37 -4.96 25.32 -19.72
CA TRP A 37 -5.12 26.62 -20.35
C TRP A 37 -3.90 27.48 -19.99
N LYS A 38 -2.88 26.79 -19.49
CA LYS A 38 -1.64 27.47 -19.11
C LYS A 38 -0.58 27.22 -20.17
N CYS A 39 -0.50 25.97 -20.60
CA CYS A 39 0.47 25.57 -21.61
C CYS A 39 -0.29 25.31 -22.91
N GLY A 40 -1.54 24.92 -22.77
CA GLY A 40 -2.37 24.64 -23.93
C GLY A 40 -2.36 23.14 -24.25
N LYS A 41 -1.94 22.37 -23.27
CA LYS A 41 -1.88 20.92 -23.43
C LYS A 41 -3.19 20.30 -22.95
N GLU A 42 -3.95 19.75 -23.90
CA GLU A 42 -5.22 19.13 -23.57
C GLU A 42 -4.99 17.75 -22.96
N GLY A 43 -4.90 17.73 -21.64
CA GLY A 43 -4.68 16.49 -20.92
C GLY A 43 -4.57 16.73 -19.42
N HIS A 44 -3.54 17.49 -19.05
CA HIS A 44 -3.31 17.82 -17.66
C HIS A 44 -4.06 19.09 -17.29
N GLN A 45 -4.24 19.29 -15.99
CA GLN A 45 -4.94 20.46 -15.50
C GLN A 45 -3.94 21.51 -15.01
N MET A 46 -4.47 22.68 -14.67
CA MET A 46 -3.64 23.77 -14.19
C MET A 46 -2.86 23.35 -12.94
N LYS A 47 -3.54 22.64 -12.07
CA LYS A 47 -2.92 22.17 -10.83
C LYS A 47 -1.85 21.14 -11.15
N ASP A 48 -1.95 20.59 -12.36
CA ASP A 48 -0.99 19.60 -12.81
C ASP A 48 -0.19 20.16 -13.99
N CYS A 49 -0.22 21.47 -14.11
CA CYS A 49 0.49 22.14 -15.19
C CYS A 49 1.99 21.92 -14.99
N THR A 50 2.55 21.07 -15.84
CA THR A 50 3.98 20.77 -15.76
C THR A 50 4.80 21.98 -16.17
N GLU A 51 4.10 22.99 -16.65
CA GLU A 51 4.76 24.21 -17.09
C GLU A 51 5.13 25.07 -15.88
N ARG A 52 4.12 25.40 -15.08
CA ARG A 52 4.33 26.21 -13.90
C ARG A 52 5.57 25.74 -13.14
N GLN A 53 5.61 24.43 -12.90
CA GLN A 53 6.73 23.84 -12.19
C GLN A 53 7.96 23.77 -13.10
N ALA A 54 7.70 23.63 -14.40
CA ALA A 54 8.76 23.55 -15.37
C ALA A 54 9.74 22.45 -14.96
N ASN A 55 9.27 21.21 -15.03
CA ASN A 55 10.09 20.07 -14.67
C ASN A 55 10.89 20.41 -13.40
ZN ZN B . -7.67 9.80 -12.83
ZN ZN C . 0.31 22.97 -18.28
N MET A 1 -1.52 0.84 0.63
CA MET A 1 -2.33 -0.29 1.04
C MET A 1 -1.68 -1.04 2.20
N GLN A 2 -1.64 -0.38 3.34
CA GLN A 2 -1.05 -0.95 4.54
C GLN A 2 0.46 -0.72 4.55
N LYS A 3 0.93 -0.08 3.49
CA LYS A 3 2.35 0.21 3.37
C LYS A 3 2.80 1.06 4.57
N GLY A 4 3.92 1.76 4.38
CA GLY A 4 4.45 2.60 5.43
C GLY A 4 3.41 3.60 5.91
N ASN A 5 3.61 4.86 5.53
CA ASN A 5 2.70 5.91 5.92
C ASN A 5 1.43 5.84 5.06
N PHE A 6 0.74 4.72 5.18
CA PHE A 6 -0.48 4.51 4.43
C PHE A 6 -0.18 4.36 2.93
N ARG A 7 0.30 5.46 2.36
CA ARG A 7 0.63 5.47 0.94
C ARG A 7 0.94 6.89 0.48
N ASN A 8 1.83 7.53 1.21
CA ASN A 8 2.21 8.90 0.88
C ASN A 8 3.73 9.03 0.93
N GLN A 9 4.23 10.10 0.34
CA GLN A 9 5.66 10.35 0.32
C GLN A 9 6.38 9.21 -0.43
N ARG A 10 7.42 9.60 -1.16
CA ARG A 10 8.18 8.63 -1.93
C ARG A 10 7.43 8.23 -3.20
N LYS A 11 6.25 7.65 -2.98
CA LYS A 11 5.43 7.21 -4.10
C LYS A 11 6.06 5.98 -4.75
N THR A 12 7.20 6.21 -5.39
CA THR A 12 7.91 5.14 -6.06
C THR A 12 7.04 4.51 -7.14
N VAL A 13 7.69 4.06 -8.21
CA VAL A 13 6.99 3.45 -9.32
C VAL A 13 7.83 2.28 -9.85
N LYS A 14 7.15 1.34 -10.50
CA LYS A 14 7.81 0.18 -11.07
C LYS A 14 7.48 0.10 -12.55
N CYS A 15 8.49 -0.30 -13.32
CA CYS A 15 8.31 -0.45 -14.76
C CYS A 15 7.47 -1.69 -15.04
N PHE A 16 6.30 -1.46 -15.60
CA PHE A 16 5.39 -2.56 -15.91
C PHE A 16 5.69 -3.13 -17.30
N ASN A 17 6.84 -2.72 -17.84
CA ASN A 17 7.24 -3.18 -19.16
C ASN A 17 8.37 -4.21 -19.01
N CYS A 18 9.34 -3.87 -18.18
CA CYS A 18 10.47 -4.74 -17.94
C CYS A 18 10.29 -5.39 -16.57
N GLY A 19 9.63 -4.67 -15.68
CA GLY A 19 9.38 -5.16 -14.34
C GLY A 19 10.39 -4.58 -13.35
N LYS A 20 11.37 -3.88 -13.90
CA LYS A 20 12.41 -3.27 -13.08
C LYS A 20 11.81 -2.09 -12.30
N GLU A 21 11.92 -2.17 -10.98
CA GLU A 21 11.39 -1.13 -10.12
C GLU A 21 12.30 0.10 -10.18
N GLY A 22 11.68 1.26 -10.32
CA GLY A 22 12.41 2.50 -10.39
C GLY A 22 11.78 3.47 -11.41
N HIS A 23 11.51 2.93 -12.57
CA HIS A 23 10.90 3.73 -13.64
C HIS A 23 9.51 3.18 -13.96
N ILE A 24 8.85 3.85 -14.89
CA ILE A 24 7.51 3.44 -15.31
C ILE A 24 7.59 2.81 -16.70
N ALA A 25 6.56 2.03 -17.01
CA ALA A 25 6.49 1.36 -18.30
C ALA A 25 6.52 2.41 -19.41
N LYS A 26 5.76 3.47 -19.20
CA LYS A 26 5.68 4.55 -20.17
C LYS A 26 7.07 5.17 -20.35
N ASN A 27 7.90 4.96 -19.34
CA ASN A 27 9.26 5.50 -19.37
C ASN A 27 10.26 4.34 -19.36
N CYS A 28 9.86 3.26 -20.01
CA CYS A 28 10.71 2.07 -20.09
C CYS A 28 11.79 2.32 -21.14
N ARG A 29 13.03 2.22 -20.71
CA ARG A 29 14.16 2.44 -21.61
C ARG A 29 14.81 1.10 -21.96
N ALA A 30 14.26 0.04 -21.39
CA ALA A 30 14.79 -1.30 -21.63
C ALA A 30 16.31 -1.25 -21.64
N PRO A 31 16.89 -1.26 -20.41
CA PRO A 31 18.34 -1.21 -20.27
C PRO A 31 18.96 -2.56 -20.61
N ARG A 32 18.29 -3.62 -20.17
CA ARG A 32 18.77 -4.97 -20.42
C ARG A 32 20.01 -5.26 -19.58
N LYS A 33 21.04 -4.44 -19.81
CA LYS A 33 22.29 -4.60 -19.08
C LYS A 33 21.99 -4.78 -17.59
N LYS A 34 23.01 -5.19 -16.86
CA LYS A 34 22.88 -5.39 -15.43
C LYS A 34 21.67 -6.29 -15.17
N GLY A 35 21.44 -6.57 -13.89
CA GLY A 35 20.32 -7.41 -13.49
C GLY A 35 20.10 -7.34 -11.98
N CYS A 36 20.22 -8.50 -11.35
CA CYS A 36 20.03 -8.60 -9.91
C CYS A 36 20.76 -7.42 -9.26
N TRP A 37 19.98 -6.61 -8.54
CA TRP A 37 20.54 -5.45 -7.86
C TRP A 37 20.96 -5.88 -6.45
N LYS A 38 21.00 -7.19 -6.25
CA LYS A 38 21.39 -7.74 -4.96
C LYS A 38 22.82 -8.29 -5.06
N CYS A 39 23.06 -9.03 -6.13
CA CYS A 39 24.37 -9.62 -6.34
C CYS A 39 25.05 -8.87 -7.48
N GLY A 40 24.23 -8.28 -8.34
CA GLY A 40 24.74 -7.53 -9.47
C GLY A 40 24.86 -8.42 -10.71
N LYS A 41 24.20 -9.57 -10.64
CA LYS A 41 24.22 -10.52 -11.74
C LYS A 41 23.26 -10.04 -12.84
N GLU A 42 23.84 -9.69 -13.97
CA GLU A 42 23.05 -9.23 -15.10
C GLU A 42 22.35 -10.41 -15.78
N GLY A 43 21.56 -11.13 -14.98
CA GLY A 43 20.83 -12.28 -15.49
C GLY A 43 19.56 -12.52 -14.69
N HIS A 44 19.75 -13.10 -13.51
CA HIS A 44 18.62 -13.39 -12.63
C HIS A 44 18.14 -12.10 -11.97
N GLN A 45 16.90 -12.14 -11.52
CA GLN A 45 16.30 -10.98 -10.87
C GLN A 45 16.22 -11.22 -9.36
N MET A 46 15.69 -10.22 -8.66
CA MET A 46 15.56 -10.29 -7.22
C MET A 46 14.77 -11.54 -6.81
N LYS A 47 13.65 -11.75 -7.48
CA LYS A 47 12.80 -12.89 -7.20
C LYS A 47 13.58 -14.18 -7.50
N ASP A 48 14.63 -14.02 -8.29
CA ASP A 48 15.45 -15.16 -8.66
C ASP A 48 16.89 -14.92 -8.18
N CYS A 49 16.99 -14.14 -7.11
CA CYS A 49 18.30 -13.83 -6.54
C CYS A 49 18.76 -15.04 -5.72
N THR A 50 19.68 -15.78 -6.30
CA THR A 50 20.22 -16.96 -5.63
C THR A 50 21.39 -16.56 -4.72
N GLU A 51 21.51 -15.27 -4.49
CA GLU A 51 22.58 -14.76 -3.65
C GLU A 51 22.03 -13.69 -2.69
N ARG A 52 21.57 -14.16 -1.54
CA ARG A 52 21.02 -13.27 -0.53
C ARG A 52 20.73 -14.03 0.76
N GLN A 53 19.92 -15.07 0.62
CA GLN A 53 19.56 -15.89 1.77
C GLN A 53 18.93 -15.03 2.86
N ALA A 54 18.37 -15.70 3.85
CA ALA A 54 17.73 -15.02 4.97
C ALA A 54 18.77 -14.18 5.70
N ASN A 55 19.78 -14.87 6.23
CA ASN A 55 20.84 -14.20 6.96
C ASN A 55 22.19 -14.72 6.46
ZN ZN B . 11.54 -0.66 -18.24
ZN ZN C . 21.06 -12.14 -6.95
N MET A 1 -1.52 0.84 0.63
CA MET A 1 -2.33 -0.29 1.04
C MET A 1 -2.19 -1.45 0.05
N GLN A 2 -2.74 -2.59 0.44
CA GLN A 2 -2.67 -3.77 -0.40
C GLN A 2 -1.23 -4.23 -0.57
N LYS A 3 -0.51 -3.52 -1.43
CA LYS A 3 0.88 -3.84 -1.70
C LYS A 3 1.77 -2.95 -0.83
N GLY A 4 3.06 -3.25 -0.87
CA GLY A 4 4.04 -2.48 -0.11
C GLY A 4 3.58 -2.32 1.35
N ASN A 5 4.40 -1.62 2.11
CA ASN A 5 4.11 -1.39 3.52
C ASN A 5 5.22 -0.55 4.15
N PHE A 6 6.43 -1.05 4.02
CA PHE A 6 7.59 -0.36 4.56
C PHE A 6 7.49 1.16 4.32
N ARG A 7 7.24 1.88 5.39
CA ARG A 7 7.12 3.32 5.31
C ARG A 7 8.33 3.92 4.59
N ASN A 8 9.50 3.73 5.20
CA ASN A 8 10.72 4.25 4.63
C ASN A 8 10.65 5.77 4.53
N GLN A 9 11.81 6.39 4.38
CA GLN A 9 11.88 7.84 4.27
C GLN A 9 12.96 8.24 3.27
N ARG A 10 14.18 7.80 3.55
CA ARG A 10 15.30 8.11 2.66
C ARG A 10 16.58 7.48 3.21
N LYS A 11 17.61 7.49 2.38
CA LYS A 11 18.89 6.93 2.77
C LYS A 11 19.91 7.18 1.65
N THR A 12 19.46 6.99 0.43
CA THR A 12 20.32 7.19 -0.74
C THR A 12 21.68 6.54 -0.51
N VAL A 13 22.61 6.89 -1.37
CA VAL A 13 23.97 6.36 -1.28
C VAL A 13 24.97 7.48 -1.54
N LYS A 14 26.16 7.28 -0.99
CA LYS A 14 27.22 8.27 -1.14
C LYS A 14 28.47 7.58 -1.72
N CYS A 15 29.16 8.32 -2.57
CA CYS A 15 30.38 7.79 -3.19
C CYS A 15 31.52 7.90 -2.18
N PHE A 16 32.00 6.73 -1.77
CA PHE A 16 33.08 6.66 -0.81
C PHE A 16 34.44 6.75 -1.51
N ASN A 17 34.39 7.00 -2.80
CA ASN A 17 35.59 7.12 -3.59
C ASN A 17 35.99 8.59 -3.73
N CYS A 18 34.98 9.40 -4.05
CA CYS A 18 35.20 10.83 -4.21
C CYS A 18 34.68 11.55 -2.96
N GLY A 19 33.55 11.04 -2.46
CA GLY A 19 32.95 11.62 -1.27
C GLY A 19 31.66 12.36 -1.62
N LYS A 20 31.37 12.39 -2.91
CA LYS A 20 30.17 13.07 -3.41
C LYS A 20 28.95 12.17 -3.16
N GLU A 21 27.94 12.75 -2.54
CA GLU A 21 26.72 12.02 -2.24
C GLU A 21 25.82 11.97 -3.48
N GLY A 22 25.31 10.77 -3.76
CA GLY A 22 24.44 10.58 -4.90
C GLY A 22 24.73 9.24 -5.58
N HIS A 23 26.00 8.89 -5.62
CA HIS A 23 26.42 7.65 -6.24
C HIS A 23 27.30 6.86 -5.27
N ILE A 24 27.78 5.72 -5.75
CA ILE A 24 28.64 4.88 -4.93
C ILE A 24 30.03 4.81 -5.56
N ALA A 25 30.98 4.34 -4.76
CA ALA A 25 32.36 4.23 -5.23
C ALA A 25 32.40 3.31 -6.45
N LYS A 26 31.60 2.26 -6.39
CA LYS A 26 31.53 1.29 -7.48
C LYS A 26 30.95 1.98 -8.72
N ASN A 27 30.29 3.11 -8.49
CA ASN A 27 29.69 3.87 -9.57
C ASN A 27 30.43 5.20 -9.72
N CYS A 28 31.66 5.21 -9.24
CA CYS A 28 32.48 6.40 -9.32
C CYS A 28 33.13 6.46 -10.71
N ARG A 29 32.69 7.43 -11.49
CA ARG A 29 33.22 7.60 -12.84
C ARG A 29 34.61 8.26 -12.79
N ALA A 30 35.05 8.54 -11.58
CA ALA A 30 36.34 9.17 -11.38
C ALA A 30 37.34 8.57 -12.37
N PRO A 31 37.59 9.33 -13.48
CA PRO A 31 38.51 8.89 -14.50
C PRO A 31 39.96 9.05 -14.03
N ARG A 32 40.16 10.03 -13.16
CA ARG A 32 41.48 10.30 -12.63
C ARG A 32 42.01 9.10 -11.85
N LYS A 33 43.28 9.17 -11.48
CA LYS A 33 43.91 8.10 -10.75
C LYS A 33 43.69 6.77 -11.49
N LYS A 34 44.44 6.61 -12.56
CA LYS A 34 44.34 5.40 -13.37
C LYS A 34 44.58 4.18 -12.48
N GLY A 35 43.87 3.11 -12.80
CA GLY A 35 44.00 1.87 -12.04
C GLY A 35 43.46 0.68 -12.83
N CYS A 36 42.83 -0.23 -12.12
CA CYS A 36 42.28 -1.42 -12.74
C CYS A 36 40.79 -1.17 -13.02
N TRP A 37 40.46 -1.13 -14.31
CA TRP A 37 39.07 -0.90 -14.71
C TRP A 37 38.40 -2.26 -14.85
N LYS A 38 39.05 -3.27 -14.31
CA LYS A 38 38.52 -4.63 -14.37
C LYS A 38 37.94 -5.00 -13.00
N CYS A 39 38.70 -4.67 -11.97
CA CYS A 39 38.29 -4.97 -10.61
C CYS A 39 37.90 -3.65 -9.93
N GLY A 40 38.49 -2.57 -10.41
CA GLY A 40 38.21 -1.26 -9.86
C GLY A 40 39.29 -0.84 -8.85
N LYS A 41 40.17 -1.79 -8.56
CA LYS A 41 41.25 -1.53 -7.63
C LYS A 41 42.23 -0.52 -8.24
N GLU A 42 42.35 0.62 -7.58
CA GLU A 42 43.25 1.66 -8.06
C GLU A 42 44.68 1.39 -7.58
N GLY A 43 45.45 0.77 -8.45
CA GLY A 43 46.83 0.45 -8.14
C GLY A 43 47.48 -0.35 -9.27
N HIS A 44 46.93 -1.54 -9.50
CA HIS A 44 47.44 -2.40 -10.54
C HIS A 44 46.69 -2.15 -11.85
N GLN A 45 47.34 -2.47 -12.96
CA GLN A 45 46.75 -2.28 -14.27
C GLN A 45 46.00 -3.54 -14.70
N MET A 46 45.30 -3.42 -15.81
CA MET A 46 44.54 -4.54 -16.34
C MET A 46 45.46 -5.74 -16.62
N LYS A 47 46.65 -5.43 -17.11
CA LYS A 47 47.62 -6.46 -17.43
C LYS A 47 48.08 -7.13 -16.14
N ASP A 48 47.92 -6.41 -15.04
CA ASP A 48 48.31 -6.92 -13.73
C ASP A 48 47.05 -7.23 -12.91
N CYS A 49 45.94 -7.35 -13.63
CA CYS A 49 44.67 -7.64 -12.98
C CYS A 49 44.67 -9.11 -12.57
N THR A 50 44.74 -9.33 -11.26
CA THR A 50 44.76 -10.68 -10.73
C THR A 50 43.34 -11.27 -10.74
N GLU A 51 42.41 -10.47 -11.23
CA GLU A 51 41.02 -10.89 -11.30
C GLU A 51 40.38 -10.87 -9.91
N ARG A 52 40.97 -11.64 -9.01
CA ARG A 52 40.48 -11.71 -7.64
C ARG A 52 39.16 -12.50 -7.60
N GLN A 53 38.19 -12.01 -8.35
CA GLN A 53 36.89 -12.65 -8.40
C GLN A 53 36.98 -13.97 -9.19
N ALA A 54 37.26 -15.04 -8.44
CA ALA A 54 37.38 -16.35 -9.05
C ALA A 54 37.21 -17.42 -7.98
N ASN A 55 38.11 -17.38 -7.01
CA ASN A 55 38.07 -18.34 -5.91
C ASN A 55 39.25 -18.09 -4.97
ZN ZN B . 32.62 9.20 -7.10
ZN ZN C . 42.37 -5.95 -11.35
N MET A 1 -1.52 0.84 0.63
CA MET A 1 -2.33 -0.29 1.04
C MET A 1 -3.06 0.00 2.35
N GLN A 2 -2.66 1.10 2.97
CA GLN A 2 -3.27 1.50 4.24
C GLN A 2 -3.37 0.31 5.19
N LYS A 3 -2.29 0.11 5.95
CA LYS A 3 -2.25 -1.00 6.89
C LYS A 3 -2.86 -0.54 8.22
N GLY A 4 -3.34 -1.52 8.97
CA GLY A 4 -3.96 -1.25 10.26
C GLY A 4 -5.39 -1.79 10.31
N ASN A 5 -6.30 -1.00 9.77
CA ASN A 5 -7.70 -1.38 9.73
C ASN A 5 -7.88 -2.58 8.80
N PHE A 6 -7.55 -2.35 7.54
CA PHE A 6 -7.67 -3.39 6.53
C PHE A 6 -9.12 -3.89 6.43
N ARG A 7 -9.40 -4.57 5.33
CA ARG A 7 -10.73 -5.11 5.11
C ARG A 7 -11.77 -3.98 5.11
N ASN A 8 -11.98 -3.40 3.94
CA ASN A 8 -12.92 -2.32 3.81
C ASN A 8 -14.03 -2.73 2.83
N GLN A 9 -13.61 -3.02 1.61
CA GLN A 9 -14.55 -3.44 0.57
C GLN A 9 -15.69 -2.43 0.45
N ARG A 10 -15.54 -1.54 -0.54
CA ARG A 10 -16.54 -0.52 -0.78
C ARG A 10 -17.85 -1.15 -1.26
N LYS A 11 -18.64 -1.62 -0.31
CA LYS A 11 -19.90 -2.25 -0.63
C LYS A 11 -21.04 -1.25 -0.39
N THR A 12 -21.55 -1.27 0.83
CA THR A 12 -22.63 -0.38 1.19
C THR A 12 -22.65 -0.14 2.70
N VAL A 13 -23.13 -1.15 3.42
CA VAL A 13 -23.20 -1.07 4.87
C VAL A 13 -23.68 0.32 5.27
N LYS A 14 -23.35 0.69 6.50
CA LYS A 14 -23.73 1.99 7.03
C LYS A 14 -22.48 2.85 7.21
N CYS A 15 -22.64 4.15 6.97
CA CYS A 15 -21.54 5.08 7.12
C CYS A 15 -21.48 5.52 8.58
N PHE A 16 -20.39 5.16 9.23
CA PHE A 16 -20.20 5.51 10.63
C PHE A 16 -19.58 6.91 10.76
N ASN A 17 -19.59 7.63 9.64
CA ASN A 17 -19.04 8.97 9.62
C ASN A 17 -20.17 9.99 9.67
N CYS A 18 -21.11 9.83 8.74
CA CYS A 18 -22.26 10.73 8.67
C CYS A 18 -23.46 10.01 9.29
N GLY A 19 -23.39 8.69 9.28
CA GLY A 19 -24.46 7.88 9.83
C GLY A 19 -25.45 7.46 8.74
N LYS A 20 -25.20 7.96 7.53
CA LYS A 20 -26.06 7.64 6.40
C LYS A 20 -25.73 6.24 5.88
N GLU A 21 -26.77 5.50 5.59
CA GLU A 21 -26.61 4.15 5.08
C GLU A 21 -26.47 4.16 3.56
N GLY A 22 -25.60 3.29 3.06
CA GLY A 22 -25.37 3.19 1.63
C GLY A 22 -23.87 3.28 1.31
N HIS A 23 -23.12 3.80 2.27
CA HIS A 23 -21.69 3.94 2.10
C HIS A 23 -21.00 3.80 3.46
N ILE A 24 -19.67 3.88 3.43
CA ILE A 24 -18.89 3.77 4.64
C ILE A 24 -18.19 5.10 4.93
N ALA A 25 -17.62 5.19 6.11
CA ALA A 25 -16.92 6.40 6.52
C ALA A 25 -15.75 6.66 5.56
N LYS A 26 -15.06 5.59 5.21
CA LYS A 26 -13.94 5.69 4.30
C LYS A 26 -14.42 6.15 2.93
N ASN A 27 -15.72 6.00 2.72
CA ASN A 27 -16.32 6.40 1.46
C ASN A 27 -17.31 7.54 1.72
N CYS A 28 -17.00 8.33 2.73
CA CYS A 28 -17.85 9.46 3.09
C CYS A 28 -17.44 10.65 2.23
N ARG A 29 -18.41 11.18 1.50
CA ARG A 29 -18.17 12.32 0.64
C ARG A 29 -18.79 13.58 1.25
N ALA A 30 -19.41 13.40 2.40
CA ALA A 30 -20.05 14.51 3.08
C ALA A 30 -20.77 15.40 2.06
N PRO A 31 -22.02 14.99 1.74
CA PRO A 31 -22.82 15.74 0.78
C PRO A 31 -23.36 17.03 1.40
N ARG A 32 -23.74 17.95 0.53
CA ARG A 32 -24.27 19.23 0.98
C ARG A 32 -24.71 20.07 -0.22
N LYS A 33 -23.75 20.40 -1.06
CA LYS A 33 -24.03 21.20 -2.25
C LYS A 33 -24.80 22.46 -1.84
N LYS A 34 -24.06 23.54 -1.71
CA LYS A 34 -24.66 24.81 -1.33
C LYS A 34 -25.64 24.58 -0.18
N GLY A 35 -26.44 25.60 0.08
CA GLY A 35 -27.43 25.53 1.16
C GLY A 35 -28.51 24.49 0.83
N CYS A 36 -29.66 24.68 1.42
CA CYS A 36 -30.78 23.78 1.21
C CYS A 36 -31.08 23.72 -0.29
N TRP A 37 -30.90 22.53 -0.85
CA TRP A 37 -31.14 22.33 -2.26
C TRP A 37 -32.60 21.90 -2.44
N LYS A 38 -33.37 22.09 -1.38
CA LYS A 38 -34.77 21.72 -1.40
C LYS A 38 -35.62 22.99 -1.53
N CYS A 39 -35.25 24.00 -0.76
CA CYS A 39 -35.96 25.26 -0.78
C CYS A 39 -35.07 26.31 -1.47
N GLY A 40 -33.77 26.04 -1.46
CA GLY A 40 -32.83 26.94 -2.08
C GLY A 40 -32.35 28.01 -1.09
N LYS A 41 -32.76 27.84 0.16
CA LYS A 41 -32.40 28.79 1.20
C LYS A 41 -31.20 28.23 1.98
N GLU A 42 -30.35 29.14 2.42
CA GLU A 42 -29.17 28.76 3.18
C GLU A 42 -29.43 28.88 4.67
N GLY A 43 -28.59 28.21 5.46
CA GLY A 43 -28.73 28.24 6.90
C GLY A 43 -29.21 26.89 7.43
N HIS A 44 -29.95 26.18 6.58
CA HIS A 44 -30.48 24.88 6.94
C HIS A 44 -30.27 23.90 5.79
N GLN A 45 -31.11 22.88 5.77
CA GLN A 45 -31.03 21.86 4.72
C GLN A 45 -32.09 20.79 4.94
N MET A 46 -32.04 19.79 4.08
CA MET A 46 -33.00 18.69 4.16
C MET A 46 -33.06 18.12 5.59
N LYS A 47 -31.89 18.01 6.19
CA LYS A 47 -31.80 17.49 7.55
C LYS A 47 -32.95 18.05 8.38
N ASP A 48 -33.38 19.24 8.02
CA ASP A 48 -34.48 19.89 8.72
C ASP A 48 -35.14 20.92 7.80
N CYS A 49 -35.28 20.52 6.54
CA CYS A 49 -35.88 21.40 5.55
C CYS A 49 -37.39 21.42 5.81
N THR A 50 -38.11 20.70 4.96
CA THR A 50 -39.56 20.64 5.08
C THR A 50 -40.16 22.04 5.12
N GLU A 51 -39.37 23.00 4.66
CA GLU A 51 -39.80 24.39 4.63
C GLU A 51 -40.08 24.88 6.05
N ARG A 52 -39.77 26.15 6.27
CA ARG A 52 -39.98 26.75 7.58
C ARG A 52 -41.30 26.26 8.19
N GLN A 53 -42.39 26.66 7.56
CA GLN A 53 -43.71 26.27 8.04
C GLN A 53 -43.97 24.80 7.69
N ALA A 54 -44.95 24.24 8.39
CA ALA A 54 -45.32 22.84 8.17
C ALA A 54 -46.82 22.67 8.40
N ASN A 55 -47.39 21.70 7.71
CA ASN A 55 -48.81 21.42 7.84
C ASN A 55 -49.15 20.17 7.04
ZN ZN B . -20.78 9.32 5.13
ZN ZN C . -35.13 23.81 3.06
N MET A 1 -1.52 0.84 0.63
CA MET A 1 -2.33 -0.29 1.04
C MET A 1 -2.22 -1.44 0.03
N GLN A 2 -2.34 -2.65 0.54
CA GLN A 2 -2.27 -3.83 -0.30
C GLN A 2 -2.58 -5.09 0.52
N LYS A 3 -1.78 -5.30 1.55
CA LYS A 3 -1.96 -6.45 2.42
C LYS A 3 -0.98 -6.37 3.58
N GLY A 4 -1.46 -6.76 4.75
CA GLY A 4 -0.64 -6.73 5.95
C GLY A 4 -0.78 -5.40 6.68
N ASN A 5 -0.53 -5.45 7.98
CA ASN A 5 -0.63 -4.25 8.81
C ASN A 5 0.79 -3.75 9.13
N PHE A 6 0.84 -2.51 9.60
CA PHE A 6 2.11 -1.91 9.96
C PHE A 6 2.35 -1.96 11.47
N ARG A 7 2.98 -3.04 11.90
CA ARG A 7 3.28 -3.22 13.31
C ARG A 7 4.75 -3.60 13.51
N ASN A 8 5.56 -2.60 13.76
CA ASN A 8 6.99 -2.81 13.97
C ASN A 8 7.50 -3.78 12.91
N GLN A 9 8.71 -4.28 13.15
CA GLN A 9 9.32 -5.21 12.22
C GLN A 9 9.59 -6.56 12.91
N ARG A 10 9.90 -7.54 12.09
CA ARG A 10 10.17 -8.88 12.62
C ARG A 10 8.88 -9.50 13.17
N LYS A 11 8.47 -8.98 14.32
CA LYS A 11 7.26 -9.48 14.96
C LYS A 11 7.60 -10.72 15.79
N THR A 12 6.95 -10.82 16.94
CA THR A 12 7.18 -11.94 17.83
C THR A 12 6.35 -13.15 17.38
N VAL A 13 6.71 -14.30 17.92
CA VAL A 13 6.01 -15.53 17.58
C VAL A 13 5.36 -16.11 18.85
N LYS A 14 4.31 -16.88 18.64
CA LYS A 14 3.60 -17.50 19.74
C LYS A 14 3.61 -19.02 19.57
N CYS A 15 3.75 -19.71 20.70
CA CYS A 15 3.77 -21.16 20.69
C CYS A 15 2.32 -21.67 20.74
N PHE A 16 1.90 -22.26 19.65
CA PHE A 16 0.54 -22.79 19.55
C PHE A 16 0.48 -24.22 20.10
N ASN A 17 1.59 -24.64 20.69
CA ASN A 17 1.68 -25.98 21.25
C ASN A 17 1.38 -25.92 22.75
N CYS A 18 1.94 -24.90 23.39
CA CYS A 18 1.75 -24.71 24.82
C CYS A 18 0.84 -23.51 25.03
N GLY A 19 1.07 -22.48 24.22
CA GLY A 19 0.28 -21.26 24.30
C GLY A 19 1.08 -20.15 24.99
N LYS A 20 2.39 -20.23 24.86
CA LYS A 20 3.26 -19.23 25.46
C LYS A 20 3.95 -18.44 24.36
N GLU A 21 3.94 -17.12 24.52
CA GLU A 21 4.56 -16.24 23.55
C GLU A 21 6.07 -16.18 23.77
N GLY A 22 6.81 -16.25 22.68
CA GLY A 22 8.26 -16.21 22.74
C GLY A 22 8.87 -17.29 21.85
N HIS A 23 8.03 -18.20 21.41
CA HIS A 23 8.49 -19.29 20.56
C HIS A 23 7.29 -19.88 19.80
N ILE A 24 7.60 -20.83 18.93
CA ILE A 24 6.56 -21.48 18.13
C ILE A 24 6.42 -22.93 18.59
N ALA A 25 5.33 -23.55 18.14
CA ALA A 25 5.07 -24.93 18.50
C ALA A 25 6.23 -25.81 18.04
N LYS A 26 6.74 -25.49 16.85
CA LYS A 26 7.85 -26.24 16.29
C LYS A 26 9.09 -26.03 17.17
N ASN A 27 9.03 -24.98 17.96
CA ASN A 27 10.15 -24.65 18.85
C ASN A 27 9.73 -24.91 20.30
N CYS A 28 8.66 -25.67 20.44
CA CYS A 28 8.15 -26.01 21.76
C CYS A 28 9.02 -27.13 22.35
N ARG A 29 9.72 -26.80 23.42
CA ARG A 29 10.58 -27.76 24.08
C ARG A 29 9.76 -28.65 25.02
N ALA A 30 8.45 -28.41 25.03
CA ALA A 30 7.55 -29.18 25.86
C ALA A 30 8.00 -30.65 25.87
N PRO A 31 8.71 -31.03 26.95
CA PRO A 31 9.20 -32.39 27.09
C PRO A 31 8.06 -33.34 27.47
N ARG A 32 7.19 -33.58 26.51
CA ARG A 32 6.06 -34.47 26.72
C ARG A 32 6.42 -35.90 26.34
N LYS A 33 7.32 -36.47 27.13
CA LYS A 33 7.77 -37.83 26.89
C LYS A 33 6.56 -38.70 26.51
N LYS A 34 5.49 -38.54 27.27
CA LYS A 34 4.27 -39.29 27.04
C LYS A 34 4.00 -39.35 25.53
N GLY A 35 3.73 -40.55 25.05
CA GLY A 35 3.45 -40.75 23.63
C GLY A 35 4.30 -41.88 23.06
N CYS A 36 4.11 -42.13 21.78
CA CYS A 36 4.85 -43.18 21.09
C CYS A 36 6.20 -42.60 20.66
N TRP A 37 7.27 -43.15 21.24
CA TRP A 37 8.61 -42.69 20.92
C TRP A 37 9.13 -43.55 19.75
N LYS A 38 8.20 -44.26 19.12
CA LYS A 38 8.56 -45.12 18.01
C LYS A 38 8.13 -44.45 16.70
N CYS A 39 6.92 -43.89 16.72
CA CYS A 39 6.39 -43.23 15.55
C CYS A 39 6.39 -41.72 15.82
N GLY A 40 6.33 -41.38 17.10
CA GLY A 40 6.32 -39.99 17.50
C GLY A 40 4.89 -39.48 17.68
N LYS A 41 3.95 -40.42 17.65
CA LYS A 41 2.54 -40.08 17.79
C LYS A 41 2.23 -39.85 19.27
N GLU A 42 1.83 -38.63 19.59
CA GLU A 42 1.51 -38.27 20.95
C GLU A 42 0.08 -38.70 21.28
N GLY A 43 -0.14 -40.01 21.23
CA GLY A 43 -1.46 -40.55 21.53
C GLY A 43 -1.38 -42.06 21.80
N HIS A 44 -1.11 -42.81 20.75
CA HIS A 44 -1.00 -44.25 20.86
C HIS A 44 0.39 -44.62 21.38
N GLN A 45 0.67 -45.92 21.36
CA GLN A 45 1.96 -46.42 21.83
C GLN A 45 2.17 -47.85 21.33
N MET A 46 3.28 -48.43 21.79
CA MET A 46 3.62 -49.79 21.40
C MET A 46 2.43 -50.73 21.61
N LYS A 47 1.74 -50.54 22.72
CA LYS A 47 0.59 -51.36 23.04
C LYS A 47 -0.23 -51.60 21.77
N ASP A 48 -0.17 -50.64 20.87
CA ASP A 48 -0.90 -50.75 19.61
C ASP A 48 -0.22 -49.85 18.57
N CYS A 49 1.11 -49.88 18.58
CA CYS A 49 1.88 -49.09 17.64
C CYS A 49 1.83 -49.78 16.28
N THR A 50 1.01 -49.22 15.40
CA THR A 50 0.87 -49.77 14.06
C THR A 50 2.02 -49.32 13.17
N GLU A 51 2.96 -48.62 13.78
CA GLU A 51 4.12 -48.13 13.06
C GLU A 51 5.28 -49.11 13.18
N ARG A 52 6.13 -49.10 12.16
CA ARG A 52 7.28 -49.99 12.15
C ARG A 52 6.83 -51.45 12.09
N GLN A 53 6.44 -51.97 13.24
CA GLN A 53 5.97 -53.35 13.34
C GLN A 53 7.14 -54.31 13.15
N ALA A 54 7.63 -54.36 11.91
CA ALA A 54 8.74 -55.24 11.58
C ALA A 54 9.98 -54.80 12.36
N ASN A 55 10.56 -55.74 13.08
CA ASN A 55 11.75 -55.46 13.86
C ASN A 55 11.59 -54.11 14.55
ZN ZN B . 5.79 -24.19 23.70
ZN ZN C . 3.61 -45.89 17.43
N MET A 1 -1.52 0.84 0.63
CA MET A 1 -2.33 -0.29 1.04
C MET A 1 -1.47 -1.54 1.22
N GLN A 2 -0.63 -1.80 0.23
CA GLN A 2 0.24 -2.96 0.26
C GLN A 2 1.37 -2.81 -0.76
N LYS A 3 2.59 -3.03 -0.29
CA LYS A 3 3.75 -2.92 -1.16
C LYS A 3 3.58 -1.71 -2.08
N GLY A 4 2.95 -0.68 -1.54
CA GLY A 4 2.72 0.53 -2.31
C GLY A 4 3.92 0.86 -3.20
N ASN A 5 3.62 1.21 -4.43
CA ASN A 5 4.67 1.55 -5.39
C ASN A 5 4.44 2.98 -5.90
N PHE A 6 5.44 3.81 -5.66
CA PHE A 6 5.36 5.20 -6.09
C PHE A 6 3.97 5.77 -5.84
N ARG A 7 3.70 6.91 -6.49
CA ARG A 7 2.42 7.56 -6.36
C ARG A 7 1.31 6.71 -6.98
N ASN A 8 0.14 7.31 -7.09
CA ASN A 8 -0.99 6.62 -7.68
C ASN A 8 -1.51 5.57 -6.70
N GLN A 9 -2.70 5.05 -6.99
CA GLN A 9 -3.30 4.04 -6.14
C GLN A 9 -3.62 4.62 -4.76
N ARG A 10 -4.72 5.35 -4.71
CA ARG A 10 -5.15 5.97 -3.47
C ARG A 10 -4.24 7.15 -3.11
N LYS A 11 -3.05 6.83 -2.62
CA LYS A 11 -2.10 7.85 -2.25
C LYS A 11 -0.77 7.19 -1.86
N THR A 12 -0.83 6.48 -0.74
CA THR A 12 0.35 5.79 -0.24
C THR A 12 1.57 6.71 -0.27
N VAL A 13 2.73 6.11 -0.47
CA VAL A 13 3.96 6.87 -0.52
C VAL A 13 4.04 7.81 0.69
N LYS A 14 5.09 8.61 0.72
CA LYS A 14 5.28 9.56 1.81
C LYS A 14 5.94 10.83 1.26
N CYS A 15 5.40 11.96 1.69
CA CYS A 15 5.92 13.24 1.25
C CYS A 15 7.17 13.56 2.07
N PHE A 16 8.29 13.66 1.38
CA PHE A 16 9.55 13.96 2.02
C PHE A 16 9.71 15.46 2.24
N ASN A 17 8.63 16.19 1.99
CA ASN A 17 8.64 17.63 2.15
C ASN A 17 8.00 18.00 3.49
N CYS A 18 6.82 17.45 3.72
CA CYS A 18 6.10 17.71 4.96
C CYS A 18 6.35 16.54 5.91
N GLY A 19 6.39 15.34 5.35
CA GLY A 19 6.63 14.14 6.14
C GLY A 19 5.34 13.35 6.31
N LYS A 20 4.29 13.82 5.65
CA LYS A 20 3.00 13.16 5.72
C LYS A 20 3.00 11.94 4.80
N GLU A 21 2.03 11.06 5.04
CA GLU A 21 1.91 9.85 4.24
C GLU A 21 0.69 9.94 3.32
N GLY A 22 0.92 9.58 2.06
CA GLY A 22 -0.15 9.62 1.08
C GLY A 22 0.33 10.28 -0.23
N HIS A 23 1.05 11.38 -0.06
CA HIS A 23 1.57 12.11 -1.19
C HIS A 23 3.11 12.13 -1.14
N ILE A 24 3.70 12.57 -2.24
CA ILE A 24 5.15 12.64 -2.32
C ILE A 24 5.59 14.11 -2.31
N ALA A 25 6.89 14.31 -2.16
CA ALA A 25 7.45 15.64 -2.13
C ALA A 25 7.15 16.35 -3.46
N LYS A 26 7.31 15.61 -4.54
CA LYS A 26 7.07 16.14 -5.86
C LYS A 26 5.59 16.52 -5.99
N ASN A 27 4.79 15.97 -5.10
CA ASN A 27 3.36 16.24 -5.09
C ASN A 27 2.98 16.92 -3.78
N CYS A 28 3.91 17.70 -3.26
CA CYS A 28 3.69 18.41 -2.01
C CYS A 28 2.95 19.70 -2.32
N ARG A 29 1.74 19.81 -1.78
CA ARG A 29 0.93 20.99 -1.98
C ARG A 29 0.92 21.87 -0.74
N ALA A 30 1.57 21.36 0.30
CA ALA A 30 1.65 22.08 1.56
C ALA A 30 0.29 22.71 1.88
N PRO A 31 -0.56 21.90 2.57
CA PRO A 31 -1.89 22.36 2.93
C PRO A 31 -1.82 23.35 4.11
N ARG A 32 -2.62 24.40 3.99
CA ARG A 32 -2.66 25.42 5.03
C ARG A 32 -3.79 26.41 4.75
N LYS A 33 -5.02 25.91 4.86
CA LYS A 33 -6.19 26.75 4.62
C LYS A 33 -6.37 26.93 3.11
N LYS A 34 -7.51 27.54 2.76
CA LYS A 34 -7.81 27.78 1.36
C LYS A 34 -8.22 26.46 0.70
N GLY A 35 -9.25 25.85 1.25
CA GLY A 35 -9.74 24.59 0.71
C GLY A 35 -10.97 24.81 -0.17
N CYS A 36 -10.93 24.21 -1.34
CA CYS A 36 -12.03 24.33 -2.29
C CYS A 36 -13.26 23.64 -1.69
N TRP A 37 -14.27 24.45 -1.40
CA TRP A 37 -15.50 23.94 -0.83
C TRP A 37 -16.45 23.58 -1.98
N LYS A 38 -15.88 23.52 -3.18
CA LYS A 38 -16.66 23.18 -4.36
C LYS A 38 -16.35 21.74 -4.78
N CYS A 39 -15.07 21.41 -4.76
CA CYS A 39 -14.63 20.08 -5.14
C CYS A 39 -14.18 19.35 -3.88
N GLY A 40 -13.81 20.14 -2.87
CA GLY A 40 -13.36 19.57 -1.61
C GLY A 40 -11.86 19.31 -1.64
N LYS A 41 -11.18 19.95 -2.58
CA LYS A 41 -9.74 19.79 -2.72
C LYS A 41 -9.04 20.83 -1.86
N GLU A 42 -8.36 20.34 -0.83
CA GLU A 42 -7.64 21.22 0.08
C GLU A 42 -6.36 21.71 -0.59
N GLY A 43 -6.44 22.93 -1.11
CA GLY A 43 -5.29 23.53 -1.78
C GLY A 43 -5.72 24.77 -2.58
N HIS A 44 -6.59 24.54 -3.55
CA HIS A 44 -7.08 25.62 -4.39
C HIS A 44 -8.43 26.11 -3.87
N GLN A 45 -8.79 27.32 -4.27
CA GLN A 45 -10.05 27.91 -3.86
C GLN A 45 -11.05 27.90 -5.00
N MET A 46 -12.24 28.42 -4.72
CA MET A 46 -13.29 28.47 -5.72
C MET A 46 -12.85 29.29 -6.93
N LYS A 47 -12.16 30.39 -6.64
CA LYS A 47 -11.67 31.25 -7.70
C LYS A 47 -10.62 30.52 -8.53
N ASP A 48 -10.09 29.47 -7.95
CA ASP A 48 -9.07 28.67 -8.62
C ASP A 48 -9.61 27.26 -8.85
N CYS A 49 -10.94 27.16 -8.86
CA CYS A 49 -11.59 25.88 -9.07
C CYS A 49 -11.76 25.67 -10.58
N THR A 50 -10.99 24.74 -11.11
CA THR A 50 -11.06 24.44 -12.53
C THR A 50 -12.28 23.57 -12.84
N GLU A 51 -13.05 23.29 -11.79
CA GLU A 51 -14.25 22.48 -11.94
C GLU A 51 -15.41 23.11 -11.16
N ARG A 52 -16.48 22.34 -11.03
CA ARG A 52 -17.66 22.80 -10.32
C ARG A 52 -18.40 21.61 -9.70
N GLN A 53 -18.06 21.34 -8.44
CA GLN A 53 -18.68 20.24 -7.72
C GLN A 53 -18.89 19.05 -8.65
N ALA A 54 -20.10 18.95 -9.18
CA ALA A 54 -20.44 17.86 -10.08
C ALA A 54 -19.52 17.91 -11.29
N ASN A 55 -18.92 16.77 -11.59
CA ASN A 55 -18.02 16.67 -12.73
C ASN A 55 -18.80 16.20 -13.95
ZN ZN B . 3.91 17.52 1.39
ZN ZN C . -12.27 23.15 -6.87
N MET A 1 -1.52 0.84 0.63
CA MET A 1 -2.33 -0.29 1.04
C MET A 1 -3.29 0.09 2.16
N GLN A 2 -2.71 0.62 3.23
CA GLN A 2 -3.49 1.03 4.39
C GLN A 2 -4.34 2.26 4.04
N LYS A 3 -3.65 3.33 3.64
CA LYS A 3 -4.32 4.57 3.28
C LYS A 3 -3.40 5.39 2.39
N GLY A 4 -3.83 5.57 1.15
CA GLY A 4 -3.06 6.34 0.19
C GLY A 4 -3.53 7.80 0.15
N ASN A 5 -2.67 8.68 0.65
CA ASN A 5 -2.99 10.10 0.68
C ASN A 5 -4.24 10.32 1.53
N PHE A 6 -4.08 11.16 2.55
CA PHE A 6 -5.18 11.47 3.44
C PHE A 6 -4.86 12.69 4.30
N ARG A 7 -5.91 13.35 4.75
CA ARG A 7 -5.75 14.54 5.58
C ARG A 7 -6.59 14.41 6.85
N ASN A 8 -5.96 13.88 7.88
CA ASN A 8 -6.63 13.70 9.17
C ASN A 8 -7.25 15.03 9.61
N GLN A 9 -8.56 15.12 9.46
CA GLN A 9 -9.27 16.33 9.84
C GLN A 9 -10.57 15.97 10.56
N ARG A 10 -10.48 15.83 11.87
CA ARG A 10 -11.64 15.50 12.67
C ARG A 10 -11.88 16.57 13.75
N LYS A 11 -13.14 16.74 14.10
CA LYS A 11 -13.51 17.71 15.10
C LYS A 11 -13.98 16.99 16.36
N THR A 12 -15.01 17.57 16.99
CA THR A 12 -15.56 16.99 18.21
C THR A 12 -14.44 16.62 19.18
N VAL A 13 -13.83 17.65 19.74
CA VAL A 13 -12.75 17.45 20.70
C VAL A 13 -11.73 16.47 20.11
N LYS A 14 -10.72 16.17 20.90
CA LYS A 14 -9.67 15.26 20.47
C LYS A 14 -9.18 14.45 21.68
N CYS A 15 -8.90 13.18 21.42
CA CYS A 15 -8.42 12.30 22.47
C CYS A 15 -6.93 12.58 22.69
N PHE A 16 -6.63 13.05 23.89
CA PHE A 16 -5.26 13.36 24.24
C PHE A 16 -4.52 12.11 24.75
N ASN A 17 -5.24 11.00 24.73
CA ASN A 17 -4.67 9.73 25.17
C ASN A 17 -4.05 9.01 23.98
N CYS A 18 -4.87 8.82 22.95
CA CYS A 18 -4.42 8.14 21.75
C CYS A 18 -3.93 9.19 20.76
N GLY A 19 -4.54 10.37 20.86
CA GLY A 19 -4.17 11.47 19.98
C GLY A 19 -5.12 11.54 18.77
N LYS A 20 -6.07 10.62 18.75
CA LYS A 20 -7.04 10.57 17.67
C LYS A 20 -8.14 11.60 17.91
N GLU A 21 -8.27 12.52 16.97
CA GLU A 21 -9.27 13.57 17.08
C GLU A 21 -10.66 12.99 16.84
N GLY A 22 -11.61 13.47 17.64
CA GLY A 22 -12.98 13.01 17.52
C GLY A 22 -13.57 12.69 18.90
N HIS A 23 -12.77 12.02 19.70
CA HIS A 23 -13.19 11.66 21.05
C HIS A 23 -12.27 12.30 22.07
N ILE A 24 -12.51 11.95 23.34
CA ILE A 24 -11.70 12.49 24.41
C ILE A 24 -11.03 11.34 25.16
N ALA A 25 -10.06 11.70 26.00
CA ALA A 25 -9.32 10.72 26.78
C ALA A 25 -10.30 9.98 27.69
N LYS A 26 -11.29 10.71 28.18
CA LYS A 26 -12.29 10.14 29.07
C LYS A 26 -13.06 9.05 28.32
N ASN A 27 -13.08 9.19 27.00
CA ASN A 27 -13.79 8.23 26.17
C ASN A 27 -12.76 7.36 25.43
N CYS A 28 -11.61 7.19 26.07
CA CYS A 28 -10.55 6.38 25.48
C CYS A 28 -10.62 4.98 26.07
N ARG A 29 -10.78 4.00 25.19
CA ARG A 29 -10.86 2.62 25.62
C ARG A 29 -9.67 1.82 25.08
N ALA A 30 -8.85 2.51 24.29
CA ALA A 30 -7.69 1.88 23.70
C ALA A 30 -8.04 0.46 23.26
N PRO A 31 -8.62 0.36 22.04
CA PRO A 31 -9.01 -0.93 21.49
C PRO A 31 -7.79 -1.71 21.01
N ARG A 32 -7.09 -2.31 21.96
CA ARG A 32 -5.90 -3.08 21.65
C ARG A 32 -4.79 -2.17 21.12
N LYS A 33 -3.58 -2.70 21.11
CA LYS A 33 -2.43 -1.95 20.63
C LYS A 33 -2.58 -1.69 19.13
N LYS A 34 -2.51 -2.76 18.38
CA LYS A 34 -2.62 -2.67 16.92
C LYS A 34 -1.25 -2.42 16.32
N GLY A 35 -0.30 -2.08 17.19
CA GLY A 35 1.05 -1.81 16.75
C GLY A 35 1.80 -3.11 16.46
N CYS A 36 2.97 -2.96 15.84
CA CYS A 36 3.79 -4.11 15.51
C CYS A 36 4.18 -4.82 16.81
N TRP A 37 3.68 -6.04 16.95
CA TRP A 37 3.96 -6.82 18.15
C TRP A 37 5.21 -7.67 17.86
N LYS A 38 5.90 -7.30 16.79
CA LYS A 38 7.11 -8.00 16.41
C LYS A 38 8.33 -7.16 16.77
N CYS A 39 8.24 -5.87 16.46
CA CYS A 39 9.31 -4.95 16.75
C CYS A 39 8.89 -4.06 17.91
N GLY A 40 7.58 -3.93 18.08
CA GLY A 40 7.03 -3.11 19.15
C GLY A 40 6.68 -1.71 18.63
N LYS A 41 7.06 -1.46 17.40
CA LYS A 41 6.78 -0.17 16.77
C LYS A 41 5.28 0.00 16.59
N GLU A 42 4.74 0.99 17.28
CA GLU A 42 3.31 1.26 17.20
C GLU A 42 3.00 2.11 15.96
N GLY A 43 2.92 1.44 14.83
CA GLY A 43 2.62 2.10 13.58
C GLY A 43 2.33 1.08 12.47
N HIS A 44 3.37 0.32 12.13
CA HIS A 44 3.24 -0.69 11.09
C HIS A 44 2.82 -2.02 11.72
N GLN A 45 2.72 -3.03 10.86
CA GLN A 45 2.33 -4.35 11.32
C GLN A 45 3.34 -5.41 10.84
N MET A 46 3.11 -6.64 11.26
CA MET A 46 4.00 -7.73 10.89
C MET A 46 4.11 -7.84 9.36
N LYS A 47 2.96 -7.79 8.71
CA LYS A 47 2.92 -7.88 7.26
C LYS A 47 3.60 -6.66 6.66
N ASP A 48 3.74 -5.62 7.47
CA ASP A 48 4.37 -4.40 7.03
C ASP A 48 5.60 -4.11 7.91
N CYS A 49 6.14 -5.19 8.46
CA CYS A 49 7.32 -5.07 9.32
C CYS A 49 8.56 -5.12 8.44
N THR A 50 9.21 -3.96 8.32
CA THR A 50 10.41 -3.85 7.50
C THR A 50 11.64 -4.30 8.31
N GLU A 51 11.36 -4.81 9.50
CA GLU A 51 12.43 -5.27 10.38
C GLU A 51 12.69 -6.75 10.15
N ARG A 52 13.82 -7.03 9.52
CA ARG A 52 14.21 -8.40 9.24
C ARG A 52 14.81 -9.06 10.49
N GLN A 53 14.20 -10.16 10.89
CA GLN A 53 14.67 -10.89 12.06
C GLN A 53 16.11 -11.35 11.85
N ALA A 54 16.42 -11.69 10.61
CA ALA A 54 17.75 -12.15 10.28
C ALA A 54 18.26 -11.39 9.05
N ASN A 55 17.56 -11.61 7.94
CA ASN A 55 17.92 -10.95 6.69
C ASN A 55 16.68 -10.81 5.81
ZN ZN B . -8.52 7.58 22.72
ZN ZN C . 7.72 -4.38 12.88
N MET A 1 -1.52 0.84 0.63
CA MET A 1 -2.33 -0.29 1.04
C MET A 1 -2.68 -0.21 2.53
N GLN A 2 -1.65 -0.10 3.34
CA GLN A 2 -1.83 -0.01 4.77
C GLN A 2 -1.89 1.45 5.22
N LYS A 3 -2.66 1.69 6.27
CA LYS A 3 -2.82 3.03 6.79
C LYS A 3 -3.24 2.96 8.26
N GLY A 4 -2.32 2.48 9.09
CA GLY A 4 -2.59 2.35 10.51
C GLY A 4 -3.43 3.53 11.02
N ASN A 5 -2.86 4.72 10.92
CA ASN A 5 -3.54 5.92 11.37
C ASN A 5 -2.60 7.11 11.24
N PHE A 6 -2.69 7.77 10.09
CA PHE A 6 -1.86 8.93 9.82
C PHE A 6 -2.25 10.11 10.72
N ARG A 7 -1.42 11.14 10.68
CA ARG A 7 -1.68 12.33 11.47
C ARG A 7 -2.96 13.02 11.01
N ASN A 8 -3.72 13.50 11.98
CA ASN A 8 -4.97 14.19 11.67
C ASN A 8 -4.88 15.64 12.16
N GLN A 9 -4.42 15.79 13.39
CA GLN A 9 -4.29 17.11 13.98
C GLN A 9 -3.42 18.00 13.08
N ARG A 10 -2.16 17.64 12.99
CA ARG A 10 -1.21 18.39 12.17
C ARG A 10 -0.01 17.52 11.81
N LYS A 11 0.35 17.56 10.53
CA LYS A 11 1.46 16.79 10.04
C LYS A 11 2.74 17.22 10.77
N THR A 12 3.60 16.24 11.03
CA THR A 12 4.84 16.51 11.72
C THR A 12 4.62 17.47 12.89
N VAL A 13 4.37 16.90 14.05
CA VAL A 13 4.14 17.69 15.24
C VAL A 13 5.46 17.94 15.96
N LYS A 14 5.48 18.99 16.77
CA LYS A 14 6.67 19.36 17.51
C LYS A 14 6.33 19.47 19.00
N CYS A 15 7.25 18.99 19.82
CA CYS A 15 7.06 19.04 21.26
C CYS A 15 7.46 20.44 21.75
N PHE A 16 6.46 21.13 22.30
CA PHE A 16 6.69 22.48 22.80
C PHE A 16 7.17 22.44 24.25
N ASN A 17 7.56 21.25 24.68
CA ASN A 17 8.05 21.07 26.04
C ASN A 17 9.57 20.90 26.02
N CYS A 18 10.03 20.07 25.09
CA CYS A 18 11.45 19.83 24.96
C CYS A 18 11.95 20.55 23.70
N GLY A 19 11.06 20.63 22.71
CA GLY A 19 11.40 21.29 21.46
C GLY A 19 11.91 20.29 20.44
N LYS A 20 11.50 19.04 20.61
CA LYS A 20 11.91 17.97 19.71
C LYS A 20 10.72 17.59 18.82
N GLU A 21 11.02 17.43 17.53
CA GLU A 21 10.00 17.06 16.57
C GLU A 21 9.76 15.55 16.60
N GLY A 22 8.49 15.18 16.50
CA GLY A 22 8.12 13.78 16.51
C GLY A 22 7.15 13.48 17.66
N HIS A 23 6.75 14.53 18.35
CA HIS A 23 5.84 14.40 19.47
C HIS A 23 5.43 15.79 19.96
N ILE A 24 4.33 15.82 20.70
CA ILE A 24 3.82 17.07 21.25
C ILE A 24 4.15 17.14 22.74
N ALA A 25 3.96 18.32 23.29
CA ALA A 25 4.22 18.53 24.71
C ALA A 25 3.36 17.57 25.53
N LYS A 26 2.12 17.43 25.11
CA LYS A 26 1.19 16.54 25.80
C LYS A 26 1.70 15.10 25.70
N ASN A 27 2.57 14.89 24.73
CA ASN A 27 3.14 13.57 24.51
C ASN A 27 4.61 13.57 24.92
N CYS A 28 4.95 14.52 25.77
CA CYS A 28 6.32 14.64 26.25
C CYS A 28 6.51 13.69 27.43
N ARG A 29 7.45 12.79 27.28
CA ARG A 29 7.74 11.81 28.32
C ARG A 29 8.64 12.43 29.39
N ALA A 30 8.92 13.72 29.22
CA ALA A 30 9.77 14.44 30.16
C ALA A 30 9.08 15.76 30.54
N PRO A 31 8.26 15.68 31.63
CA PRO A 31 7.55 16.85 32.11
C PRO A 31 8.50 17.80 32.85
N ARG A 32 9.50 17.22 33.50
CA ARG A 32 10.47 18.00 34.24
C ARG A 32 10.85 19.25 33.45
N LYS A 33 11.43 20.21 34.16
CA LYS A 33 11.84 21.46 33.54
C LYS A 33 12.94 22.10 34.39
N LYS A 34 13.98 22.56 33.71
CA LYS A 34 15.10 23.20 34.38
C LYS A 34 15.94 23.95 33.36
N GLY A 35 15.60 25.22 33.16
CA GLY A 35 16.32 26.05 32.21
C GLY A 35 17.55 26.68 32.87
N CYS A 36 18.12 27.65 32.17
CA CYS A 36 19.30 28.33 32.66
C CYS A 36 18.89 29.19 33.86
N TRP A 37 19.41 28.82 35.02
CA TRP A 37 19.11 29.55 36.24
C TRP A 37 20.18 30.63 36.42
N LYS A 38 20.91 30.88 35.34
CA LYS A 38 21.96 31.89 35.37
C LYS A 38 21.49 33.13 34.60
N CYS A 39 20.89 32.87 33.45
CA CYS A 39 20.39 33.95 32.60
C CYS A 39 18.87 33.94 32.67
N GLY A 40 18.32 32.78 33.00
CA GLY A 40 16.88 32.64 33.10
C GLY A 40 16.28 32.20 31.77
N LYS A 41 17.16 31.90 30.82
CA LYS A 41 16.73 31.47 29.50
C LYS A 41 16.38 29.98 29.54
N GLU A 42 15.13 29.69 29.26
CA GLU A 42 14.65 28.32 29.27
C GLU A 42 14.88 27.68 27.90
N GLY A 43 16.00 26.97 27.80
CA GLY A 43 16.35 26.29 26.56
C GLY A 43 17.85 25.99 26.51
N HIS A 44 18.64 26.99 26.87
CA HIS A 44 20.08 26.84 26.87
C HIS A 44 20.58 26.71 28.30
N GLN A 45 21.87 26.41 28.42
CA GLN A 45 22.49 26.25 29.73
C GLN A 45 23.96 26.68 29.67
N MET A 46 24.63 26.46 30.79
CA MET A 46 26.05 26.81 30.89
C MET A 46 26.83 26.24 29.71
N LYS A 47 26.50 25.01 29.36
CA LYS A 47 27.17 24.35 28.24
C LYS A 47 27.40 25.35 27.11
N ASP A 48 26.49 26.32 27.03
CA ASP A 48 26.59 27.35 26.00
C ASP A 48 25.84 28.59 26.47
N CYS A 49 25.99 28.90 27.75
CA CYS A 49 25.34 30.06 28.34
C CYS A 49 26.07 31.31 27.84
N THR A 50 25.45 31.98 26.87
CA THR A 50 26.02 33.18 26.31
C THR A 50 26.19 34.25 27.39
N GLU A 51 25.52 34.01 28.51
CA GLU A 51 25.59 34.95 29.63
C GLU A 51 26.79 34.63 30.51
N ARG A 52 27.89 35.31 30.23
CA ARG A 52 29.12 35.11 30.99
C ARG A 52 29.71 36.47 31.40
N GLN A 53 29.07 37.08 32.39
CA GLN A 53 29.53 38.36 32.89
C GLN A 53 30.10 38.22 34.30
N ALA A 54 30.78 39.27 34.74
CA ALA A 54 31.38 39.27 36.06
C ALA A 54 30.27 39.28 37.11
N ASN A 55 30.69 39.13 38.36
CA ASN A 55 29.75 39.12 39.47
C ASN A 55 30.50 38.84 40.77
ZN ZN B . 9.03 16.43 24.69
ZN ZN C . 22.43 31.01 30.34
N MET A 1 -1.52 0.84 0.63
CA MET A 1 -2.33 -0.29 1.04
C MET A 1 -1.65 -1.08 2.15
N GLN A 2 -2.47 -1.76 2.94
CA GLN A 2 -1.96 -2.55 4.05
C GLN A 2 -3.06 -3.44 4.62
N LYS A 3 -4.13 -2.78 5.08
CA LYS A 3 -5.25 -3.49 5.65
C LYS A 3 -6.44 -2.53 5.81
N GLY A 4 -6.22 -1.52 6.63
CA GLY A 4 -7.25 -0.52 6.87
C GLY A 4 -7.49 -0.33 8.37
N ASN A 5 -8.01 -1.38 9.00
CA ASN A 5 -8.29 -1.34 10.42
C ASN A 5 -6.99 -1.06 11.18
N PHE A 6 -6.79 0.21 11.51
CA PHE A 6 -5.60 0.62 12.24
C PHE A 6 -5.96 1.06 13.66
N ARG A 7 -4.94 1.07 14.51
CA ARG A 7 -5.12 1.47 15.89
C ARG A 7 -6.07 0.49 16.59
N ASN A 8 -5.96 0.47 17.91
CA ASN A 8 -6.79 -0.40 18.71
C ASN A 8 -8.27 -0.08 18.45
N GLN A 9 -8.67 1.11 18.89
CA GLN A 9 -10.04 1.55 18.71
C GLN A 9 -10.16 2.39 17.43
N ARG A 10 -10.39 1.69 16.33
CA ARG A 10 -10.53 2.36 15.04
C ARG A 10 -11.52 3.52 15.15
N LYS A 11 -11.00 4.73 14.98
CA LYS A 11 -11.83 5.91 15.06
C LYS A 11 -12.70 6.01 13.80
N THR A 12 -13.82 5.33 13.82
CA THR A 12 -14.73 5.33 12.70
C THR A 12 -16.13 4.92 13.14
N VAL A 13 -16.48 5.31 14.36
CA VAL A 13 -17.78 4.99 14.92
C VAL A 13 -18.59 6.28 15.06
N LYS A 14 -19.67 6.18 15.82
CA LYS A 14 -20.54 7.33 16.06
C LYS A 14 -20.40 7.79 17.51
N CYS A 15 -19.86 8.98 17.67
CA CYS A 15 -19.67 9.55 18.99
C CYS A 15 -21.03 9.70 19.65
N PHE A 16 -21.27 8.86 20.66
CA PHE A 16 -22.54 8.89 21.37
C PHE A 16 -22.50 9.94 22.49
N ASN A 17 -21.48 10.78 22.44
CA ASN A 17 -21.32 11.82 23.44
C ASN A 17 -21.77 13.16 22.86
N CYS A 18 -21.40 13.38 21.60
CA CYS A 18 -21.77 14.60 20.92
C CYS A 18 -22.80 14.27 19.84
N GLY A 19 -22.56 13.15 19.18
CA GLY A 19 -23.46 12.70 18.12
C GLY A 19 -22.84 12.93 16.74
N LYS A 20 -21.51 12.94 16.73
CA LYS A 20 -20.79 13.14 15.48
C LYS A 20 -20.01 11.86 15.13
N GLU A 21 -20.11 11.49 13.87
CA GLU A 21 -19.43 10.29 13.40
C GLU A 21 -17.99 10.62 13.01
N GLY A 22 -17.07 9.80 13.49
CA GLY A 22 -15.66 9.99 13.20
C GLY A 22 -14.79 9.58 14.39
N HIS A 23 -15.26 9.94 15.57
CA HIS A 23 -14.53 9.62 16.79
C HIS A 23 -15.48 8.93 17.78
N ILE A 24 -14.88 8.32 18.79
CA ILE A 24 -15.65 7.62 19.81
C ILE A 24 -15.94 8.57 20.96
N ALA A 25 -16.97 8.22 21.73
CA ALA A 25 -17.37 9.03 22.86
C ALA A 25 -16.21 9.12 23.85
N LYS A 26 -15.53 8.00 24.01
CA LYS A 26 -14.39 7.95 24.92
C LYS A 26 -13.34 8.97 24.49
N ASN A 27 -13.43 9.35 23.23
CA ASN A 27 -12.49 10.33 22.68
C ASN A 27 -13.27 11.54 22.16
N CYS A 28 -14.30 11.89 22.90
CA CYS A 28 -15.13 13.03 22.53
C CYS A 28 -14.44 14.31 23.04
N ARG A 29 -13.99 15.12 22.09
CA ARG A 29 -13.32 16.36 22.41
C ARG A 29 -14.35 17.42 22.80
N ALA A 30 -15.61 17.03 22.77
CA ALA A 30 -16.68 17.94 23.12
C ALA A 30 -17.49 17.34 24.27
N PRO A 31 -17.09 17.71 25.52
CA PRO A 31 -17.77 17.22 26.70
C PRO A 31 -19.11 17.93 26.89
N ARG A 32 -19.77 17.59 27.99
CA ARG A 32 -21.06 18.16 28.30
C ARG A 32 -20.97 19.70 28.27
N LYS A 33 -21.99 20.31 27.67
CA LYS A 33 -22.04 21.75 27.57
C LYS A 33 -22.94 22.31 28.66
N LYS A 34 -24.20 21.91 28.61
CA LYS A 34 -25.18 22.36 29.58
C LYS A 34 -25.29 23.88 29.53
N GLY A 35 -24.71 24.53 30.53
CA GLY A 35 -24.73 25.98 30.61
C GLY A 35 -23.60 26.50 31.51
N CYS A 36 -23.99 27.19 32.56
CA CYS A 36 -23.02 27.74 33.49
C CYS A 36 -22.01 26.65 33.84
N TRP A 37 -20.75 26.93 33.53
CA TRP A 37 -19.68 25.99 33.81
C TRP A 37 -19.14 26.27 35.21
N LYS A 38 -19.90 27.08 35.95
CA LYS A 38 -19.50 27.45 37.30
C LYS A 38 -20.33 26.63 38.29
N CYS A 39 -21.63 26.53 38.01
CA CYS A 39 -22.52 25.79 38.88
C CYS A 39 -22.94 24.52 38.14
N GLY A 40 -22.99 24.63 36.82
CA GLY A 40 -23.39 23.49 35.99
C GLY A 40 -24.85 23.61 35.56
N LYS A 41 -25.41 24.78 35.80
CA LYS A 41 -26.81 25.03 35.44
C LYS A 41 -26.91 25.26 33.94
N GLU A 42 -27.61 24.35 33.28
CA GLU A 42 -27.79 24.45 31.85
C GLU A 42 -28.81 25.55 31.51
N GLY A 43 -28.32 26.78 31.53
CA GLY A 43 -29.17 27.93 31.23
C GLY A 43 -28.37 29.23 31.31
N HIS A 44 -27.97 29.57 32.53
CA HIS A 44 -27.21 30.79 32.74
C HIS A 44 -25.72 30.49 32.56
N GLN A 45 -24.93 31.56 32.58
CA GLN A 45 -23.49 31.43 32.42
C GLN A 45 -22.77 32.19 33.53
N MET A 46 -21.44 32.08 33.52
CA MET A 46 -20.63 32.74 34.52
C MET A 46 -20.90 34.25 34.53
N LYS A 47 -21.07 34.80 33.35
CA LYS A 47 -21.34 36.22 33.21
C LYS A 47 -22.70 36.54 33.83
N ASP A 48 -23.50 35.51 33.99
CA ASP A 48 -24.82 35.66 34.56
C ASP A 48 -24.94 34.78 35.81
N CYS A 49 -23.79 34.36 36.31
CA CYS A 49 -23.75 33.51 37.49
C CYS A 49 -23.70 34.42 38.73
N THR A 50 -24.81 34.44 39.44
CA THR A 50 -24.91 35.26 40.64
C THR A 50 -24.23 34.56 41.82
N GLU A 51 -23.65 33.41 41.53
CA GLU A 51 -22.96 32.63 42.55
C GLU A 51 -21.88 33.47 43.23
N ARG A 52 -20.90 33.88 42.44
CA ARG A 52 -19.81 34.68 42.94
C ARG A 52 -19.44 35.76 41.93
N GLN A 53 -18.70 36.75 42.42
CA GLN A 53 -18.27 37.85 41.58
C GLN A 53 -19.48 38.64 41.07
N ALA A 54 -20.14 39.32 41.99
CA ALA A 54 -21.31 40.11 41.64
C ALA A 54 -20.99 41.59 41.79
N ASN A 55 -21.06 42.30 40.67
CA ASN A 55 -20.77 43.72 40.68
C ASN A 55 -21.67 44.42 41.70
ZN ZN B . -17.69 13.64 20.31
ZN ZN C . -23.66 29.67 37.76
N MET A 1 -1.52 0.84 0.63
CA MET A 1 -2.33 -0.29 1.04
C MET A 1 -2.85 -0.11 2.47
N GLN A 2 -1.91 0.10 3.38
CA GLN A 2 -2.26 0.30 4.77
C GLN A 2 -1.17 1.11 5.49
N LYS A 3 -1.03 2.36 5.05
CA LYS A 3 -0.04 3.24 5.63
C LYS A 3 -0.22 4.65 5.06
N GLY A 4 -0.17 5.62 5.95
CA GLY A 4 -0.33 7.01 5.56
C GLY A 4 0.68 7.39 4.47
N ASN A 5 0.22 7.36 3.24
CA ASN A 5 1.06 7.69 2.11
C ASN A 5 0.19 8.02 0.89
N PHE A 6 0.76 8.77 -0.03
CA PHE A 6 0.05 9.16 -1.24
C PHE A 6 0.90 8.89 -2.48
N ARG A 7 1.27 7.63 -2.66
CA ARG A 7 2.08 7.24 -3.80
C ARG A 7 1.60 7.97 -5.06
N ASN A 8 2.58 8.43 -5.83
CA ASN A 8 2.28 9.14 -7.06
C ASN A 8 1.63 10.48 -6.72
N GLN A 9 2.28 11.55 -7.18
CA GLN A 9 1.78 12.89 -6.93
C GLN A 9 1.78 13.20 -5.43
N ARG A 10 2.94 13.63 -4.95
CA ARG A 10 3.09 13.95 -3.54
C ARG A 10 2.86 15.45 -3.32
N LYS A 11 2.25 15.75 -2.19
CA LYS A 11 1.96 17.14 -1.84
C LYS A 11 2.24 17.36 -0.35
N THR A 12 1.54 16.58 0.46
CA THR A 12 1.69 16.68 1.91
C THR A 12 2.79 15.71 2.39
N VAL A 13 4.03 16.09 2.10
CA VAL A 13 5.16 15.27 2.50
C VAL A 13 5.72 15.79 3.82
N LYS A 14 6.39 14.89 4.53
CA LYS A 14 6.98 15.25 5.81
C LYS A 14 8.44 14.77 5.86
N CYS A 15 9.35 15.73 5.76
CA CYS A 15 10.76 15.42 5.78
C CYS A 15 11.05 14.58 7.03
N PHE A 16 11.37 13.33 6.79
CA PHE A 16 11.67 12.41 7.89
C PHE A 16 13.15 12.51 8.30
N ASN A 17 13.79 13.57 7.82
CA ASN A 17 15.20 13.79 8.13
C ASN A 17 15.31 14.89 9.18
N CYS A 18 14.48 15.91 9.03
CA CYS A 18 14.49 17.03 9.96
C CYS A 18 13.16 17.00 10.74
N GLY A 19 12.09 16.67 10.03
CA GLY A 19 10.78 16.60 10.64
C GLY A 19 9.94 17.81 10.25
N LYS A 20 10.25 18.37 9.08
CA LYS A 20 9.53 19.53 8.59
C LYS A 20 8.54 19.08 7.51
N GLU A 21 7.32 19.58 7.63
CA GLU A 21 6.28 19.25 6.66
C GLU A 21 6.37 20.15 5.44
N GLY A 22 6.57 19.53 4.30
CA GLY A 22 6.68 20.26 3.05
C GLY A 22 7.60 19.54 2.05
N HIS A 23 8.78 19.21 2.54
CA HIS A 23 9.75 18.52 1.70
C HIS A 23 9.99 17.11 2.25
N ILE A 24 10.60 16.28 1.42
CA ILE A 24 10.89 14.90 1.81
C ILE A 24 12.32 14.82 2.32
N ALA A 25 12.61 13.71 3.00
CA ALA A 25 13.94 13.49 3.54
C ALA A 25 14.96 13.51 2.40
N LYS A 26 14.56 12.94 1.28
CA LYS A 26 15.42 12.89 0.11
C LYS A 26 15.63 14.31 -0.43
N ASN A 27 14.73 15.20 -0.02
CA ASN A 27 14.82 16.58 -0.45
C ASN A 27 15.19 17.46 0.74
N CYS A 28 15.76 16.83 1.74
CA CYS A 28 16.17 17.54 2.94
C CYS A 28 17.44 18.33 2.63
N ARG A 29 17.30 19.65 2.64
CA ARG A 29 18.43 20.52 2.35
C ARG A 29 19.35 20.60 3.57
N ALA A 30 18.97 19.90 4.62
CA ALA A 30 19.74 19.87 5.84
C ALA A 30 19.96 18.43 6.28
N PRO A 31 20.99 17.78 5.66
CA PRO A 31 21.31 16.40 5.99
C PRO A 31 22.01 16.30 7.34
N ARG A 32 21.43 15.49 8.22
CA ARG A 32 21.99 15.30 9.54
C ARG A 32 22.12 16.65 10.26
N LYS A 33 21.02 17.39 10.26
CA LYS A 33 21.00 18.69 10.91
C LYS A 33 21.96 19.63 10.18
N LYS A 34 23.24 19.45 10.47
CA LYS A 34 24.27 20.28 9.86
C LYS A 34 25.08 19.43 8.88
N GLY A 35 26.08 20.07 8.28
CA GLY A 35 26.93 19.38 7.32
C GLY A 35 28.37 19.30 7.83
N CYS A 36 29.27 19.93 7.08
CA CYS A 36 30.67 19.93 7.45
C CYS A 36 30.78 20.18 8.96
N TRP A 37 31.39 19.22 9.65
CA TRP A 37 31.55 19.32 11.08
C TRP A 37 32.90 20.00 11.34
N LYS A 38 33.45 20.58 10.29
CA LYS A 38 34.73 21.26 10.40
C LYS A 38 34.50 22.78 10.40
N CYS A 39 33.65 23.21 9.47
CA CYS A 39 33.34 24.63 9.36
C CYS A 39 31.92 24.85 9.86
N GLY A 40 31.13 23.78 9.80
CA GLY A 40 29.75 23.85 10.24
C GLY A 40 28.81 24.23 9.09
N LYS A 41 29.32 24.07 7.88
CA LYS A 41 28.55 24.40 6.70
C LYS A 41 27.65 23.21 6.32
N GLU A 42 26.35 23.46 6.37
CA GLU A 42 25.38 22.43 6.05
C GLU A 42 25.33 22.21 4.53
N GLY A 43 26.22 21.35 4.07
CA GLY A 43 26.30 21.04 2.65
C GLY A 43 27.46 20.11 2.35
N HIS A 44 28.66 20.62 2.56
CA HIS A 44 29.87 19.85 2.32
C HIS A 44 30.29 19.14 3.61
N GLN A 45 31.20 18.19 3.45
CA GLN A 45 31.70 17.43 4.58
C GLN A 45 33.20 17.66 4.77
N MET A 46 33.75 17.04 5.81
CA MET A 46 35.16 17.17 6.10
C MET A 46 36.01 16.68 4.93
N LYS A 47 35.52 15.63 4.28
CA LYS A 47 36.22 15.05 3.15
C LYS A 47 36.24 16.07 2.00
N ASP A 48 35.29 16.98 2.04
CA ASP A 48 35.18 18.01 1.02
C ASP A 48 35.45 19.38 1.65
N CYS A 49 36.02 19.35 2.85
CA CYS A 49 36.34 20.58 3.56
C CYS A 49 37.75 21.02 3.17
N THR A 50 37.80 22.11 2.41
CA THR A 50 39.07 22.64 1.95
C THR A 50 39.79 23.36 3.10
N GLU A 51 39.12 23.38 4.24
CA GLU A 51 39.68 24.03 5.42
C GLU A 51 39.98 25.50 5.13
N ARG A 52 40.12 26.27 6.19
CA ARG A 52 40.41 27.68 6.06
C ARG A 52 40.47 28.35 7.43
N GLN A 53 41.43 27.90 8.23
CA GLN A 53 41.60 28.43 9.57
C GLN A 53 42.65 27.63 10.33
N ALA A 54 42.69 26.34 10.05
CA ALA A 54 43.64 25.46 10.70
C ALA A 54 43.44 25.52 12.21
N ASN A 55 44.13 24.62 12.90
CA ASN A 55 44.03 24.56 14.35
C ASN A 55 45.06 25.50 14.96
ZN ZN B . 14.52 18.30 5.93
ZN ZN C . 34.22 22.63 5.87
N MET A 1 -1.52 0.84 0.63
CA MET A 1 -2.33 -0.29 1.04
C MET A 1 -1.48 -1.36 1.73
N GLN A 2 -1.31 -1.17 3.03
CA GLN A 2 -0.53 -2.11 3.82
C GLN A 2 -0.52 -1.68 5.29
N LYS A 3 -0.28 -2.65 6.15
CA LYS A 3 -0.25 -2.40 7.58
C LYS A 3 -1.60 -1.87 8.04
N GLY A 4 -2.50 -2.80 8.31
CA GLY A 4 -3.84 -2.45 8.75
C GLY A 4 -3.84 -2.01 10.21
N ASN A 5 -3.34 -0.80 10.43
CA ASN A 5 -3.28 -0.26 11.78
C ASN A 5 -2.84 -1.36 12.75
N PHE A 6 -3.12 -1.12 14.02
CA PHE A 6 -2.77 -2.08 15.06
C PHE A 6 -3.88 -3.11 15.26
N ARG A 7 -4.49 -3.51 14.14
CA ARG A 7 -5.55 -4.49 14.17
C ARG A 7 -6.54 -4.16 15.29
N ASN A 8 -7.42 -5.11 15.56
CA ASN A 8 -8.42 -4.93 16.60
C ASN A 8 -9.32 -6.18 16.66
N GLN A 9 -9.79 -6.58 15.49
CA GLN A 9 -10.66 -7.73 15.38
C GLN A 9 -12.11 -7.33 15.66
N ARG A 10 -12.29 -6.61 16.76
CA ARG A 10 -13.62 -6.16 17.14
C ARG A 10 -14.42 -5.75 15.90
N LYS A 11 -13.77 -4.99 15.04
CA LYS A 11 -14.41 -4.52 13.82
C LYS A 11 -13.43 -4.67 12.65
N THR A 12 -12.21 -4.22 12.87
CA THR A 12 -11.17 -4.30 11.86
C THR A 12 -11.55 -3.44 10.65
N VAL A 13 -12.28 -4.05 9.72
CA VAL A 13 -12.72 -3.36 8.53
C VAL A 13 -14.18 -3.70 8.24
N LYS A 14 -14.84 -2.81 7.53
CA LYS A 14 -16.23 -3.01 7.18
C LYS A 14 -16.36 -3.21 5.68
N CYS A 15 -17.00 -4.31 5.31
CA CYS A 15 -17.19 -4.63 3.90
C CYS A 15 -18.20 -3.65 3.32
N PHE A 16 -17.73 -2.85 2.35
CA PHE A 16 -18.58 -1.87 1.71
C PHE A 16 -19.33 -2.49 0.52
N ASN A 17 -19.36 -3.81 0.51
CA ASN A 17 -20.03 -4.54 -0.56
C ASN A 17 -21.31 -5.18 0.00
N CYS A 18 -21.15 -5.83 1.14
CA CYS A 18 -22.27 -6.49 1.78
C CYS A 18 -22.67 -5.69 3.02
N GLY A 19 -21.68 -4.99 3.57
CA GLY A 19 -21.91 -4.17 4.75
C GLY A 19 -21.53 -4.92 6.02
N LYS A 20 -21.10 -6.17 5.82
CA LYS A 20 -20.70 -7.01 6.94
C LYS A 20 -19.38 -6.47 7.52
N GLU A 21 -19.36 -6.39 8.85
CA GLU A 21 -18.18 -5.89 9.54
C GLU A 21 -17.19 -7.05 9.79
N GLY A 22 -16.09 -7.01 9.05
CA GLY A 22 -15.08 -8.04 9.19
C GLY A 22 -14.09 -7.99 8.02
N HIS A 23 -14.63 -8.19 6.82
CA HIS A 23 -13.81 -8.17 5.63
C HIS A 23 -14.03 -6.86 4.87
N ILE A 24 -13.45 -6.79 3.68
CA ILE A 24 -13.59 -5.61 2.85
C ILE A 24 -14.28 -5.98 1.53
N ALA A 25 -14.73 -4.96 0.84
CA ALA A 25 -15.41 -5.17 -0.43
C ALA A 25 -14.44 -5.82 -1.42
N LYS A 26 -13.18 -5.45 -1.29
CA LYS A 26 -12.15 -5.99 -2.16
C LYS A 26 -11.96 -7.48 -1.87
N ASN A 27 -12.44 -7.88 -0.71
CA ASN A 27 -12.35 -9.27 -0.29
C ASN A 27 -13.75 -9.88 -0.25
N CYS A 28 -14.68 -9.21 -0.90
CA CYS A 28 -16.05 -9.67 -0.94
C CYS A 28 -16.23 -10.55 -2.18
N ARG A 29 -16.70 -11.76 -1.95
CA ARG A 29 -16.92 -12.70 -3.04
C ARG A 29 -18.40 -12.75 -3.40
N ALA A 30 -19.19 -11.97 -2.67
CA ALA A 30 -20.62 -11.92 -2.90
C ALA A 30 -20.89 -11.55 -4.36
N PRO A 31 -22.07 -11.99 -4.87
CA PRO A 31 -22.45 -11.70 -6.23
C PRO A 31 -22.89 -10.24 -6.39
N ARG A 32 -21.92 -9.38 -6.61
CA ARG A 32 -22.18 -7.96 -6.78
C ARG A 32 -22.72 -7.68 -8.18
N LYS A 33 -22.86 -8.75 -8.95
CA LYS A 33 -23.36 -8.64 -10.31
C LYS A 33 -22.70 -7.43 -10.99
N LYS A 34 -23.30 -7.02 -12.09
CA LYS A 34 -22.79 -5.88 -12.84
C LYS A 34 -23.84 -5.44 -13.87
N GLY A 35 -24.53 -4.37 -13.54
CA GLY A 35 -25.55 -3.84 -14.42
C GLY A 35 -26.78 -4.75 -14.45
N CYS A 36 -27.79 -4.32 -15.20
CA CYS A 36 -29.01 -5.09 -15.32
C CYS A 36 -28.79 -6.18 -16.38
N TRP A 37 -28.81 -7.41 -15.92
CA TRP A 37 -28.62 -8.55 -16.82
C TRP A 37 -29.99 -9.00 -17.31
N LYS A 38 -30.98 -8.13 -17.11
CA LYS A 38 -32.33 -8.43 -17.53
C LYS A 38 -32.66 -7.59 -18.77
N CYS A 39 -32.28 -6.33 -18.72
CA CYS A 39 -32.53 -5.43 -19.83
C CYS A 39 -31.19 -5.14 -20.53
N GLY A 40 -30.12 -5.28 -19.77
CA GLY A 40 -28.78 -5.04 -20.29
C GLY A 40 -28.33 -3.61 -20.01
N LYS A 41 -29.17 -2.88 -19.28
CA LYS A 41 -28.87 -1.51 -18.94
C LYS A 41 -27.68 -1.48 -17.98
N GLU A 42 -26.71 -0.63 -18.31
CA GLU A 42 -25.52 -0.48 -17.50
C GLU A 42 -25.68 0.68 -16.52
N GLY A 43 -26.78 0.66 -15.79
CA GLY A 43 -27.05 1.71 -14.82
C GLY A 43 -27.96 1.19 -13.69
N HIS A 44 -29.24 1.04 -14.03
CA HIS A 44 -30.20 0.56 -13.06
C HIS A 44 -29.98 -0.93 -12.82
N GLN A 45 -30.62 -1.43 -11.76
CA GLN A 45 -30.50 -2.82 -11.39
C GLN A 45 -31.87 -3.48 -11.35
N MET A 46 -31.89 -4.71 -10.86
CA MET A 46 -33.14 -5.46 -10.75
C MET A 46 -34.13 -4.75 -9.83
N LYS A 47 -33.59 -4.18 -8.77
CA LYS A 47 -34.41 -3.47 -7.80
C LYS A 47 -35.02 -2.23 -8.47
N ASP A 48 -34.42 -1.84 -9.58
CA ASP A 48 -34.90 -0.69 -10.32
C ASP A 48 -35.19 -1.10 -11.77
N CYS A 49 -35.31 -2.41 -11.96
CA CYS A 49 -35.60 -2.94 -13.28
C CYS A 49 -37.12 -3.01 -13.45
N THR A 50 -37.62 -2.13 -14.31
CA THR A 50 -39.06 -2.09 -14.57
C THR A 50 -39.46 -3.21 -15.52
N GLU A 51 -38.47 -4.02 -15.89
CA GLU A 51 -38.71 -5.13 -16.80
C GLU A 51 -39.09 -4.61 -18.18
N ARG A 52 -39.19 -5.54 -19.12
CA ARG A 52 -39.54 -5.19 -20.49
C ARG A 52 -38.62 -4.09 -21.01
N GLN A 53 -37.66 -4.50 -21.83
CA GLN A 53 -36.72 -3.56 -22.40
C GLN A 53 -37.15 -3.16 -23.82
N ALA A 54 -36.32 -2.34 -24.45
CA ALA A 54 -36.60 -1.88 -25.80
C ALA A 54 -37.77 -0.91 -25.75
N ASN A 55 -38.92 -1.42 -25.33
CA ASN A 55 -40.12 -0.61 -25.24
C ASN A 55 -40.47 -0.07 -26.63
ZN ZN B . -18.67 -8.63 1.72
ZN ZN C . -33.43 -3.62 -16.11
N MET A 1 -1.52 0.84 0.63
CA MET A 1 -2.33 -0.29 1.04
C MET A 1 -1.88 -1.57 0.33
N GLN A 2 -1.38 -1.39 -0.89
CA GLN A 2 -0.91 -2.51 -1.68
C GLN A 2 0.56 -2.78 -1.39
N LYS A 3 1.38 -1.77 -1.66
CA LYS A 3 2.81 -1.88 -1.45
C LYS A 3 3.40 -2.83 -2.48
N GLY A 4 3.01 -4.09 -2.37
CA GLY A 4 3.49 -5.11 -3.30
C GLY A 4 3.39 -4.64 -4.75
N ASN A 5 4.33 -5.09 -5.56
CA ASN A 5 4.35 -4.73 -6.96
C ASN A 5 4.56 -3.21 -7.09
N PHE A 6 5.02 -2.81 -8.27
CA PHE A 6 5.27 -1.39 -8.53
C PHE A 6 3.99 -0.57 -8.33
N ARG A 7 4.19 0.74 -8.22
CA ARG A 7 3.07 1.64 -8.01
C ARG A 7 2.28 1.80 -9.31
N ASN A 8 1.35 0.87 -9.51
CA ASN A 8 0.52 0.89 -10.70
C ASN A 8 -0.38 -0.34 -10.70
N GLN A 9 -1.68 -0.08 -10.68
CA GLN A 9 -2.66 -1.16 -10.68
C GLN A 9 -3.62 -1.01 -11.86
N ARG A 10 -3.85 -2.13 -12.54
CA ARG A 10 -4.75 -2.12 -13.69
C ARG A 10 -5.08 -3.57 -14.10
N LYS A 11 -4.03 -4.37 -14.21
CA LYS A 11 -4.21 -5.76 -14.60
C LYS A 11 -3.98 -6.65 -13.38
N THR A 12 -3.01 -6.25 -12.56
CA THR A 12 -2.69 -7.01 -11.37
C THR A 12 -3.96 -7.50 -10.69
N VAL A 13 -5.03 -6.72 -10.85
CA VAL A 13 -6.31 -7.06 -10.26
C VAL A 13 -6.60 -8.54 -10.52
N LYS A 14 -7.43 -9.12 -9.66
CA LYS A 14 -7.79 -10.52 -9.78
C LYS A 14 -9.30 -10.62 -10.01
N CYS A 15 -9.66 -11.37 -11.04
CA CYS A 15 -11.06 -11.56 -11.37
C CYS A 15 -11.64 -12.61 -10.42
N PHE A 16 -12.50 -12.15 -9.53
CA PHE A 16 -13.14 -13.03 -8.56
C PHE A 16 -14.38 -13.70 -9.16
N ASN A 17 -14.52 -13.56 -10.47
CA ASN A 17 -15.66 -14.13 -11.16
C ASN A 17 -15.22 -15.43 -11.86
N CYS A 18 -14.03 -15.38 -12.44
CA CYS A 18 -13.49 -16.54 -13.13
C CYS A 18 -12.32 -17.09 -12.30
N GLY A 19 -11.53 -16.16 -11.78
CA GLY A 19 -10.37 -16.54 -10.97
C GLY A 19 -9.07 -16.37 -11.77
N LYS A 20 -9.11 -15.44 -12.71
CA LYS A 20 -7.94 -15.16 -13.53
C LYS A 20 -7.49 -13.72 -13.31
N GLU A 21 -6.18 -13.55 -13.19
CA GLU A 21 -5.60 -12.24 -12.97
C GLU A 21 -5.49 -11.49 -14.29
N GLY A 22 -5.71 -10.18 -14.22
CA GLY A 22 -5.63 -9.34 -15.39
C GLY A 22 -6.89 -8.48 -15.55
N HIS A 23 -7.86 -8.75 -14.68
CA HIS A 23 -9.11 -8.02 -14.71
C HIS A 23 -9.89 -8.30 -13.42
N ILE A 24 -11.01 -7.61 -13.29
CA ILE A 24 -11.86 -7.77 -12.12
C ILE A 24 -13.15 -8.48 -12.53
N ALA A 25 -13.85 -8.99 -11.52
CA ALA A 25 -15.10 -9.69 -11.76
C ALA A 25 -16.07 -8.75 -12.49
N LYS A 26 -16.11 -7.51 -12.04
CA LYS A 26 -16.98 -6.52 -12.64
C LYS A 26 -16.55 -6.29 -14.10
N ASN A 27 -15.32 -6.68 -14.39
CA ASN A 27 -14.78 -6.52 -15.72
C ASN A 27 -14.52 -7.90 -16.34
N CYS A 28 -15.34 -8.86 -15.92
CA CYS A 28 -15.21 -10.22 -16.41
C CYS A 28 -16.05 -10.35 -17.68
N ARG A 29 -15.38 -10.71 -18.77
CA ARG A 29 -16.05 -10.87 -20.04
C ARG A 29 -16.22 -12.35 -20.37
N ALA A 30 -15.73 -13.18 -19.46
CA ALA A 30 -15.81 -14.63 -19.64
C ALA A 30 -15.52 -14.97 -21.11
N PRO A 31 -14.21 -14.97 -21.45
CA PRO A 31 -13.79 -15.28 -22.80
C PRO A 31 -13.89 -16.78 -23.07
N ARG A 32 -14.35 -17.10 -24.27
CA ARG A 32 -14.51 -18.49 -24.67
C ARG A 32 -13.20 -19.26 -24.43
N LYS A 33 -13.34 -20.57 -24.29
CA LYS A 33 -12.19 -21.43 -24.07
C LYS A 33 -11.80 -22.11 -25.37
N LYS A 34 -10.58 -22.64 -25.39
CA LYS A 34 -10.07 -23.32 -26.56
C LYS A 34 -9.85 -22.30 -27.69
N GLY A 35 -8.83 -21.47 -27.49
CA GLY A 35 -8.50 -20.45 -28.48
C GLY A 35 -7.64 -21.04 -29.60
N CYS A 36 -7.81 -20.48 -30.78
CA CYS A 36 -7.06 -20.93 -31.94
C CYS A 36 -5.58 -20.71 -31.67
N TRP A 37 -4.85 -21.81 -31.60
CA TRP A 37 -3.42 -21.75 -31.35
C TRP A 37 -2.70 -21.68 -32.70
N LYS A 38 -3.48 -21.40 -33.73
CA LYS A 38 -2.94 -21.30 -35.07
C LYS A 38 -2.82 -19.83 -35.46
N CYS A 39 -3.86 -19.08 -35.16
CA CYS A 39 -3.89 -17.66 -35.46
C CYS A 39 -3.75 -16.87 -34.16
N GLY A 40 -4.18 -17.51 -33.08
CA GLY A 40 -4.10 -16.88 -31.77
C GLY A 40 -5.47 -16.33 -31.35
N LYS A 41 -6.43 -16.48 -32.24
CA LYS A 41 -7.78 -16.00 -31.98
C LYS A 41 -8.40 -16.80 -30.84
N GLU A 42 -8.48 -16.16 -29.68
CA GLU A 42 -9.05 -16.80 -28.51
C GLU A 42 -10.57 -16.91 -28.64
N GLY A 43 -11.00 -17.78 -29.54
CA GLY A 43 -12.41 -17.98 -29.77
C GLY A 43 -12.65 -19.20 -30.65
N HIS A 44 -12.28 -19.07 -31.91
CA HIS A 44 -12.45 -20.15 -32.87
C HIS A 44 -11.31 -21.16 -32.71
N GLN A 45 -11.49 -22.30 -33.35
CA GLN A 45 -10.48 -23.36 -33.29
C GLN A 45 -9.91 -23.63 -34.69
N MET A 46 -8.88 -24.45 -34.71
CA MET A 46 -8.23 -24.80 -35.97
C MET A 46 -9.24 -25.40 -36.95
N LYS A 47 -10.04 -26.32 -36.44
CA LYS A 47 -11.04 -26.98 -37.26
C LYS A 47 -12.10 -25.96 -37.68
N ASP A 48 -12.14 -24.87 -36.94
CA ASP A 48 -13.10 -23.81 -37.22
C ASP A 48 -12.34 -22.52 -37.58
N CYS A 49 -11.12 -22.71 -38.04
CA CYS A 49 -10.28 -21.58 -38.43
C CYS A 49 -10.67 -21.17 -39.85
N THR A 50 -11.33 -20.01 -39.94
CA THR A 50 -11.76 -19.49 -41.22
C THR A 50 -10.63 -18.72 -41.89
N GLU A 51 -9.46 -18.75 -41.26
CA GLU A 51 -8.30 -18.07 -41.77
C GLU A 51 -7.16 -19.05 -42.02
N ARG A 52 -6.19 -18.62 -42.82
CA ARG A 52 -5.05 -19.46 -43.14
C ARG A 52 -5.51 -20.74 -43.82
N GLN A 53 -5.04 -20.92 -45.05
CA GLN A 53 -5.40 -22.11 -45.82
C GLN A 53 -4.16 -22.66 -46.53
N ALA A 54 -4.16 -23.97 -46.70
CA ALA A 54 -3.05 -24.64 -47.37
C ALA A 54 -3.58 -25.86 -48.13
N ASN A 55 -4.15 -26.78 -47.38
CA ASN A 55 -4.70 -28.00 -47.97
C ASN A 55 -3.61 -28.68 -48.80
ZN ZN B . -13.07 -13.00 -15.40
ZN ZN C . -7.44 -19.78 -36.56
N MET A 1 -1.52 0.84 0.63
CA MET A 1 -2.33 -0.29 1.04
C MET A 1 -3.68 -0.28 0.32
N GLN A 2 -4.19 -1.47 0.07
CA GLN A 2 -5.47 -1.63 -0.60
C GLN A 2 -6.43 -2.46 0.25
N LYS A 3 -7.21 -1.77 1.06
CA LYS A 3 -8.17 -2.43 1.93
C LYS A 3 -7.52 -3.69 2.53
N GLY A 4 -6.67 -3.46 3.53
CA GLY A 4 -5.99 -4.54 4.19
C GLY A 4 -5.57 -5.62 3.19
N ASN A 5 -6.41 -6.64 3.10
CA ASN A 5 -6.15 -7.75 2.18
C ASN A 5 -5.61 -7.19 0.87
N PHE A 6 -4.36 -7.53 0.59
CA PHE A 6 -3.72 -7.08 -0.64
C PHE A 6 -4.32 -7.77 -1.86
N ARG A 7 -4.11 -9.07 -1.93
CA ARG A 7 -4.63 -9.86 -3.04
C ARG A 7 -4.11 -11.29 -2.97
N ASN A 8 -2.82 -11.40 -2.66
CA ASN A 8 -2.19 -12.71 -2.55
C ASN A 8 -2.94 -13.55 -1.52
N GLN A 9 -3.09 -12.98 -0.33
CA GLN A 9 -3.78 -13.66 0.74
C GLN A 9 -2.98 -14.89 1.18
N ARG A 10 -2.00 -14.65 2.03
CA ARG A 10 -1.16 -15.73 2.53
C ARG A 10 -0.18 -15.19 3.59
N LYS A 11 0.37 -16.12 4.35
CA LYS A 11 1.32 -15.75 5.39
C LYS A 11 2.74 -15.84 4.83
N THR A 12 3.03 -16.94 4.17
CA THR A 12 4.33 -17.15 3.59
C THR A 12 4.81 -15.88 2.87
N VAL A 13 3.99 -15.43 1.93
CA VAL A 13 4.32 -14.23 1.18
C VAL A 13 5.75 -14.34 0.66
N LYS A 14 6.18 -13.27 0.00
CA LYS A 14 7.52 -13.22 -0.56
C LYS A 14 8.14 -11.85 -0.29
N CYS A 15 9.41 -11.85 0.07
CA CYS A 15 10.12 -10.62 0.35
C CYS A 15 10.71 -10.09 -0.97
N PHE A 16 10.22 -8.94 -1.37
CA PHE A 16 10.68 -8.31 -2.61
C PHE A 16 11.94 -7.49 -2.37
N ASN A 17 12.52 -7.69 -1.19
CA ASN A 17 13.74 -6.98 -0.82
C ASN A 17 14.94 -7.91 -0.93
N CYS A 18 14.79 -9.08 -0.32
CA CYS A 18 15.85 -10.08 -0.33
C CYS A 18 15.49 -11.14 -1.37
N GLY A 19 14.20 -11.35 -1.52
CA GLY A 19 13.70 -12.34 -2.47
C GLY A 19 13.37 -13.66 -1.77
N LYS A 20 13.56 -13.66 -0.46
CA LYS A 20 13.28 -14.84 0.33
C LYS A 20 11.79 -14.90 0.65
N GLU A 21 11.26 -16.11 0.67
CA GLU A 21 9.85 -16.32 0.96
C GLU A 21 9.63 -16.44 2.47
N GLY A 22 8.45 -16.04 2.90
CA GLY A 22 8.10 -16.12 4.31
C GLY A 22 7.77 -14.72 4.86
N HIS A 23 8.37 -13.71 4.24
CA HIS A 23 8.15 -12.35 4.66
C HIS A 23 8.04 -11.45 3.42
N ILE A 24 7.65 -10.20 3.66
CA ILE A 24 7.51 -9.24 2.59
C ILE A 24 8.64 -8.20 2.68
N ALA A 25 8.80 -7.45 1.60
CA ALA A 25 9.83 -6.43 1.54
C ALA A 25 9.59 -5.42 2.66
N LYS A 26 8.32 -5.08 2.87
CA LYS A 26 7.96 -4.13 3.89
C LYS A 26 8.29 -4.71 5.27
N ASN A 27 8.44 -6.02 5.30
CA ASN A 27 8.76 -6.72 6.53
C ASN A 27 10.18 -7.30 6.45
N CYS A 28 10.99 -6.65 5.61
CA CYS A 28 12.36 -7.09 5.43
C CYS A 28 13.21 -6.47 6.53
N ARG A 29 13.75 -7.33 7.39
CA ARG A 29 14.59 -6.88 8.48
C ARG A 29 15.99 -6.52 7.98
N ALA A 30 16.17 -6.68 6.68
CA ALA A 30 17.44 -6.36 6.05
C ALA A 30 17.64 -4.85 6.01
N PRO A 31 18.94 -4.44 6.00
CA PRO A 31 19.27 -3.02 5.97
C PRO A 31 19.03 -2.44 4.57
N ARG A 32 19.32 -1.16 4.45
CA ARG A 32 19.14 -0.46 3.18
C ARG A 32 20.01 0.79 3.13
N LYS A 33 19.80 1.66 4.11
CA LYS A 33 20.56 2.89 4.20
C LYS A 33 22.04 2.56 4.42
N LYS A 34 22.86 3.60 4.34
CA LYS A 34 24.29 3.44 4.53
C LYS A 34 24.81 2.35 3.59
N GLY A 35 25.18 2.79 2.39
CA GLY A 35 25.69 1.87 1.39
C GLY A 35 27.19 2.10 1.15
N CYS A 36 27.52 2.31 -0.12
CA CYS A 36 28.90 2.55 -0.50
C CYS A 36 29.52 3.51 0.52
N TRP A 37 30.60 3.06 1.13
CA TRP A 37 31.30 3.86 2.12
C TRP A 37 32.37 4.68 1.39
N LYS A 38 32.26 4.70 0.07
CA LYS A 38 33.20 5.44 -0.74
C LYS A 38 32.55 6.73 -1.24
N CYS A 39 31.33 6.59 -1.73
CA CYS A 39 30.59 7.73 -2.24
C CYS A 39 29.46 8.05 -1.26
N GLY A 40 29.10 7.04 -0.47
CA GLY A 40 28.05 7.21 0.52
C GLY A 40 26.69 6.83 -0.07
N LYS A 41 26.73 6.33 -1.29
CA LYS A 41 25.51 5.93 -1.99
C LYS A 41 24.89 4.74 -1.26
N GLU A 42 23.74 4.97 -0.66
CA GLU A 42 23.03 3.93 0.06
C GLU A 42 22.45 2.91 -0.92
N GLY A 43 23.34 2.28 -1.68
CA GLY A 43 22.93 1.28 -2.64
C GLY A 43 24.07 0.31 -2.95
N HIS A 44 25.02 0.79 -3.74
CA HIS A 44 26.16 -0.02 -4.12
C HIS A 44 27.21 0.01 -3.01
N GLN A 45 28.20 -0.84 -3.14
CA GLN A 45 29.27 -0.92 -2.16
C GLN A 45 30.61 -0.58 -2.79
N MET A 46 31.62 -0.46 -1.94
CA MET A 46 32.96 -0.14 -2.40
C MET A 46 33.47 -1.19 -3.40
N LYS A 47 33.18 -2.44 -3.09
CA LYS A 47 33.59 -3.54 -3.94
C LYS A 47 32.85 -3.45 -5.28
N ASP A 48 31.76 -2.71 -5.26
CA ASP A 48 30.95 -2.54 -6.46
C ASP A 48 30.92 -1.06 -6.84
N CYS A 49 31.83 -0.31 -6.25
CA CYS A 49 31.92 1.12 -6.51
C CYS A 49 32.72 1.32 -7.79
N THR A 50 32.02 1.71 -8.84
CA THR A 50 32.65 1.94 -10.13
C THR A 50 33.14 3.39 -10.24
N GLU A 51 33.04 4.09 -9.11
CA GLU A 51 33.46 5.49 -9.06
C GLU A 51 34.97 5.59 -9.31
N ARG A 52 35.73 4.95 -8.43
CA ARG A 52 37.17 4.97 -8.54
C ARG A 52 37.71 3.54 -8.67
N GLN A 53 37.72 3.06 -9.91
CA GLN A 53 38.21 1.72 -10.18
C GLN A 53 38.17 1.44 -11.68
N ALA A 54 39.33 1.05 -12.20
CA ALA A 54 39.44 0.74 -13.62
C ALA A 54 38.73 -0.58 -13.91
N ASN A 55 38.59 -0.86 -15.21
CA ASN A 55 37.92 -2.08 -15.64
C ASN A 55 38.89 -3.27 -15.47
ZN ZN B . 13.77 -9.60 3.27
ZN ZN C . 30.70 4.24 -4.53
N MET A 1 -1.52 0.84 0.63
CA MET A 1 -2.33 -0.29 1.04
C MET A 1 -2.74 -1.14 -0.17
N GLN A 2 -3.36 -0.48 -1.14
CA GLN A 2 -3.81 -1.16 -2.34
C GLN A 2 -4.46 -2.50 -1.99
N LYS A 3 -4.59 -3.33 -3.00
CA LYS A 3 -5.19 -4.65 -2.82
C LYS A 3 -4.28 -5.50 -1.94
N GLY A 4 -4.85 -6.58 -1.43
CA GLY A 4 -4.11 -7.49 -0.57
C GLY A 4 -3.03 -8.22 -1.37
N ASN A 5 -1.86 -7.60 -1.43
CA ASN A 5 -0.74 -8.20 -2.15
C ASN A 5 -0.26 -9.45 -1.42
N PHE A 6 0.50 -10.26 -2.12
CA PHE A 6 1.02 -11.48 -1.55
C PHE A 6 1.95 -12.20 -2.54
N ARG A 7 1.42 -12.42 -3.74
CA ARG A 7 2.17 -13.09 -4.78
C ARG A 7 3.63 -12.62 -4.76
N ASN A 8 4.53 -13.61 -4.86
CA ASN A 8 5.95 -13.31 -4.86
C ASN A 8 6.74 -14.62 -4.98
N GLN A 9 7.19 -14.88 -6.19
CA GLN A 9 7.96 -16.09 -6.46
C GLN A 9 9.00 -15.83 -7.55
N ARG A 10 9.91 -16.79 -7.70
CA ARG A 10 10.95 -16.68 -8.71
C ARG A 10 11.44 -15.23 -8.81
N LYS A 11 10.85 -14.50 -9.74
CA LYS A 11 11.21 -13.11 -9.95
C LYS A 11 10.13 -12.43 -10.79
N THR A 12 9.79 -11.21 -10.37
CA THR A 12 8.78 -10.44 -11.07
C THR A 12 9.07 -8.94 -10.94
N VAL A 13 9.47 -8.36 -12.07
CA VAL A 13 9.78 -6.94 -12.10
C VAL A 13 10.71 -6.60 -10.94
N LYS A 14 11.02 -5.31 -10.81
CA LYS A 14 11.89 -4.85 -9.76
C LYS A 14 11.31 -3.58 -9.14
N CYS A 15 11.27 -3.56 -7.81
CA CYS A 15 10.75 -2.43 -7.09
C CYS A 15 11.85 -1.38 -6.96
N PHE A 16 11.65 -0.26 -7.66
CA PHE A 16 12.62 0.82 -7.64
C PHE A 16 12.36 1.75 -6.46
N ASN A 17 11.49 1.32 -5.57
CA ASN A 17 11.15 2.10 -4.40
C ASN A 17 11.92 1.57 -3.18
N CYS A 18 11.89 0.24 -3.05
CA CYS A 18 12.57 -0.41 -1.94
C CYS A 18 13.84 -1.08 -2.49
N GLY A 19 13.72 -1.56 -3.72
CA GLY A 19 14.85 -2.22 -4.36
C GLY A 19 14.63 -3.74 -4.41
N LYS A 20 13.57 -4.18 -3.75
CA LYS A 20 13.25 -5.59 -3.70
C LYS A 20 12.60 -6.01 -5.03
N GLU A 21 13.08 -7.13 -5.54
CA GLU A 21 12.55 -7.65 -6.80
C GLU A 21 11.30 -8.49 -6.55
N GLY A 22 10.38 -8.43 -7.51
CA GLY A 22 9.15 -9.18 -7.41
C GLY A 22 7.94 -8.24 -7.46
N HIS A 23 8.22 -6.97 -7.68
CA HIS A 23 7.18 -5.97 -7.75
C HIS A 23 7.76 -4.63 -8.21
N ILE A 24 6.88 -3.72 -8.58
CA ILE A 24 7.29 -2.41 -9.05
C ILE A 24 7.05 -1.37 -7.94
N ALA A 25 7.65 -0.21 -8.13
CA ALA A 25 7.50 0.87 -7.16
C ALA A 25 6.02 1.20 -6.98
N LYS A 26 5.32 1.25 -8.12
CA LYS A 26 3.90 1.54 -8.10
C LYS A 26 3.17 0.49 -7.27
N ASN A 27 3.83 -0.64 -7.10
CA ASN A 27 3.26 -1.74 -6.33
C ASN A 27 4.14 -2.02 -5.11
N CYS A 28 4.77 -0.97 -4.63
CA CYS A 28 5.65 -1.08 -3.47
C CYS A 28 4.78 -1.09 -2.21
N ARG A 29 4.95 -2.13 -1.41
CA ARG A 29 4.19 -2.26 -0.18
C ARG A 29 5.11 -2.06 1.02
N ALA A 30 6.37 -1.80 0.73
CA ALA A 30 7.36 -1.58 1.78
C ALA A 30 7.11 -2.59 2.91
N PRO A 31 7.73 -3.79 2.75
CA PRO A 31 7.60 -4.85 3.74
C PRO A 31 8.43 -4.54 4.99
N ARG A 32 7.76 -4.01 6.00
CA ARG A 32 8.44 -3.67 7.24
C ARG A 32 7.47 -3.81 8.42
N LYS A 33 6.31 -3.18 8.28
CA LYS A 33 5.30 -3.22 9.32
C LYS A 33 5.23 -4.64 9.90
N LYS A 34 5.48 -5.61 9.03
CA LYS A 34 5.45 -7.00 9.44
C LYS A 34 6.10 -7.14 10.83
N GLY A 35 7.36 -6.72 10.90
CA GLY A 35 8.09 -6.79 12.14
C GLY A 35 7.46 -5.89 13.22
N CYS A 36 8.09 -5.86 14.37
CA CYS A 36 7.60 -5.06 15.48
C CYS A 36 7.98 -3.59 15.21
N TRP A 37 6.96 -2.77 15.00
CA TRP A 37 7.18 -1.37 14.73
C TRP A 37 7.14 -0.63 16.07
N LYS A 38 7.22 -1.40 17.14
CA LYS A 38 7.19 -0.84 18.48
C LYS A 38 8.60 -0.86 19.07
N CYS A 39 9.27 -1.99 18.89
CA CYS A 39 10.61 -2.16 19.39
C CYS A 39 11.59 -2.14 18.20
N GLY A 40 11.05 -2.49 17.04
CA GLY A 40 11.85 -2.51 15.83
C GLY A 40 12.46 -3.89 15.60
N LYS A 41 11.89 -4.88 16.28
CA LYS A 41 12.37 -6.24 16.15
C LYS A 41 11.64 -6.94 15.01
N GLU A 42 12.38 -7.21 13.95
CA GLU A 42 11.82 -7.87 12.78
C GLU A 42 11.56 -9.34 13.08
N GLY A 43 10.28 -9.67 13.22
CA GLY A 43 9.88 -11.03 13.52
C GLY A 43 8.54 -11.06 14.25
N HIS A 44 8.48 -10.33 15.35
CA HIS A 44 7.26 -10.26 16.14
C HIS A 44 6.58 -8.91 15.94
N GLN A 45 5.36 -8.82 16.44
CA GLN A 45 4.59 -7.59 16.32
C GLN A 45 4.27 -7.03 17.70
N MET A 46 3.75 -5.81 17.71
CA MET A 46 3.39 -5.15 18.95
C MET A 46 2.41 -6.00 19.76
N LYS A 47 1.34 -6.40 19.10
CA LYS A 47 0.32 -7.22 19.74
C LYS A 47 0.96 -8.50 20.27
N ASP A 48 2.13 -8.81 19.72
CA ASP A 48 2.85 -10.00 20.12
C ASP A 48 4.30 -9.63 20.45
N CYS A 49 4.45 -8.49 21.12
CA CYS A 49 5.77 -8.02 21.51
C CYS A 49 6.22 -8.79 22.74
N THR A 50 7.17 -9.69 22.51
CA THR A 50 7.70 -10.51 23.60
C THR A 50 8.89 -9.81 24.26
N GLU A 51 9.08 -8.55 23.88
CA GLU A 51 10.17 -7.76 24.42
C GLU A 51 9.84 -7.30 25.84
N ARG A 52 8.89 -6.39 25.93
CA ARG A 52 8.47 -5.85 27.21
C ARG A 52 7.11 -5.16 27.08
N GLN A 53 7.12 -4.04 26.38
CA GLN A 53 5.90 -3.27 26.17
C GLN A 53 4.81 -4.16 25.56
N ALA A 54 3.58 -3.69 25.68
CA ALA A 54 2.45 -4.44 25.14
C ALA A 54 2.25 -5.72 25.96
N ASN A 55 1.00 -6.17 25.98
CA ASN A 55 0.66 -7.38 26.72
C ASN A 55 -0.85 -7.59 26.66
ZN ZN B . 8.77 -2.18 -2.79
ZN ZN C . 8.24 -5.59 20.13
N MET A 1 -1.52 0.84 0.63
CA MET A 1 -2.33 -0.29 1.04
C MET A 1 -1.67 -1.05 2.19
N GLN A 2 -0.36 -0.92 2.26
CA GLN A 2 0.40 -1.59 3.31
C GLN A 2 0.03 -3.08 3.37
N LYS A 3 0.66 -3.84 2.50
CA LYS A 3 0.41 -5.27 2.43
C LYS A 3 0.66 -5.88 3.82
N GLY A 4 1.89 -5.73 4.28
CA GLY A 4 2.26 -6.25 5.58
C GLY A 4 3.57 -5.62 6.07
N ASN A 5 4.57 -6.48 6.27
CA ASN A 5 5.86 -6.03 6.74
C ASN A 5 6.87 -7.18 6.64
N PHE A 6 6.45 -8.32 7.16
CA PHE A 6 7.29 -9.50 7.15
C PHE A 6 7.86 -9.76 5.75
N ARG A 7 8.70 -10.78 5.66
CA ARG A 7 9.32 -11.13 4.40
C ARG A 7 9.73 -9.87 3.64
N ASN A 8 9.96 -10.05 2.34
CA ASN A 8 10.37 -8.94 1.49
C ASN A 8 9.51 -8.94 0.23
N GLN A 9 9.45 -7.79 -0.42
CA GLN A 9 8.68 -7.64 -1.64
C GLN A 9 9.38 -6.69 -2.61
N ARG A 10 10.15 -7.28 -3.51
CA ARG A 10 10.88 -6.50 -4.50
C ARG A 10 10.82 -7.18 -5.86
N LYS A 11 11.12 -8.47 -5.86
CA LYS A 11 11.11 -9.25 -7.09
C LYS A 11 10.72 -10.69 -6.76
N THR A 12 11.67 -11.40 -6.17
CA THR A 12 11.43 -12.79 -5.80
C THR A 12 11.77 -13.02 -4.33
N VAL A 13 13.03 -13.31 -4.06
CA VAL A 13 13.49 -13.54 -2.71
C VAL A 13 14.85 -12.89 -2.51
N LYS A 14 15.15 -12.60 -1.25
CA LYS A 14 16.43 -11.98 -0.91
C LYS A 14 17.06 -12.74 0.26
N CYS A 15 18.30 -13.17 0.03
CA CYS A 15 19.03 -13.90 1.05
C CYS A 15 19.27 -12.97 2.23
N PHE A 16 18.67 -13.35 3.37
CA PHE A 16 18.81 -12.56 4.57
C PHE A 16 20.07 -12.96 5.35
N ASN A 17 20.95 -13.67 4.66
CA ASN A 17 22.19 -14.11 5.27
C ASN A 17 23.34 -13.30 4.71
N CYS A 18 23.36 -13.17 3.39
CA CYS A 18 24.41 -12.42 2.71
C CYS A 18 23.81 -11.09 2.24
N GLY A 19 22.52 -11.12 1.95
CA GLY A 19 21.82 -9.93 1.48
C GLY A 19 21.81 -9.87 -0.04
N LYS A 20 21.93 -11.04 -0.66
CA LYS A 20 21.93 -11.13 -2.10
C LYS A 20 20.53 -11.48 -2.59
N GLU A 21 20.05 -10.68 -3.54
CA GLU A 21 18.72 -10.89 -4.10
C GLU A 21 18.75 -12.02 -5.14
N GLY A 22 18.00 -13.07 -4.85
CA GLY A 22 17.94 -14.21 -5.74
C GLY A 22 17.67 -15.50 -4.96
N HIS A 23 18.50 -15.72 -3.95
CA HIS A 23 18.37 -16.91 -3.12
C HIS A 23 17.89 -16.50 -1.72
N ILE A 24 17.38 -17.49 -1.00
CA ILE A 24 16.89 -17.26 0.35
C ILE A 24 18.00 -17.57 1.36
N ALA A 25 17.85 -16.99 2.54
CA ALA A 25 18.83 -17.21 3.59
C ALA A 25 18.91 -18.70 3.92
N LYS A 26 17.75 -19.34 3.94
CA LYS A 26 17.68 -20.76 4.23
C LYS A 26 18.40 -21.54 3.13
N ASN A 27 18.59 -20.87 2.00
CA ASN A 27 19.26 -21.49 0.87
C ASN A 27 20.56 -20.72 0.58
N CYS A 28 21.13 -20.16 1.64
CA CYS A 28 22.37 -19.40 1.50
C CYS A 28 23.53 -20.39 1.41
N ARG A 29 24.07 -20.51 0.21
CA ARG A 29 25.19 -21.41 -0.02
C ARG A 29 26.52 -20.69 0.24
N ALA A 30 26.42 -19.59 0.95
CA ALA A 30 27.60 -18.81 1.27
C ALA A 30 27.58 -18.46 2.76
N PRO A 31 27.72 -19.51 3.61
CA PRO A 31 27.72 -19.32 5.05
C PRO A 31 29.04 -18.72 5.52
N ARG A 32 28.97 -18.03 6.65
CA ARG A 32 30.14 -17.41 7.22
C ARG A 32 30.60 -16.24 6.35
N LYS A 33 30.93 -16.56 5.10
CA LYS A 33 31.38 -15.55 4.16
C LYS A 33 32.74 -15.02 4.60
N LYS A 34 33.39 -14.31 3.69
CA LYS A 34 34.69 -13.73 3.97
C LYS A 34 34.65 -13.05 5.34
N GLY A 35 35.79 -13.11 6.02
CA GLY A 35 35.90 -12.50 7.33
C GLY A 35 35.31 -11.09 7.34
N CYS A 36 35.24 -10.51 8.53
CA CYS A 36 34.71 -9.17 8.67
C CYS A 36 35.59 -8.21 7.89
N TRP A 37 35.00 -7.61 6.86
CA TRP A 37 35.72 -6.68 6.03
C TRP A 37 35.52 -5.28 6.60
N LYS A 38 35.03 -5.24 7.82
CA LYS A 38 34.78 -3.98 8.50
C LYS A 38 35.88 -3.73 9.54
N CYS A 39 36.20 -4.79 10.27
CA CYS A 39 37.23 -4.71 11.29
C CYS A 39 38.46 -5.47 10.80
N GLY A 40 38.20 -6.44 9.93
CA GLY A 40 39.28 -7.25 9.38
C GLY A 40 39.48 -8.52 10.19
N LYS A 41 38.48 -8.83 11.01
CA LYS A 41 38.53 -10.02 11.85
C LYS A 41 37.74 -11.15 11.18
N GLU A 42 38.41 -12.26 10.98
CA GLU A 42 37.79 -13.42 10.36
C GLU A 42 36.99 -14.22 11.40
N GLY A 43 35.75 -14.52 11.05
CA GLY A 43 34.88 -15.27 11.94
C GLY A 43 33.46 -14.71 11.92
N HIS A 44 33.38 -13.39 12.03
CA HIS A 44 32.09 -12.72 12.03
C HIS A 44 31.91 -11.95 10.73
N GLN A 45 30.77 -11.29 10.62
CA GLN A 45 30.46 -10.51 9.42
C GLN A 45 30.04 -9.09 9.81
N MET A 46 29.79 -8.29 8.78
CA MET A 46 29.37 -6.91 8.99
C MET A 46 28.13 -6.85 9.90
N LYS A 47 27.13 -7.65 9.54
CA LYS A 47 25.90 -7.68 10.31
C LYS A 47 26.21 -8.15 11.73
N ASP A 48 27.36 -8.78 11.88
CA ASP A 48 27.78 -9.28 13.18
C ASP A 48 29.13 -8.65 13.55
N CYS A 49 29.30 -7.40 13.15
CA CYS A 49 30.53 -6.67 13.44
C CYS A 49 30.44 -6.14 14.86
N THR A 50 31.26 -6.74 15.73
CA THR A 50 31.29 -6.34 17.13
C THR A 50 32.02 -5.00 17.28
N GLU A 51 32.52 -4.51 16.16
CA GLU A 51 33.24 -3.25 16.16
C GLU A 51 32.26 -2.08 16.02
N ARG A 52 31.20 -2.14 16.81
CA ARG A 52 30.18 -1.10 16.78
C ARG A 52 29.94 -0.63 15.35
N GLN A 53 30.13 -1.55 14.42
CA GLN A 53 29.94 -1.25 13.01
C GLN A 53 30.87 -0.12 12.57
N ALA A 54 31.25 -0.15 11.31
CA ALA A 54 32.14 0.86 10.76
C ALA A 54 33.30 1.08 11.72
N ASN A 55 34.39 0.36 11.47
CA ASN A 55 35.57 0.47 12.30
C ASN A 55 35.93 1.94 12.48
ZN ZN B . 23.34 -15.99 0.92
ZN ZN C . 33.66 -6.62 12.58
N MET A 1 -1.52 0.84 0.63
CA MET A 1 -2.33 -0.29 1.04
C MET A 1 -1.78 -0.93 2.31
N GLN A 2 -0.51 -1.30 2.25
CA GLN A 2 0.14 -1.93 3.39
C GLN A 2 1.66 -1.91 3.19
N LYS A 3 2.11 -2.56 2.14
CA LYS A 3 3.52 -2.64 1.84
C LYS A 3 4.05 -1.22 1.58
N GLY A 4 3.19 -0.39 1.01
CA GLY A 4 3.57 0.98 0.72
C GLY A 4 2.48 1.95 1.17
N ASN A 5 2.91 3.07 1.73
CA ASN A 5 2.00 4.09 2.21
C ASN A 5 1.67 5.05 1.08
N PHE A 6 0.54 4.80 0.42
CA PHE A 6 0.11 5.65 -0.68
C PHE A 6 0.17 7.13 -0.30
N ARG A 7 0.00 7.98 -1.30
CA ARG A 7 0.04 9.41 -1.09
C ARG A 7 -1.17 10.08 -1.76
N ASN A 8 -2.26 10.12 -1.03
CA ASN A 8 -3.49 10.72 -1.54
C ASN A 8 -3.70 10.28 -2.99
N GLN A 9 -4.61 10.97 -3.66
CA GLN A 9 -4.92 10.66 -5.04
C GLN A 9 -5.46 11.89 -5.76
N ARG A 10 -4.54 12.62 -6.37
CA ARG A 10 -4.91 13.82 -7.10
C ARG A 10 -5.38 13.48 -8.51
N LYS A 11 -5.96 14.47 -9.18
CA LYS A 11 -6.44 14.28 -10.53
C LYS A 11 -7.10 12.90 -10.65
N THR A 12 -7.67 12.46 -9.53
CA THR A 12 -8.33 11.17 -9.49
C THR A 12 -9.55 11.16 -10.42
N VAL A 13 -9.55 10.20 -11.33
CA VAL A 13 -10.65 10.07 -12.28
C VAL A 13 -10.98 8.59 -12.47
N LYS A 14 -12.21 8.35 -12.89
CA LYS A 14 -12.67 6.99 -13.12
C LYS A 14 -13.34 6.90 -14.49
N CYS A 15 -12.82 5.99 -15.32
CA CYS A 15 -13.35 5.80 -16.65
C CYS A 15 -14.74 5.17 -16.52
N PHE A 16 -15.74 5.94 -16.91
CA PHE A 16 -17.12 5.47 -16.84
C PHE A 16 -17.49 4.71 -18.11
N ASN A 17 -16.47 4.35 -18.88
CA ASN A 17 -16.68 3.61 -20.11
C ASN A 17 -16.29 2.15 -19.91
N CYS A 18 -15.16 1.96 -19.25
CA CYS A 18 -14.67 0.62 -18.99
C CYS A 18 -14.81 0.34 -17.49
N GLY A 19 -14.62 1.40 -16.71
CA GLY A 19 -14.74 1.28 -15.26
C GLY A 19 -13.34 1.16 -14.62
N LYS A 20 -12.36 1.71 -15.31
CA LYS A 20 -10.99 1.66 -14.83
C LYS A 20 -10.60 3.04 -14.29
N GLU A 21 -10.00 3.03 -13.11
CA GLU A 21 -9.58 4.27 -12.48
C GLU A 21 -8.24 4.74 -13.08
N GLY A 22 -8.24 6.00 -13.51
CA GLY A 22 -7.04 6.57 -14.10
C GLY A 22 -7.40 7.54 -15.23
N HIS A 23 -8.38 7.13 -16.03
CA HIS A 23 -8.83 7.95 -17.15
C HIS A 23 -10.35 8.10 -17.10
N ILE A 24 -10.85 9.00 -17.93
CA ILE A 24 -12.29 9.24 -17.99
C ILE A 24 -12.88 8.47 -19.17
N ALA A 25 -14.20 8.35 -19.15
CA ALA A 25 -14.90 7.64 -20.21
C ALA A 25 -14.63 8.33 -21.55
N LYS A 26 -14.62 9.66 -21.50
CA LYS A 26 -14.37 10.44 -22.69
C LYS A 26 -12.92 10.24 -23.15
N ASN A 27 -12.11 9.75 -22.22
CA ASN A 27 -10.71 9.50 -22.50
C ASN A 27 -10.46 8.00 -22.56
N CYS A 28 -11.54 7.26 -22.76
CA CYS A 28 -11.46 5.81 -22.83
C CYS A 28 -10.90 5.43 -24.21
N ARG A 29 -9.69 4.88 -24.19
CA ARG A 29 -9.04 4.47 -25.42
C ARG A 29 -9.64 3.14 -25.93
N ALA A 30 -10.61 2.65 -25.18
CA ALA A 30 -11.27 1.41 -25.53
C ALA A 30 -12.70 1.71 -25.99
N PRO A 31 -13.23 0.80 -26.85
CA PRO A 31 -14.59 0.96 -27.38
C PRO A 31 -15.62 0.60 -26.31
N ARG A 32 -15.72 -0.68 -26.02
CA ARG A 32 -16.66 -1.16 -25.02
C ARG A 32 -15.92 -1.73 -23.82
N LYS A 33 -14.74 -2.28 -24.09
CA LYS A 33 -13.92 -2.87 -23.04
C LYS A 33 -12.64 -3.42 -23.65
N LYS A 34 -12.79 -4.51 -24.39
CA LYS A 34 -11.65 -5.14 -25.04
C LYS A 34 -12.12 -6.39 -25.78
N GLY A 35 -11.45 -6.66 -26.90
CA GLY A 35 -11.79 -7.82 -27.70
C GLY A 35 -11.64 -7.51 -29.20
N CYS A 36 -11.41 -8.56 -29.96
CA CYS A 36 -11.25 -8.41 -31.41
C CYS A 36 -12.55 -7.85 -31.98
N TRP A 37 -12.45 -6.61 -32.47
CA TRP A 37 -13.61 -5.95 -33.05
C TRP A 37 -13.62 -6.26 -34.55
N LYS A 38 -12.84 -7.26 -34.93
CA LYS A 38 -12.76 -7.66 -36.32
C LYS A 38 -13.53 -8.97 -36.52
N CYS A 39 -13.32 -9.88 -35.57
CA CYS A 39 -13.98 -11.18 -35.63
C CYS A 39 -15.04 -11.21 -34.53
N GLY A 40 -14.82 -10.40 -33.50
CA GLY A 40 -15.75 -10.33 -32.39
C GLY A 40 -15.26 -11.18 -31.22
N LYS A 41 -14.21 -11.94 -31.48
CA LYS A 41 -13.63 -12.81 -30.46
C LYS A 41 -12.87 -11.95 -29.45
N GLU A 42 -13.44 -11.84 -28.26
CA GLU A 42 -12.82 -11.06 -27.21
C GLU A 42 -11.67 -11.84 -26.56
N GLY A 43 -10.47 -11.33 -26.76
CA GLY A 43 -9.29 -11.97 -26.21
C GLY A 43 -8.06 -11.71 -27.08
N HIS A 44 -8.32 -11.49 -28.36
CA HIS A 44 -7.25 -11.22 -29.30
C HIS A 44 -7.63 -10.03 -30.18
N GLN A 45 -6.79 -9.76 -31.18
CA GLN A 45 -7.02 -8.67 -32.09
C GLN A 45 -6.29 -8.91 -33.41
N MET A 46 -6.30 -7.89 -34.25
CA MET A 46 -5.65 -7.98 -35.54
C MET A 46 -4.29 -8.65 -35.43
N LYS A 47 -3.59 -8.32 -34.35
CA LYS A 47 -2.28 -8.88 -34.10
C LYS A 47 -2.27 -10.36 -34.49
N ASP A 48 -3.29 -11.07 -34.01
CA ASP A 48 -3.43 -12.48 -34.31
C ASP A 48 -4.87 -12.78 -34.71
N CYS A 49 -5.40 -11.92 -35.57
CA CYS A 49 -6.76 -12.10 -36.04
C CYS A 49 -6.74 -12.97 -37.30
N THR A 50 -7.23 -14.19 -37.13
CA THR A 50 -7.26 -15.14 -38.23
C THR A 50 -8.44 -14.81 -39.17
N GLU A 51 -9.15 -13.75 -38.83
CA GLU A 51 -10.28 -13.32 -39.64
C GLU A 51 -11.54 -14.09 -39.23
N ARG A 52 -11.51 -15.40 -39.49
CA ARG A 52 -12.64 -16.25 -39.15
C ARG A 52 -13.90 -15.78 -39.88
N GLN A 53 -14.12 -16.34 -41.06
CA GLN A 53 -15.27 -15.99 -41.87
C GLN A 53 -15.55 -17.07 -42.91
N ALA A 54 -15.99 -18.23 -42.43
CA ALA A 54 -16.29 -19.33 -43.32
C ALA A 54 -17.36 -18.92 -44.32
N ASN A 55 -18.51 -18.55 -43.79
CA ASN A 55 -19.63 -18.13 -44.63
C ASN A 55 -19.83 -16.62 -44.45
ZN ZN B . -11.74 3.26 -20.37
ZN ZN C . -9.88 -11.59 -34.62
N MET A 1 -1.52 0.84 0.63
CA MET A 1 -2.33 -0.29 1.04
C MET A 1 -2.50 -1.29 -0.11
N GLN A 2 -2.58 -2.56 0.25
CA GLN A 2 -2.74 -3.61 -0.72
C GLN A 2 -2.90 -4.97 -0.03
N LYS A 3 -3.37 -5.94 -0.81
CA LYS A 3 -3.58 -7.28 -0.28
C LYS A 3 -3.99 -8.21 -1.42
N GLY A 4 -3.06 -8.38 -2.35
CA GLY A 4 -3.31 -9.24 -3.50
C GLY A 4 -2.29 -8.98 -4.60
N ASN A 5 -1.03 -9.20 -4.26
CA ASN A 5 0.06 -9.00 -5.22
C ASN A 5 -0.24 -9.80 -6.48
N PHE A 6 -0.59 -9.08 -7.54
CA PHE A 6 -0.90 -9.72 -8.81
C PHE A 6 -1.00 -8.68 -9.92
N ARG A 7 -1.78 -7.64 -9.65
CA ARG A 7 -1.97 -6.57 -10.62
C ARG A 7 -0.64 -5.89 -10.94
N ASN A 8 -0.03 -6.34 -12.02
CA ASN A 8 1.25 -5.78 -12.44
C ASN A 8 2.13 -5.55 -11.22
N GLN A 9 2.88 -6.58 -10.87
CA GLN A 9 3.78 -6.50 -9.73
C GLN A 9 5.06 -5.77 -10.10
N ARG A 10 5.72 -6.28 -11.13
CA ARG A 10 6.96 -5.69 -11.60
C ARG A 10 6.81 -4.17 -11.73
N LYS A 11 5.90 -3.77 -12.60
CA LYS A 11 5.65 -2.36 -12.83
C LYS A 11 4.38 -1.95 -12.08
N THR A 12 4.59 -1.13 -11.06
CA THR A 12 3.48 -0.65 -10.24
C THR A 12 3.40 0.87 -10.31
N VAL A 13 4.38 1.52 -9.70
CA VAL A 13 4.43 2.97 -9.69
C VAL A 13 5.88 3.43 -9.83
N LYS A 14 6.03 4.65 -10.34
CA LYS A 14 7.35 5.21 -10.53
C LYS A 14 7.53 6.43 -9.62
N CYS A 15 8.65 6.45 -8.91
CA CYS A 15 8.95 7.54 -8.00
C CYS A 15 9.57 8.67 -8.80
N PHE A 16 8.84 9.79 -8.87
CA PHE A 16 9.31 10.94 -9.60
C PHE A 16 10.19 11.83 -8.71
N ASN A 17 10.48 11.32 -7.52
CA ASN A 17 11.30 12.05 -6.58
C ASN A 17 12.75 11.59 -6.72
N CYS A 18 12.93 10.29 -6.85
CA CYS A 18 14.25 9.71 -7.00
C CYS A 18 14.41 9.24 -8.45
N GLY A 19 13.35 8.67 -8.97
CA GLY A 19 13.36 8.17 -10.33
C GLY A 19 13.49 6.65 -10.37
N LYS A 20 13.07 6.03 -9.27
CA LYS A 20 13.13 4.58 -9.17
C LYS A 20 11.72 4.01 -9.07
N GLU A 21 11.53 2.86 -9.71
CA GLU A 21 10.23 2.22 -9.69
C GLU A 21 10.10 1.31 -8.47
N GLY A 22 8.87 1.21 -7.97
CA GLY A 22 8.60 0.39 -6.81
C GLY A 22 7.92 1.22 -5.71
N HIS A 23 7.72 2.48 -6.00
CA HIS A 23 7.07 3.38 -5.05
C HIS A 23 6.70 4.69 -5.75
N ILE A 24 6.19 5.62 -4.96
CA ILE A 24 5.79 6.91 -5.49
C ILE A 24 6.60 8.02 -4.80
N ALA A 25 6.56 9.19 -5.40
CA ALA A 25 7.28 10.34 -4.85
C ALA A 25 6.81 10.59 -3.41
N LYS A 26 5.51 10.41 -3.21
CA LYS A 26 4.92 10.62 -1.91
C LYS A 26 5.45 9.56 -0.94
N ASN A 27 5.79 8.41 -1.51
CA ASN A 27 6.31 7.31 -0.71
C ASN A 27 7.85 7.34 -0.74
N CYS A 28 8.37 8.47 -1.17
CA CYS A 28 9.81 8.64 -1.25
C CYS A 28 10.32 9.13 0.11
N ARG A 29 11.21 8.35 0.69
CA ARG A 29 11.77 8.68 1.99
C ARG A 29 13.06 9.50 1.81
N ALA A 30 13.36 9.80 0.56
CA ALA A 30 14.55 10.57 0.24
C ALA A 30 14.35 12.02 0.70
N PRO A 31 15.48 12.69 0.99
CA PRO A 31 15.45 14.08 1.43
C PRO A 31 15.15 15.02 0.27
N ARG A 32 14.03 14.75 -0.39
CA ARG A 32 13.62 15.56 -1.52
C ARG A 32 14.59 15.40 -2.69
N LYS A 33 15.79 15.92 -2.49
CA LYS A 33 16.82 15.83 -3.52
C LYS A 33 16.41 16.67 -4.72
N LYS A 34 17.41 17.14 -5.45
CA LYS A 34 17.17 17.96 -6.62
C LYS A 34 16.59 19.31 -6.20
N GLY A 35 16.60 20.25 -7.13
CA GLY A 35 16.09 21.58 -6.87
C GLY A 35 17.19 22.50 -6.34
N CYS A 36 17.47 23.54 -7.11
CA CYS A 36 18.50 24.50 -6.73
C CYS A 36 17.94 25.38 -5.61
N TRP A 37 18.57 25.27 -4.46
CA TRP A 37 18.15 26.04 -3.30
C TRP A 37 18.95 27.35 -3.30
N LYS A 38 19.58 27.63 -4.44
CA LYS A 38 20.37 28.83 -4.57
C LYS A 38 19.61 29.85 -5.42
N CYS A 39 19.02 29.36 -6.50
CA CYS A 39 18.25 30.20 -7.40
C CYS A 39 16.77 29.88 -7.22
N GLY A 40 16.52 28.65 -6.75
CA GLY A 40 15.16 28.21 -6.54
C GLY A 40 14.60 27.54 -7.79
N LYS A 41 15.50 27.26 -8.73
CA LYS A 41 15.11 26.63 -9.98
C LYS A 41 15.00 25.12 -9.76
N GLU A 42 13.78 24.62 -9.93
CA GLU A 42 13.53 23.20 -9.76
C GLU A 42 13.95 22.42 -11.01
N GLY A 43 15.25 22.17 -11.10
CA GLY A 43 15.80 21.44 -12.23
C GLY A 43 17.30 21.17 -12.03
N HIS A 44 18.06 22.25 -12.07
CA HIS A 44 19.50 22.16 -11.90
C HIS A 44 19.85 22.17 -10.42
N GLN A 45 21.05 21.69 -10.11
CA GLN A 45 21.51 21.66 -8.74
C GLN A 45 22.66 22.64 -8.53
N MET A 46 23.24 22.58 -7.34
CA MET A 46 24.36 23.46 -7.01
C MET A 46 25.55 23.21 -7.94
N LYS A 47 25.74 21.94 -8.27
CA LYS A 47 26.84 21.56 -9.14
C LYS A 47 26.60 22.14 -10.53
N ASP A 48 25.35 22.50 -10.79
CA ASP A 48 24.99 23.07 -12.08
C ASP A 48 24.38 24.47 -11.86
N CYS A 49 24.60 24.98 -10.65
CA CYS A 49 24.09 26.30 -10.30
C CYS A 49 25.13 27.34 -10.73
N THR A 50 24.78 28.08 -11.78
CA THR A 50 25.67 29.11 -12.28
C THR A 50 25.59 30.36 -11.41
N GLU A 51 24.75 30.28 -10.39
CA GLU A 51 24.58 31.39 -9.47
C GLU A 51 25.86 31.65 -8.69
N ARG A 52 26.29 30.63 -7.96
CA ARG A 52 27.50 30.73 -7.16
C ARG A 52 28.72 30.85 -8.08
N GLN A 53 29.08 32.09 -8.38
CA GLN A 53 30.22 32.35 -9.24
C GLN A 53 30.68 33.80 -9.08
N ALA A 54 31.90 33.95 -8.59
CA ALA A 54 32.48 35.26 -8.37
C ALA A 54 31.65 36.01 -7.32
N ASN A 55 32.33 36.92 -6.63
CA ASN A 55 31.68 37.71 -5.59
C ASN A 55 32.69 38.65 -4.95
ZN ZN B . 11.82 7.74 -4.24
ZN ZN C . 20.97 27.58 -9.38
N MET A 1 -1.52 0.84 0.63
CA MET A 1 -2.33 -0.29 1.04
C MET A 1 -3.30 -0.70 -0.08
N GLN A 2 -2.83 -1.60 -0.93
CA GLN A 2 -3.63 -2.09 -2.02
C GLN A 2 -5.10 -2.26 -1.59
N LYS A 3 -5.27 -3.10 -0.58
CA LYS A 3 -6.61 -3.37 -0.06
C LYS A 3 -6.49 -4.27 1.17
N GLY A 4 -7.60 -4.40 1.87
CA GLY A 4 -7.65 -5.23 3.07
C GLY A 4 -7.35 -6.70 2.73
N ASN A 5 -8.11 -7.58 3.34
CA ASN A 5 -7.94 -9.00 3.12
C ASN A 5 -9.04 -9.77 3.87
N PHE A 6 -10.05 -10.18 3.10
CA PHE A 6 -11.16 -10.92 3.68
C PHE A 6 -11.80 -10.14 4.83
N ARG A 7 -11.24 -10.31 6.02
CA ARG A 7 -11.75 -9.63 7.19
C ARG A 7 -11.19 -8.20 7.26
N ASN A 8 -12.12 -7.25 7.32
CA ASN A 8 -11.75 -5.85 7.38
C ASN A 8 -13.01 -4.98 7.39
N GLN A 9 -12.96 -3.91 8.15
CA GLN A 9 -14.09 -3.00 8.25
C GLN A 9 -13.75 -1.83 9.18
N ARG A 10 -14.35 -0.69 8.88
CA ARG A 10 -14.11 0.50 9.67
C ARG A 10 -12.69 1.01 9.48
N LYS A 11 -11.74 0.19 9.93
CA LYS A 11 -10.33 0.54 9.81
C LYS A 11 -10.04 1.74 10.69
N THR A 12 -8.84 1.74 11.26
CA THR A 12 -8.42 2.83 12.13
C THR A 12 -8.01 4.04 11.30
N VAL A 13 -8.04 3.86 9.99
CA VAL A 13 -7.67 4.93 9.08
C VAL A 13 -8.30 6.24 9.55
N LYS A 14 -7.73 7.34 9.09
CA LYS A 14 -8.23 8.65 9.45
C LYS A 14 -8.61 9.42 8.19
N CYS A 15 -9.79 10.01 8.22
CA CYS A 15 -10.28 10.78 7.08
C CYS A 15 -9.56 12.13 7.07
N PHE A 16 -8.78 12.34 6.00
CA PHE A 16 -8.04 13.57 5.86
C PHE A 16 -8.89 14.65 5.20
N ASN A 17 -10.19 14.38 5.16
CA ASN A 17 -11.12 15.33 4.56
C ASN A 17 -11.93 16.01 5.67
N CYS A 18 -12.45 15.19 6.57
CA CYS A 18 -13.25 15.69 7.68
C CYS A 18 -12.37 15.68 8.94
N GLY A 19 -11.48 14.71 8.99
CA GLY A 19 -10.58 14.57 10.13
C GLY A 19 -11.08 13.48 11.08
N LYS A 20 -12.24 12.95 10.77
CA LYS A 20 -12.83 11.91 11.59
C LYS A 20 -12.15 10.56 11.28
N GLU A 21 -11.96 9.78 12.33
CA GLU A 21 -11.32 8.48 12.18
C GLU A 21 -12.38 7.39 12.01
N GLY A 22 -12.09 6.48 11.10
CA GLY A 22 -13.00 5.38 10.82
C GLY A 22 -13.20 5.20 9.32
N HIS A 23 -12.75 6.19 8.57
CA HIS A 23 -12.86 6.15 7.12
C HIS A 23 -11.73 6.95 6.49
N ILE A 24 -11.55 6.73 5.19
CA ILE A 24 -10.51 7.43 4.46
C ILE A 24 -11.11 8.64 3.75
N ALA A 25 -10.24 9.57 3.37
CA ALA A 25 -10.68 10.77 2.69
C ALA A 25 -11.34 10.39 1.36
N LYS A 26 -10.78 9.38 0.72
CA LYS A 26 -11.31 8.90 -0.55
C LYS A 26 -12.69 8.28 -0.32
N ASN A 27 -12.95 7.94 0.94
CA ASN A 27 -14.22 7.35 1.30
C ASN A 27 -15.02 8.34 2.15
N CYS A 28 -14.64 9.60 2.05
CA CYS A 28 -15.30 10.65 2.80
C CYS A 28 -16.66 10.93 2.13
N ARG A 29 -17.72 10.67 2.88
CA ARG A 29 -19.07 10.90 2.39
C ARG A 29 -19.42 12.38 2.45
N ALA A 30 -18.47 13.16 2.91
CA ALA A 30 -18.67 14.60 3.03
C ALA A 30 -19.46 15.10 1.82
N PRO A 31 -20.79 15.29 2.05
CA PRO A 31 -21.67 15.76 0.98
C PRO A 31 -21.46 17.25 0.73
N ARG A 32 -20.24 17.60 0.38
CA ARG A 32 -19.89 18.98 0.10
C ARG A 32 -20.60 19.91 1.09
N LYS A 33 -19.91 20.19 2.19
CA LYS A 33 -20.46 21.05 3.22
C LYS A 33 -19.32 21.74 3.97
N LYS A 34 -18.33 20.93 4.34
CA LYS A 34 -17.17 21.44 5.06
C LYS A 34 -16.62 22.66 4.32
N GLY A 35 -15.69 22.40 3.42
CA GLY A 35 -15.07 23.45 2.65
C GLY A 35 -14.25 22.88 1.49
N CYS A 36 -12.98 23.26 1.46
CA CYS A 36 -12.07 22.79 0.42
C CYS A 36 -12.31 21.29 0.21
N TRP A 37 -12.72 20.96 -1.00
CA TRP A 37 -12.98 19.57 -1.35
C TRP A 37 -11.70 18.96 -1.88
N LYS A 38 -10.60 19.67 -1.66
CA LYS A 38 -9.30 19.21 -2.11
C LYS A 38 -8.50 18.70 -0.91
N CYS A 39 -8.53 19.48 0.16
CA CYS A 39 -7.81 19.13 1.37
C CYS A 39 -8.83 18.72 2.43
N GLY A 40 -10.03 19.25 2.29
CA GLY A 40 -11.11 18.95 3.22
C GLY A 40 -11.17 19.99 4.34
N LYS A 41 -10.58 21.15 4.06
CA LYS A 41 -10.56 22.23 5.03
C LYS A 41 -11.88 22.99 4.97
N GLU A 42 -12.68 22.81 6.02
CA GLU A 42 -13.97 23.46 6.10
C GLU A 42 -13.79 24.96 6.33
N GLY A 43 -13.27 25.63 5.31
CA GLY A 43 -13.04 27.06 5.38
C GLY A 43 -12.62 27.62 4.02
N HIS A 44 -11.41 27.29 3.63
CA HIS A 44 -10.87 27.75 2.36
C HIS A 44 -11.39 26.85 1.23
N GLN A 45 -11.21 27.34 0.02
CA GLN A 45 -11.66 26.59 -1.15
C GLN A 45 -10.46 26.24 -2.04
N MET A 46 -10.72 25.40 -3.03
CA MET A 46 -9.68 24.97 -3.95
C MET A 46 -9.01 26.18 -4.61
N LYS A 47 -9.83 27.05 -5.18
CA LYS A 47 -9.33 28.24 -5.85
C LYS A 47 -8.55 29.08 -4.83
N ASP A 48 -8.79 28.81 -3.57
CA ASP A 48 -8.12 29.53 -2.49
C ASP A 48 -7.51 28.53 -1.52
N CYS A 49 -6.97 27.45 -2.06
CA CYS A 49 -6.37 26.41 -1.25
C CYS A 49 -4.96 26.89 -0.83
N THR A 50 -4.85 27.24 0.44
CA THR A 50 -3.58 27.71 0.96
C THR A 50 -2.78 26.55 1.54
N GLU A 51 -3.26 25.34 1.25
CA GLU A 51 -2.59 24.14 1.72
C GLU A 51 -3.23 22.90 1.10
N ARG A 52 -2.43 22.20 0.31
CA ARG A 52 -2.91 21.00 -0.37
C ARG A 52 -1.73 20.04 -0.63
N GLN A 53 -0.73 20.57 -1.32
CA GLN A 53 0.44 19.78 -1.64
C GLN A 53 0.05 18.57 -2.50
N ALA A 54 1.07 17.89 -3.01
CA ALA A 54 0.85 16.72 -3.84
C ALA A 54 0.06 17.14 -5.08
N ASN A 55 -0.03 16.21 -6.03
CA ASN A 55 -0.75 16.46 -7.27
C ASN A 55 -0.62 15.23 -8.18
ZN ZN B . -14.67 12.17 5.96
ZN ZN C . -7.36 23.09 0.14
N MET A 1 -1.52 0.84 0.63
CA MET A 1 -2.33 -0.29 1.04
C MET A 1 -1.93 -0.78 2.43
N GLN A 2 -0.65 -1.09 2.57
CA GLN A 2 -0.12 -1.57 3.83
C GLN A 2 -1.03 -2.67 4.40
N LYS A 3 -0.70 -3.10 5.61
CA LYS A 3 -1.46 -4.15 6.26
C LYS A 3 -1.28 -5.46 5.51
N GLY A 4 -1.90 -5.52 4.33
CA GLY A 4 -1.81 -6.71 3.50
C GLY A 4 -2.45 -7.91 4.20
N ASN A 5 -2.34 -9.06 3.56
CA ASN A 5 -2.90 -10.29 4.10
C ASN A 5 -2.56 -11.45 3.17
N PHE A 6 -2.58 -12.65 3.75
CA PHE A 6 -2.27 -13.85 2.99
C PHE A 6 -3.56 -14.58 2.57
N ARG A 7 -3.39 -15.57 1.72
CA ARG A 7 -4.51 -16.35 1.24
C ARG A 7 -5.48 -15.46 0.45
N ASN A 8 -5.51 -15.70 -0.86
CA ASN A 8 -6.39 -14.94 -1.73
C ASN A 8 -7.84 -15.38 -1.53
N GLN A 9 -8.05 -16.67 -1.70
CA GLN A 9 -9.38 -17.24 -1.53
C GLN A 9 -9.34 -18.75 -1.75
N ARG A 10 -8.99 -19.46 -0.69
CA ARG A 10 -8.92 -20.91 -0.74
C ARG A 10 -7.87 -21.34 -1.78
N LYS A 11 -7.01 -22.26 -1.35
CA LYS A 11 -5.97 -22.77 -2.22
C LYS A 11 -5.13 -21.60 -2.74
N THR A 12 -4.11 -21.25 -1.96
CA THR A 12 -3.23 -20.16 -2.33
C THR A 12 -1.77 -20.63 -2.36
N VAL A 13 -1.36 -21.24 -1.26
CA VAL A 13 0.00 -21.76 -1.14
C VAL A 13 -0.04 -23.19 -0.62
N LYS A 14 1.07 -23.88 -0.82
CA LYS A 14 1.18 -25.27 -0.36
C LYS A 14 2.27 -25.36 0.70
N CYS A 15 1.85 -25.76 1.90
CA CYS A 15 2.78 -25.90 3.01
C CYS A 15 3.82 -26.96 2.63
N PHE A 16 5.07 -26.51 2.52
CA PHE A 16 6.16 -27.40 2.16
C PHE A 16 6.70 -28.10 3.40
N ASN A 17 5.97 -27.97 4.50
CA ASN A 17 6.37 -28.58 5.76
C ASN A 17 5.58 -29.87 5.97
N CYS A 18 4.27 -29.75 5.77
CA CYS A 18 3.38 -30.89 5.94
C CYS A 18 2.99 -31.40 4.56
N GLY A 19 2.81 -30.46 3.63
CA GLY A 19 2.42 -30.81 2.28
C GLY A 19 0.93 -30.62 2.06
N LYS A 20 0.35 -29.74 2.88
CA LYS A 20 -1.07 -29.45 2.79
C LYS A 20 -1.26 -28.08 2.14
N GLU A 21 -2.25 -28.00 1.27
CA GLU A 21 -2.56 -26.76 0.57
C GLU A 21 -3.54 -25.92 1.40
N GLY A 22 -3.16 -24.68 1.63
CA GLY A 22 -4.00 -23.77 2.40
C GLY A 22 -3.16 -22.89 3.33
N HIS A 23 -1.98 -23.41 3.67
CA HIS A 23 -1.08 -22.69 4.55
C HIS A 23 0.36 -22.91 4.09
N ILE A 24 1.26 -22.10 4.65
CA ILE A 24 2.66 -22.21 4.30
C ILE A 24 3.42 -22.85 5.47
N ALA A 25 4.66 -23.23 5.18
CA ALA A 25 5.49 -23.86 6.20
C ALA A 25 5.67 -22.91 7.37
N LYS A 26 5.80 -21.63 7.05
CA LYS A 26 5.99 -20.61 8.07
C LYS A 26 4.73 -20.56 8.96
N ASN A 27 3.65 -21.09 8.42
CA ASN A 27 2.39 -21.12 9.15
C ASN A 27 2.04 -22.56 9.49
N CYS A 28 3.07 -23.38 9.61
CA CYS A 28 2.88 -24.78 9.93
C CYS A 28 2.87 -24.93 11.45
N ARG A 29 3.19 -26.13 11.91
CA ARG A 29 3.23 -26.42 13.33
C ARG A 29 3.18 -27.92 13.57
N ALA A 30 2.56 -28.62 12.64
CA ALA A 30 2.44 -30.07 12.74
C ALA A 30 3.11 -30.71 11.52
N PRO A 31 4.43 -30.96 11.65
CA PRO A 31 5.18 -31.58 10.58
C PRO A 31 4.89 -33.07 10.47
N ARG A 32 5.52 -33.71 9.49
CA ARG A 32 5.33 -35.13 9.28
C ARG A 32 5.86 -35.93 10.47
N LYS A 33 5.51 -37.20 10.49
CA LYS A 33 5.95 -38.08 11.56
C LYS A 33 6.08 -39.51 11.03
N LYS A 34 6.75 -39.62 9.90
CA LYS A 34 6.97 -40.91 9.27
C LYS A 34 7.70 -40.72 7.94
N GLY A 35 7.24 -39.72 7.19
CA GLY A 35 7.85 -39.43 5.90
C GLY A 35 6.79 -38.96 4.90
N CYS A 36 6.94 -39.44 3.67
CA CYS A 36 6.01 -39.07 2.61
C CYS A 36 4.65 -39.68 2.94
N TRP A 37 3.67 -38.81 3.15
CA TRP A 37 2.33 -39.26 3.47
C TRP A 37 1.56 -39.39 2.16
N LYS A 38 2.31 -39.39 1.06
CA LYS A 38 1.70 -39.52 -0.25
C LYS A 38 1.96 -40.92 -0.80
N CYS A 39 3.21 -41.36 -0.64
CA CYS A 39 3.60 -42.68 -1.11
C CYS A 39 3.80 -43.58 0.11
N GLY A 40 4.06 -42.94 1.24
CA GLY A 40 4.28 -43.67 2.48
C GLY A 40 5.76 -43.96 2.68
N LYS A 41 6.54 -43.62 1.68
CA LYS A 41 7.98 -43.84 1.74
C LYS A 41 8.63 -42.72 2.56
N GLU A 42 9.55 -43.13 3.43
CA GLU A 42 10.25 -42.19 4.28
C GLU A 42 11.60 -41.82 3.66
N GLY A 43 11.90 -40.53 3.69
CA GLY A 43 13.16 -40.04 3.14
C GLY A 43 12.95 -38.76 2.34
N HIS A 44 11.86 -38.76 1.57
CA HIS A 44 11.54 -37.60 0.74
C HIS A 44 10.26 -36.94 1.27
N GLN A 45 9.89 -35.85 0.62
CA GLN A 45 8.70 -35.12 1.01
C GLN A 45 7.75 -34.96 -0.18
N MET A 46 6.59 -34.39 0.09
CA MET A 46 5.60 -34.17 -0.95
C MET A 46 6.16 -33.29 -2.06
N LYS A 47 6.89 -32.27 -1.64
CA LYS A 47 7.49 -31.34 -2.60
C LYS A 47 8.55 -32.07 -3.42
N ASP A 48 8.99 -33.20 -2.89
CA ASP A 48 10.01 -34.00 -3.56
C ASP A 48 9.42 -35.38 -3.88
N CYS A 49 8.10 -35.47 -3.80
CA CYS A 49 7.42 -36.72 -4.08
C CYS A 49 7.27 -36.86 -5.59
N THR A 50 8.05 -37.79 -6.14
CA THR A 50 8.01 -38.03 -7.58
C THR A 50 7.00 -39.13 -7.91
N GLU A 51 6.23 -39.52 -6.89
CA GLU A 51 5.23 -40.55 -7.06
C GLU A 51 4.28 -40.19 -8.21
N ARG A 52 4.24 -38.90 -8.51
CA ARG A 52 3.38 -38.41 -9.58
C ARG A 52 3.56 -39.25 -10.83
N GLN A 53 4.79 -39.74 -11.01
CA GLN A 53 5.11 -40.56 -12.16
C GLN A 53 6.51 -41.16 -12.02
N ALA A 54 7.50 -40.27 -11.98
CA ALA A 54 8.88 -40.70 -11.84
C ALA A 54 9.78 -39.47 -11.78
N ASN A 55 11.01 -39.70 -11.35
CA ASN A 55 11.98 -38.62 -11.23
C ASN A 55 12.24 -38.03 -12.62
ZN ZN B . 2.02 -27.29 7.47
ZN ZN C . 6.24 -39.62 -2.14
N MET A 1 -1.52 0.84 0.63
CA MET A 1 -2.33 -0.29 1.04
C MET A 1 -2.74 -0.17 2.50
N GLN A 2 -1.74 0.01 3.35
CA GLN A 2 -1.98 0.14 4.78
C GLN A 2 -2.99 1.26 5.04
N LYS A 3 -2.60 2.46 4.65
CA LYS A 3 -3.46 3.62 4.84
C LYS A 3 -4.69 3.48 3.94
N GLY A 4 -5.79 4.06 4.42
CA GLY A 4 -7.05 4.01 3.68
C GLY A 4 -6.80 4.22 2.18
N ASN A 5 -6.52 5.47 1.83
CA ASN A 5 -6.27 5.81 0.44
C ASN A 5 -5.93 7.30 0.34
N PHE A 6 -4.70 7.57 -0.03
CA PHE A 6 -4.23 8.94 -0.17
C PHE A 6 -2.90 9.00 -0.92
N ARG A 7 -2.52 10.22 -1.29
CA ARG A 7 -1.28 10.42 -2.01
C ARG A 7 -0.14 9.66 -1.32
N ASN A 8 -0.10 9.79 -0.01
CA ASN A 8 0.93 9.11 0.77
C ASN A 8 2.29 9.74 0.47
N GLN A 9 2.75 10.55 1.41
CA GLN A 9 4.04 11.22 1.25
C GLN A 9 5.05 10.28 0.60
N ARG A 10 4.93 9.01 0.94
CA ARG A 10 5.82 8.00 0.41
C ARG A 10 7.27 8.29 0.84
N LYS A 11 7.93 7.24 1.30
CA LYS A 11 9.31 7.37 1.75
C LYS A 11 9.34 8.08 3.09
N THR A 12 9.95 7.42 4.06
CA THR A 12 10.06 7.98 5.40
C THR A 12 11.12 9.07 5.44
N VAL A 13 12.32 8.68 5.85
CA VAL A 13 13.43 9.62 5.94
C VAL A 13 14.75 8.84 5.85
N LYS A 14 15.82 9.56 6.15
CA LYS A 14 17.15 8.95 6.12
C LYS A 14 17.50 8.42 7.51
N CYS A 15 17.91 7.17 7.54
CA CYS A 15 18.28 6.54 8.80
C CYS A 15 19.73 6.93 9.13
N PHE A 16 19.86 7.67 10.22
CA PHE A 16 21.17 8.13 10.65
C PHE A 16 21.89 7.05 11.46
N ASN A 17 21.29 5.86 11.46
CA ASN A 17 21.86 4.73 12.18
C ASN A 17 22.69 3.88 11.22
N CYS A 18 22.04 3.46 10.15
CA CYS A 18 22.70 2.63 9.16
C CYS A 18 23.15 3.54 8.01
N GLY A 19 22.36 4.57 7.76
CA GLY A 19 22.67 5.53 6.71
C GLY A 19 21.79 5.26 5.47
N LYS A 20 20.91 4.29 5.61
CA LYS A 20 20.01 3.94 4.53
C LYS A 20 18.70 4.71 4.67
N GLU A 21 18.04 4.92 3.54
CA GLU A 21 16.78 5.65 3.53
C GLU A 21 15.61 4.67 3.48
N GLY A 22 14.51 5.07 4.11
CA GLY A 22 13.32 4.24 4.14
C GLY A 22 12.95 3.86 5.57
N HIS A 23 13.64 4.49 6.52
CA HIS A 23 13.39 4.23 7.92
C HIS A 23 14.25 5.17 8.77
N ILE A 24 13.97 5.16 10.07
CA ILE A 24 14.70 6.00 11.00
C ILE A 24 15.56 5.13 11.91
N ALA A 25 16.50 5.77 12.59
CA ALA A 25 17.39 5.06 13.49
C ALA A 25 16.56 4.34 14.56
N LYS A 26 15.51 5.01 15.01
CA LYS A 26 14.63 4.45 16.02
C LYS A 26 13.93 3.21 15.45
N ASN A 27 13.92 3.13 14.13
CA ASN A 27 13.30 2.01 13.44
C ASN A 27 14.37 1.21 12.69
N CYS A 28 15.58 1.29 13.22
CA CYS A 28 16.70 0.57 12.60
C CYS A 28 16.66 -0.88 13.08
N ARG A 29 16.44 -1.77 12.13
CA ARG A 29 16.38 -3.19 12.43
C ARG A 29 17.79 -3.77 12.58
N ALA A 30 18.78 -2.88 12.45
CA ALA A 30 20.17 -3.29 12.56
C ALA A 30 20.48 -3.61 14.03
N PRO A 31 21.49 -4.49 14.22
CA PRO A 31 21.90 -4.89 15.55
C PRO A 31 22.70 -3.78 16.24
N ARG A 32 23.10 -4.06 17.47
CA ARG A 32 23.87 -3.10 18.23
C ARG A 32 25.31 -3.05 17.74
N LYS A 33 25.46 -2.74 16.46
CA LYS A 33 26.78 -2.65 15.86
C LYS A 33 27.58 -1.53 16.53
N LYS A 34 28.78 -1.88 16.95
CA LYS A 34 29.65 -0.91 17.60
C LYS A 34 31.11 -1.38 17.47
N GLY A 35 31.43 -2.40 18.26
CA GLY A 35 32.78 -2.95 18.24
C GLY A 35 32.79 -4.40 18.72
N CYS A 36 33.80 -5.13 18.27
CA CYS A 36 33.94 -6.53 18.65
C CYS A 36 33.95 -6.62 20.17
N TRP A 37 32.93 -7.27 20.71
CA TRP A 37 32.82 -7.43 22.14
C TRP A 37 33.50 -8.75 22.52
N LYS A 38 34.26 -9.28 21.58
CA LYS A 38 34.97 -10.53 21.80
C LYS A 38 36.45 -10.23 22.05
N CYS A 39 36.99 -9.34 21.24
CA CYS A 39 38.38 -8.96 21.36
C CYS A 39 38.45 -7.55 21.94
N GLY A 40 37.39 -6.79 21.68
CA GLY A 40 37.31 -5.42 22.16
C GLY A 40 37.77 -4.43 21.08
N LYS A 41 37.82 -4.94 19.85
CA LYS A 41 38.24 -4.11 18.73
C LYS A 41 37.11 -3.14 18.37
N GLU A 42 37.46 -1.86 18.38
CA GLU A 42 36.49 -0.82 18.05
C GLU A 42 36.38 -0.65 16.53
N GLY A 43 36.09 -1.77 15.87
CA GLY A 43 35.95 -1.75 14.42
C GLY A 43 35.09 -2.93 13.94
N HIS A 44 35.70 -4.10 13.95
CA HIS A 44 35.00 -5.30 13.52
C HIS A 44 34.08 -5.79 14.64
N GLN A 45 33.20 -6.71 14.28
CA GLN A 45 32.27 -7.27 15.24
C GLN A 45 32.47 -8.77 15.38
N MET A 46 31.70 -9.36 16.28
CA MET A 46 31.80 -10.79 16.52
C MET A 46 31.58 -11.58 15.23
N LYS A 47 30.58 -11.15 14.48
CA LYS A 47 30.25 -11.80 13.23
C LYS A 47 31.38 -11.59 12.22
N ASP A 48 32.19 -10.57 12.51
CA ASP A 48 33.31 -10.25 11.64
C ASP A 48 34.62 -10.47 12.41
N CYS A 49 34.50 -11.20 13.51
CA CYS A 49 35.66 -11.50 14.34
C CYS A 49 36.35 -12.74 13.78
N THR A 50 37.50 -12.51 13.15
CA THR A 50 38.26 -13.60 12.58
C THR A 50 38.86 -14.49 13.68
N GLU A 51 38.72 -14.03 14.91
CA GLU A 51 39.23 -14.76 16.05
C GLU A 51 39.29 -13.85 17.28
N ARG A 52 40.36 -13.09 17.36
CA ARG A 52 40.55 -12.18 18.48
C ARG A 52 41.55 -11.09 18.11
N GLN A 53 41.96 -10.34 19.11
CA GLN A 53 42.92 -9.25 18.91
C GLN A 53 44.29 -9.82 18.55
N ALA A 54 44.34 -10.50 17.42
CA ALA A 54 45.58 -11.10 16.95
C ALA A 54 45.44 -11.48 15.48
N ASN A 55 46.59 -11.63 14.83
CA ASN A 55 46.61 -11.99 13.42
C ASN A 55 45.64 -11.09 12.66
ZN ZN B . 18.81 1.95 10.02
ZN ZN C . 37.16 -9.75 17.32
N MET A 1 -1.52 0.84 0.63
CA MET A 1 -2.33 -0.29 1.04
C MET A 1 -2.34 -1.38 -0.05
N GLN A 2 -1.32 -2.23 0.02
CA GLN A 2 -1.19 -3.31 -0.95
C GLN A 2 -1.17 -2.75 -2.37
N LYS A 3 -0.70 -3.58 -3.29
CA LYS A 3 -0.62 -3.19 -4.68
C LYS A 3 -2.02 -3.19 -5.29
N GLY A 4 -2.09 -2.78 -6.55
CA GLY A 4 -3.36 -2.72 -7.25
C GLY A 4 -4.10 -4.05 -7.17
N ASN A 5 -5.32 -3.98 -6.66
CA ASN A 5 -6.14 -5.17 -6.51
C ASN A 5 -7.37 -5.06 -7.41
N PHE A 6 -7.26 -5.64 -8.59
CA PHE A 6 -8.34 -5.61 -9.55
C PHE A 6 -8.56 -4.19 -10.08
N ARG A 7 -8.91 -3.29 -9.17
CA ARG A 7 -9.16 -1.91 -9.52
C ARG A 7 -8.55 -0.97 -8.47
N ASN A 8 -8.44 0.29 -8.84
CA ASN A 8 -7.88 1.28 -7.94
C ASN A 8 -8.44 2.67 -8.32
N GLN A 9 -8.28 3.01 -9.59
CA GLN A 9 -8.76 4.28 -10.08
C GLN A 9 -7.99 5.43 -9.42
N ARG A 10 -7.63 6.42 -10.23
CA ARG A 10 -6.90 7.57 -9.74
C ARG A 10 -7.71 8.30 -8.67
N LYS A 11 -8.86 8.82 -9.11
CA LYS A 11 -9.73 9.55 -8.21
C LYS A 11 -11.18 9.39 -8.68
N THR A 12 -11.40 9.74 -9.94
CA THR A 12 -12.72 9.65 -10.53
C THR A 12 -13.18 8.19 -10.58
N VAL A 13 -13.90 7.78 -9.56
CA VAL A 13 -14.40 6.42 -9.48
C VAL A 13 -15.38 6.18 -10.64
N LYS A 14 -15.76 4.92 -10.79
CA LYS A 14 -16.70 4.55 -11.83
C LYS A 14 -17.85 3.73 -11.22
N CYS A 15 -19.06 4.06 -11.66
CA CYS A 15 -20.24 3.38 -11.17
C CYS A 15 -20.45 2.12 -12.01
N PHE A 16 -20.28 0.98 -11.36
CA PHE A 16 -20.46 -0.30 -12.03
C PHE A 16 -21.92 -0.73 -12.01
N ASN A 17 -22.77 0.18 -11.59
CA ASN A 17 -24.19 -0.10 -11.52
C ASN A 17 -24.89 0.47 -12.76
N CYS A 18 -24.46 1.68 -13.13
CA CYS A 18 -25.03 2.36 -14.28
C CYS A 18 -23.98 2.36 -15.40
N GLY A 19 -22.73 2.60 -14.98
CA GLY A 19 -21.64 2.64 -15.92
C GLY A 19 -21.21 4.08 -16.21
N LYS A 20 -21.46 4.94 -15.23
CA LYS A 20 -21.11 6.34 -15.37
C LYS A 20 -20.02 6.69 -14.35
N GLU A 21 -19.07 7.49 -14.81
CA GLU A 21 -17.96 7.90 -13.96
C GLU A 21 -18.37 9.11 -13.10
N GLY A 22 -17.86 9.13 -11.88
CA GLY A 22 -18.16 10.21 -10.96
C GLY A 22 -18.81 9.68 -9.68
N HIS A 23 -18.89 8.36 -9.60
CA HIS A 23 -19.48 7.71 -8.44
C HIS A 23 -19.33 6.20 -8.57
N ILE A 24 -19.72 5.51 -7.50
CA ILE A 24 -19.63 4.05 -7.48
C ILE A 24 -21.04 3.46 -7.45
N ALA A 25 -21.11 2.15 -7.65
CA ALA A 25 -22.38 1.46 -7.64
C ALA A 25 -23.04 1.61 -6.28
N LYS A 26 -22.19 1.64 -5.25
CA LYS A 26 -22.67 1.78 -3.89
C LYS A 26 -23.26 3.17 -3.70
N ASN A 27 -22.89 4.07 -4.60
CA ASN A 27 -23.38 5.44 -4.54
C ASN A 27 -24.38 5.66 -5.67
N CYS A 28 -24.85 4.56 -6.24
CA CYS A 28 -25.81 4.62 -7.32
C CYS A 28 -27.21 4.63 -6.72
N ARG A 29 -27.91 5.73 -6.95
CA ARG A 29 -29.26 5.89 -6.44
C ARG A 29 -30.26 5.20 -7.37
N ALA A 30 -29.72 4.57 -8.40
CA ALA A 30 -30.55 3.86 -9.36
C ALA A 30 -30.05 2.43 -9.52
N PRO A 31 -30.62 1.52 -8.69
CA PRO A 31 -30.24 0.12 -8.72
C PRO A 31 -30.82 -0.58 -9.95
N ARG A 32 -32.15 -0.57 -10.02
CA ARG A 32 -32.85 -1.19 -11.14
C ARG A 32 -32.36 -2.63 -11.32
N LYS A 33 -32.97 -3.54 -10.57
CA LYS A 33 -32.61 -4.94 -10.65
C LYS A 33 -33.62 -5.77 -9.85
N LYS A 34 -34.82 -5.89 -10.40
CA LYS A 34 -35.87 -6.64 -9.75
C LYS A 34 -35.36 -8.04 -9.42
N GLY A 35 -36.17 -8.77 -8.65
CA GLY A 35 -35.81 -10.13 -8.27
C GLY A 35 -35.65 -10.24 -6.75
N CYS A 36 -35.25 -11.44 -6.32
CA CYS A 36 -35.07 -11.68 -4.90
C CYS A 36 -33.70 -11.12 -4.50
N TRP A 37 -33.74 -10.11 -3.64
CA TRP A 37 -32.52 -9.49 -3.17
C TRP A 37 -32.08 -10.21 -1.89
N LYS A 38 -32.68 -11.37 -1.66
CA LYS A 38 -32.38 -12.15 -0.48
C LYS A 38 -31.49 -13.34 -0.89
N CYS A 39 -31.88 -13.97 -1.98
CA CYS A 39 -31.13 -15.11 -2.48
C CYS A 39 -30.40 -14.69 -3.75
N GLY A 40 -30.94 -13.66 -4.40
CA GLY A 40 -30.33 -13.14 -5.62
C GLY A 40 -31.06 -13.69 -6.86
N LYS A 41 -31.92 -14.67 -6.61
CA LYS A 41 -32.68 -15.28 -7.70
C LYS A 41 -33.55 -14.22 -8.37
N GLU A 42 -33.14 -13.83 -9.57
CA GLU A 42 -33.86 -12.84 -10.33
C GLU A 42 -35.09 -13.46 -11.00
N GLY A 43 -36.18 -13.50 -10.25
CA GLY A 43 -37.41 -14.08 -10.76
C GLY A 43 -38.52 -14.03 -9.70
N HIS A 44 -38.23 -14.65 -8.56
CA HIS A 44 -39.18 -14.69 -7.47
C HIS A 44 -38.95 -13.47 -6.56
N GLN A 45 -39.99 -13.15 -5.80
CA GLN A 45 -39.92 -12.02 -4.88
C GLN A 45 -39.74 -12.52 -3.44
N MET A 46 -39.48 -11.57 -2.55
CA MET A 46 -39.29 -11.90 -1.15
C MET A 46 -40.51 -12.61 -0.57
N LYS A 47 -41.68 -12.12 -0.96
CA LYS A 47 -42.93 -12.70 -0.50
C LYS A 47 -43.08 -14.11 -1.07
N ASP A 48 -42.33 -14.36 -2.14
CA ASP A 48 -42.37 -15.66 -2.78
C ASP A 48 -40.99 -16.33 -2.67
N CYS A 49 -40.19 -15.78 -1.76
CA CYS A 49 -38.85 -16.32 -1.54
C CYS A 49 -38.98 -17.62 -0.76
N THR A 50 -38.69 -17.54 0.53
CA THR A 50 -38.76 -18.71 1.39
C THR A 50 -37.63 -19.68 1.08
N GLU A 51 -36.76 -19.26 0.17
CA GLU A 51 -35.64 -20.08 -0.23
C GLU A 51 -34.32 -19.40 0.15
N ARG A 52 -34.11 -19.27 1.46
CA ARG A 52 -32.90 -18.65 1.96
C ARG A 52 -31.68 -19.49 1.60
N GLN A 53 -31.89 -20.79 1.55
CA GLN A 53 -30.81 -21.71 1.22
C GLN A 53 -29.78 -21.75 2.35
N ALA A 54 -29.14 -20.60 2.57
CA ALA A 54 -28.14 -20.50 3.62
C ALA A 54 -26.84 -21.11 3.12
N ASN A 55 -26.88 -22.42 2.89
CA ASN A 55 -25.71 -23.15 2.42
C ASN A 55 -25.57 -22.96 0.92
ZN ZN B . -24.73 4.86 -10.92
ZN ZN C . -35.39 -15.73 -2.49
N MET A 1 -1.52 0.84 0.63
CA MET A 1 -2.33 -0.29 1.04
C MET A 1 -3.77 -0.14 0.55
N GLN A 2 -4.00 -0.58 -0.68
CA GLN A 2 -5.32 -0.50 -1.27
C GLN A 2 -6.38 -1.09 -0.31
N LYS A 3 -5.99 -2.18 0.33
CA LYS A 3 -6.88 -2.84 1.27
C LYS A 3 -8.06 -3.43 0.50
N GLY A 4 -7.81 -4.53 -0.19
CA GLY A 4 -8.84 -5.20 -0.95
C GLY A 4 -8.45 -6.65 -1.26
N ASN A 5 -9.18 -7.24 -2.19
CA ASN A 5 -8.92 -8.61 -2.58
C ASN A 5 -9.16 -9.53 -1.38
N PHE A 6 -9.89 -10.61 -1.64
CA PHE A 6 -10.20 -11.56 -0.59
C PHE A 6 -10.37 -12.97 -1.17
N ARG A 7 -9.29 -13.74 -1.13
CA ARG A 7 -9.31 -15.10 -1.64
C ARG A 7 -9.38 -15.08 -3.17
N ASN A 8 -10.45 -14.48 -3.67
CA ASN A 8 -10.65 -14.38 -5.11
C ASN A 8 -9.49 -13.60 -5.74
N GLN A 9 -8.67 -14.32 -6.48
CA GLN A 9 -7.53 -13.71 -7.14
C GLN A 9 -6.94 -14.67 -8.18
N ARG A 10 -6.86 -15.93 -7.79
CA ARG A 10 -6.32 -16.95 -8.68
C ARG A 10 -6.12 -18.26 -7.91
N LYS A 11 -5.67 -18.13 -6.68
CA LYS A 11 -5.44 -19.29 -5.84
C LYS A 11 -4.60 -20.31 -6.61
N THR A 12 -4.35 -21.44 -5.96
CA THR A 12 -3.57 -22.50 -6.57
C THR A 12 -2.41 -21.91 -7.37
N VAL A 13 -2.01 -22.63 -8.40
CA VAL A 13 -0.91 -22.19 -9.25
C VAL A 13 -1.40 -22.12 -10.70
N LYS A 14 -0.66 -21.35 -11.50
CA LYS A 14 -0.99 -21.18 -12.89
C LYS A 14 0.25 -21.42 -13.75
N CYS A 15 0.09 -22.26 -14.76
CA CYS A 15 1.17 -22.59 -15.66
C CYS A 15 1.50 -21.34 -16.49
N PHE A 16 2.67 -20.77 -16.22
CA PHE A 16 3.10 -19.58 -16.92
C PHE A 16 3.82 -19.95 -18.22
N ASN A 17 3.77 -21.23 -18.55
CA ASN A 17 4.41 -21.73 -19.76
C ASN A 17 3.37 -21.81 -20.88
N CYS A 18 2.21 -22.34 -20.52
CA CYS A 18 1.14 -22.48 -21.49
C CYS A 18 0.06 -21.43 -21.17
N GLY A 19 -0.14 -21.21 -19.88
CA GLY A 19 -1.12 -20.24 -19.43
C GLY A 19 -2.30 -20.93 -18.75
N LYS A 20 -2.28 -22.25 -18.79
CA LYS A 20 -3.34 -23.04 -18.20
C LYS A 20 -3.20 -22.98 -16.67
N GLU A 21 -4.33 -22.69 -16.02
CA GLU A 21 -4.35 -22.61 -14.57
C GLU A 21 -4.59 -23.98 -13.95
N GLY A 22 -3.76 -24.32 -12.97
CA GLY A 22 -3.87 -25.59 -12.31
C GLY A 22 -2.49 -26.21 -12.06
N HIS A 23 -1.67 -26.17 -13.10
CA HIS A 23 -0.32 -26.72 -13.00
C HIS A 23 0.70 -25.60 -13.21
N ILE A 24 1.93 -25.89 -12.84
CA ILE A 24 3.01 -24.92 -12.97
C ILE A 24 3.79 -25.22 -14.25
N ALA A 25 4.60 -24.25 -14.66
CA ALA A 25 5.40 -24.39 -15.86
C ALA A 25 6.32 -25.61 -15.71
N LYS A 26 6.86 -25.76 -14.51
CA LYS A 26 7.75 -26.86 -14.22
C LYS A 26 6.98 -28.18 -14.32
N ASN A 27 5.66 -28.06 -14.24
CA ASN A 27 4.79 -29.22 -14.32
C ASN A 27 4.03 -29.20 -15.65
N CYS A 28 4.52 -28.36 -16.56
CA CYS A 28 3.90 -28.24 -17.86
C CYS A 28 4.17 -29.52 -18.66
N ARG A 29 3.09 -30.26 -18.91
CA ARG A 29 3.19 -31.50 -19.65
C ARG A 29 3.25 -31.23 -21.15
N ALA A 30 3.20 -29.95 -21.48
CA ALA A 30 3.23 -29.54 -22.88
C ALA A 30 4.24 -30.41 -23.64
N PRO A 31 3.70 -31.43 -24.36
CA PRO A 31 4.52 -32.34 -25.12
C PRO A 31 5.05 -31.67 -26.40
N ARG A 32 4.12 -31.06 -27.13
CA ARG A 32 4.47 -30.38 -28.36
C ARG A 32 3.67 -29.09 -28.50
N LYS A 33 4.15 -28.23 -29.40
CA LYS A 33 3.49 -26.95 -29.62
C LYS A 33 3.28 -26.76 -31.13
N LYS A 34 4.39 -26.77 -31.85
CA LYS A 34 4.34 -26.60 -33.30
C LYS A 34 3.16 -27.39 -33.86
N GLY A 35 2.23 -26.66 -34.47
CA GLY A 35 1.05 -27.27 -35.05
C GLY A 35 -0.23 -26.66 -34.50
N CYS A 36 -1.00 -26.06 -35.39
CA CYS A 36 -2.24 -25.42 -35.00
C CYS A 36 -3.08 -26.45 -34.23
N TRP A 37 -3.32 -26.13 -32.96
CA TRP A 37 -4.10 -27.02 -32.10
C TRP A 37 -5.56 -26.59 -32.21
N LYS A 38 -5.85 -25.78 -33.21
CA LYS A 38 -7.19 -25.29 -33.43
C LYS A 38 -7.83 -26.06 -34.59
N CYS A 39 -7.04 -26.23 -35.64
CA CYS A 39 -7.51 -26.94 -36.82
C CYS A 39 -6.80 -28.29 -36.88
N GLY A 40 -5.62 -28.34 -36.27
CA GLY A 40 -4.83 -29.55 -36.25
C GLY A 40 -3.84 -29.60 -37.42
N LYS A 41 -3.73 -28.46 -38.09
CA LYS A 41 -2.82 -28.35 -39.23
C LYS A 41 -1.41 -28.04 -38.72
N GLU A 42 -0.44 -28.72 -39.30
CA GLU A 42 0.95 -28.53 -38.93
C GLU A 42 1.59 -27.44 -39.78
N GLY A 43 1.88 -26.32 -39.12
CA GLY A 43 2.49 -25.19 -39.80
C GLY A 43 2.19 -23.89 -39.07
N HIS A 44 0.91 -23.63 -38.87
CA HIS A 44 0.48 -22.43 -38.20
C HIS A 44 0.00 -22.78 -36.79
N GLN A 45 -0.22 -21.74 -35.99
CA GLN A 45 -0.67 -21.92 -34.63
C GLN A 45 -2.04 -21.25 -34.42
N MET A 46 -2.57 -21.41 -33.22
CA MET A 46 -3.86 -20.84 -32.90
C MET A 46 -3.89 -19.33 -33.18
N LYS A 47 -2.89 -18.64 -32.64
CA LYS A 47 -2.78 -17.21 -32.82
C LYS A 47 -2.67 -16.90 -34.31
N ASP A 48 -2.28 -17.92 -35.07
CA ASP A 48 -2.13 -17.78 -36.51
C ASP A 48 -3.02 -18.79 -37.22
N CYS A 49 -4.20 -18.99 -36.65
CA CYS A 49 -5.15 -19.94 -37.22
C CYS A 49 -5.90 -19.24 -38.35
N THR A 50 -5.60 -19.67 -39.57
CA THR A 50 -6.24 -19.11 -40.75
C THR A 50 -7.57 -19.81 -41.03
N GLU A 51 -7.91 -20.73 -40.15
CA GLU A 51 -9.14 -21.48 -40.29
C GLU A 51 -9.28 -22.51 -39.16
N ARG A 52 -10.42 -22.46 -38.49
CA ARG A 52 -10.69 -23.37 -37.40
C ARG A 52 -11.57 -24.52 -37.87
N GLN A 53 -10.92 -25.64 -38.17
CA GLN A 53 -11.62 -26.82 -38.63
C GLN A 53 -12.77 -26.43 -39.57
N ALA A 54 -13.96 -26.36 -39.00
CA ALA A 54 -15.14 -26.00 -39.76
C ALA A 54 -15.46 -27.12 -40.74
N ASN A 55 -14.60 -27.27 -41.72
CA ASN A 55 -14.78 -28.30 -42.73
C ASN A 55 -13.42 -28.89 -43.11
ZN ZN B . 1.54 -25.92 -18.99
ZN ZN C . -5.69 -23.22 -37.52
N MET A 1 -1.52 0.84 0.63
CA MET A 1 -2.33 -0.29 1.04
C MET A 1 -3.27 0.09 2.19
N GLN A 2 -2.86 1.12 2.92
CA GLN A 2 -3.65 1.58 4.05
C GLN A 2 -3.05 2.87 4.61
N LYS A 3 -2.94 3.87 3.75
CA LYS A 3 -2.39 5.15 4.15
C LYS A 3 -3.31 5.79 5.19
N GLY A 4 -2.79 6.84 5.83
CA GLY A 4 -3.55 7.55 6.84
C GLY A 4 -4.94 7.92 6.33
N ASN A 5 -5.70 8.57 7.21
CA ASN A 5 -7.05 8.98 6.85
C ASN A 5 -7.59 9.92 7.93
N PHE A 6 -7.49 9.47 9.17
CA PHE A 6 -7.96 10.25 10.30
C PHE A 6 -7.42 9.69 11.61
N ARG A 7 -7.52 10.51 12.65
CA ARG A 7 -7.05 10.12 13.97
C ARG A 7 -5.73 9.34 13.85
N ASN A 8 -5.42 8.61 14.91
CA ASN A 8 -4.20 7.82 14.93
C ASN A 8 -4.21 6.90 16.16
N GLN A 9 -4.33 7.53 17.33
CA GLN A 9 -4.35 6.78 18.57
C GLN A 9 -5.37 5.64 18.48
N ARG A 10 -4.87 4.42 18.61
CA ARG A 10 -5.72 3.24 18.54
C ARG A 10 -6.84 3.34 19.58
N LYS A 11 -6.43 3.44 20.84
CA LYS A 11 -7.39 3.54 21.93
C LYS A 11 -7.93 4.97 22.00
N THR A 12 -8.87 5.16 22.91
CA THR A 12 -9.48 6.48 23.09
C THR A 12 -8.41 7.52 23.44
N VAL A 13 -8.67 8.74 22.99
CA VAL A 13 -7.74 9.83 23.25
C VAL A 13 -8.31 10.72 24.36
N LYS A 14 -7.44 11.56 24.90
CA LYS A 14 -7.84 12.47 25.97
C LYS A 14 -7.46 13.90 25.59
N CYS A 15 -8.44 14.78 25.67
CA CYS A 15 -8.22 16.18 25.34
C CYS A 15 -7.56 16.86 26.54
N PHE A 16 -6.31 17.26 26.34
CA PHE A 16 -5.56 17.92 27.38
C PHE A 16 -5.83 19.43 27.39
N ASN A 17 -6.84 19.82 26.64
CA ASN A 17 -7.22 21.21 26.55
C ASN A 17 -8.43 21.48 27.44
N CYS A 18 -9.37 20.53 27.42
CA CYS A 18 -10.57 20.64 28.22
C CYS A 18 -10.51 19.59 29.33
N GLY A 19 -10.02 18.42 28.96
CA GLY A 19 -9.90 17.32 29.92
C GLY A 19 -11.01 16.29 29.70
N LYS A 20 -11.49 16.24 28.47
CA LYS A 20 -12.54 15.30 28.12
C LYS A 20 -11.95 14.18 27.27
N GLU A 21 -12.35 12.96 27.60
CA GLU A 21 -11.86 11.79 26.87
C GLU A 21 -12.73 11.54 25.64
N GLY A 22 -12.08 11.57 24.48
CA GLY A 22 -12.78 11.34 23.23
C GLY A 22 -12.03 12.00 22.07
N HIS A 23 -11.80 13.29 22.21
CA HIS A 23 -11.10 14.04 21.18
C HIS A 23 -9.74 14.49 21.71
N ILE A 24 -8.87 14.90 20.78
CA ILE A 24 -7.54 15.35 21.15
C ILE A 24 -7.56 16.88 21.30
N ALA A 25 -6.57 17.37 22.04
CA ALA A 25 -6.45 18.80 22.27
C ALA A 25 -6.33 19.52 20.93
N LYS A 26 -5.61 18.90 20.02
CA LYS A 26 -5.42 19.47 18.70
C LYS A 26 -6.77 19.57 17.99
N ASN A 27 -7.73 18.80 18.48
CA ASN A 27 -9.06 18.80 17.91
C ASN A 27 -10.07 19.22 18.97
N CYS A 28 -9.61 20.08 19.87
CA CYS A 28 -10.46 20.57 20.94
C CYS A 28 -11.37 21.66 20.38
N ARG A 29 -12.66 21.36 20.34
CA ARG A 29 -13.63 22.30 19.82
C ARG A 29 -14.05 23.28 20.91
N ALA A 30 -13.34 23.21 22.03
CA ALA A 30 -13.63 24.09 23.16
C ALA A 30 -13.96 25.50 22.64
N PRO A 31 -14.77 26.23 23.45
CA PRO A 31 -15.16 27.58 23.08
C PRO A 31 -13.99 28.56 23.28
N ARG A 32 -13.00 28.11 24.04
CA ARG A 32 -11.84 28.93 24.31
C ARG A 32 -11.39 29.64 23.03
N LYS A 33 -10.61 30.71 23.23
CA LYS A 33 -10.11 31.48 22.12
C LYS A 33 -8.80 32.15 22.52
N LYS A 34 -8.39 33.13 21.72
CA LYS A 34 -7.15 33.86 21.97
C LYS A 34 -5.96 32.97 21.62
N GLY A 35 -5.85 31.86 22.33
CA GLY A 35 -4.76 30.93 22.11
C GLY A 35 -3.47 31.41 22.76
N CYS A 36 -2.35 31.03 22.16
CA CYS A 36 -1.05 31.41 22.67
C CYS A 36 -0.87 32.92 22.45
N TRP A 37 -0.79 33.65 23.55
CA TRP A 37 -0.63 35.09 23.49
C TRP A 37 0.88 35.39 23.51
N LYS A 38 1.66 34.34 23.28
CA LYS A 38 3.11 34.47 23.27
C LYS A 38 3.61 34.44 21.83
N CYS A 39 3.06 33.50 21.07
CA CYS A 39 3.45 33.36 19.67
C CYS A 39 2.29 33.84 18.80
N GLY A 40 1.10 33.80 19.38
CA GLY A 40 -0.09 34.24 18.67
C GLY A 40 -0.80 33.06 18.01
N LYS A 41 -0.16 31.90 18.11
CA LYS A 41 -0.72 30.68 17.54
C LYS A 41 -1.68 30.04 18.53
N GLU A 42 -2.79 29.54 17.99
CA GLU A 42 -3.79 28.90 18.82
C GLU A 42 -3.62 27.37 18.78
N GLY A 43 -4.21 26.73 19.78
CA GLY A 43 -4.12 25.27 19.88
C GLY A 43 -3.06 24.85 20.89
N HIS A 44 -2.33 25.84 21.38
CA HIS A 44 -1.28 25.58 22.35
C HIS A 44 -1.10 26.82 23.25
N GLN A 45 -0.08 26.76 24.08
CA GLN A 45 0.22 27.85 24.99
C GLN A 45 1.60 27.66 25.62
N MET A 46 1.89 28.50 26.61
CA MET A 46 3.16 28.44 27.30
C MET A 46 3.51 27.00 27.67
N LYS A 47 2.50 26.28 28.16
CA LYS A 47 2.69 24.89 28.56
C LYS A 47 3.59 24.20 27.54
N ASP A 48 3.36 24.50 26.27
CA ASP A 48 4.14 23.92 25.20
C ASP A 48 4.39 24.97 24.12
N CYS A 49 4.69 26.17 24.56
CA CYS A 49 4.94 27.27 23.64
C CYS A 49 6.38 27.14 23.13
N THR A 50 6.50 26.77 21.86
CA THR A 50 7.80 26.61 21.24
C THR A 50 8.46 27.98 21.02
N GLU A 51 7.69 29.01 21.32
CA GLU A 51 8.18 30.38 21.15
C GLU A 51 8.33 31.06 22.52
N ARG A 52 9.43 30.73 23.19
CA ARG A 52 9.69 31.30 24.50
C ARG A 52 11.03 32.06 24.49
N GLN A 53 10.92 33.37 24.62
CA GLN A 53 12.11 34.21 24.62
C GLN A 53 12.52 34.53 26.06
N ALA A 54 12.98 33.49 26.75
CA ALA A 54 13.41 33.65 28.13
C ALA A 54 14.86 33.19 28.26
N ASN A 55 15.08 31.92 27.95
CA ASN A 55 16.41 31.36 28.03
C ASN A 55 17.11 31.86 29.29
ZN ZN B . -11.33 19.55 24.21
ZN ZN C . 3.22 29.61 21.76
N MET A 1 -1.52 0.84 0.63
CA MET A 1 -2.33 -0.29 1.04
C MET A 1 -2.15 -1.47 0.07
N GLN A 2 -2.06 -2.65 0.66
CA GLN A 2 -1.87 -3.86 -0.13
C GLN A 2 -3.07 -4.06 -1.07
N LYS A 3 -2.92 -5.02 -1.97
CA LYS A 3 -3.96 -5.33 -2.92
C LYS A 3 -5.22 -5.76 -2.17
N GLY A 4 -5.11 -6.89 -1.48
CA GLY A 4 -6.22 -7.43 -0.72
C GLY A 4 -6.59 -6.50 0.42
N ASN A 5 -7.63 -5.70 0.20
CA ASN A 5 -8.09 -4.77 1.22
C ASN A 5 -9.51 -5.15 1.63
N PHE A 6 -9.76 -5.03 2.93
CA PHE A 6 -11.07 -5.36 3.47
C PHE A 6 -11.34 -4.56 4.76
N ARG A 7 -11.05 -3.28 4.69
CA ARG A 7 -11.25 -2.40 5.84
C ARG A 7 -10.92 -0.96 5.47
N ASN A 8 -11.67 -0.04 6.07
CA ASN A 8 -11.47 1.37 5.81
C ASN A 8 -12.50 2.18 6.59
N GLN A 9 -12.00 3.16 7.34
CA GLN A 9 -12.88 4.01 8.14
C GLN A 9 -13.34 3.27 9.38
N ARG A 10 -13.97 2.12 9.16
CA ARG A 10 -14.46 1.31 10.25
C ARG A 10 -15.01 -0.02 9.72
N LYS A 11 -14.16 -1.04 9.75
CA LYS A 11 -14.54 -2.35 9.27
C LYS A 11 -15.31 -2.21 7.95
N THR A 12 -15.94 -3.30 7.56
CA THR A 12 -16.70 -3.32 6.32
C THR A 12 -15.90 -2.67 5.18
N VAL A 13 -16.58 -2.44 4.07
CA VAL A 13 -15.94 -1.82 2.92
C VAL A 13 -16.98 -0.99 2.16
N LYS A 14 -16.49 -0.25 1.19
CA LYS A 14 -17.36 0.59 0.37
C LYS A 14 -16.93 0.49 -1.09
N CYS A 15 -17.93 0.50 -1.96
CA CYS A 15 -17.68 0.41 -3.40
C CYS A 15 -17.38 1.81 -3.92
N PHE A 16 -16.13 2.01 -4.33
CA PHE A 16 -15.71 3.30 -4.85
C PHE A 16 -16.00 3.41 -6.35
N ASN A 17 -16.83 2.49 -6.82
CA ASN A 17 -17.22 2.48 -8.23
C ASN A 17 -18.64 3.02 -8.37
N CYS A 18 -19.50 2.59 -7.45
CA CYS A 18 -20.89 3.02 -7.47
C CYS A 18 -21.12 3.94 -6.27
N GLY A 19 -20.47 3.59 -5.17
CA GLY A 19 -20.60 4.38 -3.96
C GLY A 19 -21.56 3.72 -2.97
N LYS A 20 -21.67 2.40 -3.08
CA LYS A 20 -22.56 1.65 -2.22
C LYS A 20 -21.72 0.88 -1.18
N GLU A 21 -22.09 1.06 0.08
CA GLU A 21 -21.39 0.40 1.17
C GLU A 21 -21.78 -1.07 1.23
N GLY A 22 -20.78 -1.91 1.44
CA GLY A 22 -21.00 -3.35 1.54
C GLY A 22 -20.04 -4.11 0.63
N HIS A 23 -19.83 -3.58 -0.56
CA HIS A 23 -18.93 -4.20 -1.52
C HIS A 23 -17.89 -3.19 -1.97
N ILE A 24 -16.85 -3.71 -2.63
CA ILE A 24 -15.78 -2.86 -3.11
C ILE A 24 -15.91 -2.70 -4.63
N ALA A 25 -15.14 -1.76 -5.17
CA ALA A 25 -15.16 -1.49 -6.60
C ALA A 25 -14.76 -2.76 -7.35
N LYS A 26 -13.78 -3.46 -6.79
CA LYS A 26 -13.29 -4.68 -7.40
C LYS A 26 -14.39 -5.75 -7.35
N ASN A 27 -15.35 -5.52 -6.46
CA ASN A 27 -16.46 -6.43 -6.31
C ASN A 27 -17.75 -5.79 -6.83
N CYS A 28 -17.56 -4.75 -7.63
CA CYS A 28 -18.69 -4.03 -8.20
C CYS A 28 -19.22 -4.84 -9.39
N ARG A 29 -20.42 -5.37 -9.22
CA ARG A 29 -21.05 -6.15 -10.26
C ARG A 29 -21.79 -5.25 -11.25
N ALA A 30 -21.77 -3.95 -10.93
CA ALA A 30 -22.43 -2.98 -11.77
C ALA A 30 -22.22 -3.34 -13.24
N PRO A 31 -23.26 -3.98 -13.84
CA PRO A 31 -23.19 -4.39 -15.23
C PRO A 31 -23.36 -3.18 -16.16
N ARG A 32 -22.33 -2.34 -16.18
CA ARG A 32 -22.34 -1.15 -17.02
C ARG A 32 -21.02 -1.03 -17.77
N LYS A 33 -19.93 -1.22 -17.04
CA LYS A 33 -18.61 -1.13 -17.63
C LYS A 33 -17.58 -1.69 -16.65
N LYS A 34 -16.36 -1.87 -17.15
CA LYS A 34 -15.29 -2.39 -16.33
C LYS A 34 -13.96 -2.24 -17.08
N GLY A 35 -13.79 -3.07 -18.10
CA GLY A 35 -12.58 -3.03 -18.90
C GLY A 35 -12.86 -3.44 -20.35
N CYS A 36 -11.80 -3.50 -21.14
CA CYS A 36 -11.92 -3.86 -22.54
C CYS A 36 -11.79 -5.38 -22.64
N TRP A 37 -12.88 -6.01 -23.06
CA TRP A 37 -12.89 -7.46 -23.21
C TRP A 37 -12.48 -7.79 -24.64
N LYS A 38 -11.92 -6.78 -25.31
CA LYS A 38 -11.49 -6.95 -26.68
C LYS A 38 -9.96 -7.06 -26.72
N CYS A 39 -9.32 -6.18 -25.96
CA CYS A 39 -7.88 -6.16 -25.89
C CYS A 39 -7.44 -6.69 -24.52
N GLY A 40 -8.38 -6.62 -23.58
CA GLY A 40 -8.11 -7.09 -22.23
C GLY A 40 -7.57 -5.96 -21.35
N LYS A 41 -7.54 -4.77 -21.94
CA LYS A 41 -7.06 -3.60 -21.22
C LYS A 41 -8.13 -3.12 -20.24
N GLU A 42 -7.96 -3.51 -18.98
CA GLU A 42 -8.90 -3.12 -17.95
C GLU A 42 -8.69 -1.65 -17.55
N GLY A 43 -9.36 -0.77 -18.28
CA GLY A 43 -9.26 0.65 -18.02
C GLY A 43 -9.92 1.46 -19.13
N HIS A 44 -9.80 0.95 -20.35
CA HIS A 44 -10.38 1.61 -21.50
C HIS A 44 -11.50 0.75 -22.09
N GLN A 45 -12.36 1.38 -22.87
CA GLN A 45 -13.46 0.69 -23.49
C GLN A 45 -13.36 0.77 -25.02
N MET A 46 -14.38 0.24 -25.68
CA MET A 46 -14.41 0.25 -27.13
C MET A 46 -14.27 1.67 -27.68
N LYS A 47 -14.92 2.61 -26.99
CA LYS A 47 -14.87 4.00 -27.40
C LYS A 47 -13.44 4.51 -27.27
N ASP A 48 -12.71 3.90 -26.35
CA ASP A 48 -11.32 4.29 -26.11
C ASP A 48 -10.40 3.15 -26.55
N CYS A 49 -10.95 2.26 -27.36
CA CYS A 49 -10.20 1.12 -27.85
C CYS A 49 -9.55 1.53 -29.18
N THR A 50 -8.23 1.66 -29.13
CA THR A 50 -7.47 2.04 -30.32
C THR A 50 -7.46 0.90 -31.33
N GLU A 51 -8.00 -0.23 -30.90
CA GLU A 51 -8.04 -1.41 -31.76
C GLU A 51 -9.49 -1.87 -31.93
N ARG A 52 -10.40 -0.90 -31.93
CA ARG A 52 -11.81 -1.19 -32.09
C ARG A 52 -12.61 0.11 -32.20
N GLN A 53 -13.45 0.16 -33.23
CA GLN A 53 -14.28 1.33 -33.46
C GLN A 53 -15.28 1.06 -34.59
N ALA A 54 -16.15 0.10 -34.35
CA ALA A 54 -17.16 -0.27 -35.33
C ALA A 54 -18.08 -1.32 -34.74
N ASN A 55 -19.12 -1.65 -35.50
CA ASN A 55 -20.08 -2.64 -35.06
C ASN A 55 -20.72 -2.19 -33.74
ZN ZN B . -20.44 -1.12 -6.93
ZN ZN C . -9.57 -2.21 -26.29
#